data_3BB1
#
_entry.id   3BB1
#
_cell.length_a   178.776
_cell.length_b   180.061
_cell.length_c   90.948
_cell.angle_alpha   90.00
_cell.angle_beta   90.00
_cell.angle_gamma   90.00
#
_symmetry.space_group_name_H-M   'P 21 21 2'
#
loop_
_entity.id
_entity.type
_entity.pdbx_description
1 polymer 'Translocase of chloroplast 34'
2 non-polymer 'MAGNESIUM ION'
3 non-polymer 'PHOSPHOAMINOPHOSPHONIC ACID-GUANYLATE ESTER'
4 non-polymer 'TRIETHYLENE GLYCOL'
5 non-polymer GLYCEROL
6 water water
#
_entity_poly.entity_id   1
_entity_poly.type   'polypeptide(L)'
_entity_poly.pdbx_seq_one_letter_code
;MASQQQTVRGWSGINTFAPATQTKLLELLGNLKQEDVNSLTILVMGKGGVGKSSTVNSIIGERVVSISPFQSEGPRPVMV
SRSRAGFTLNIIDTPGLIEGGYINDMALNIIKSFLLDKTIDVLLYVDRLDAYRVDNLDKLVAKAITDSFGKGIWNKAIVA
LTHAQFSPPDGLPYDEFFSKRSEALLQVVRSGASLKKDAQASDIPVVLIENSGRCNKNDSDEKVLPNGIAWIPHLVQTIT
EVALNKSESIFVDKNLIDGPNPNQRGLEHHHHHH
;
_entity_poly.pdbx_strand_id   A,B,C,D,E,F,G,H
#
loop_
_chem_comp.id
_chem_comp.type
_chem_comp.name
_chem_comp.formula
GNP non-polymer 'PHOSPHOAMINOPHOSPHONIC ACID-GUANYLATE ESTER' 'C10 H17 N6 O13 P3'
GOL non-polymer GLYCEROL 'C3 H8 O3'
MG non-polymer 'MAGNESIUM ION' 'Mg 2'
PGE non-polymer 'TRIETHYLENE GLYCOL' 'C6 H14 O4'
#
# COMPACT_ATOMS: atom_id res chain seq x y z
N ALA A 2 61.95 -35.36 16.28
CA ALA A 2 62.44 -34.97 17.62
C ALA A 2 61.29 -34.27 18.27
N SER A 3 61.46 -33.90 19.52
CA SER A 3 60.34 -33.39 20.32
C SER A 3 60.81 -32.41 21.37
N GLN A 4 60.08 -31.31 21.55
CA GLN A 4 60.34 -30.38 22.66
C GLN A 4 59.13 -30.19 23.58
N GLN A 5 59.41 -29.58 24.71
CA GLN A 5 58.41 -29.23 25.68
C GLN A 5 58.31 -27.74 25.50
N GLN A 6 57.37 -27.37 24.66
CA GLN A 6 57.03 -25.98 24.37
C GLN A 6 56.27 -25.46 25.60
N THR A 7 56.40 -24.20 25.92
CA THR A 7 55.50 -23.68 26.92
C THR A 7 54.61 -22.56 26.36
N VAL A 8 53.36 -22.55 26.80
CA VAL A 8 52.32 -21.76 26.17
C VAL A 8 51.31 -21.37 27.18
N ARG A 9 50.61 -20.30 26.92
CA ARG A 9 49.65 -19.81 27.89
C ARG A 9 48.43 -20.68 28.07
N GLY A 10 47.84 -21.14 27.00
CA GLY A 10 46.48 -20.75 26.85
C GLY A 10 45.25 -21.53 27.14
N TRP A 11 44.23 -20.75 27.39
CA TRP A 11 42.85 -21.07 27.05
C TRP A 11 42.23 -22.31 27.61
N SER A 12 42.09 -22.42 28.92
CA SER A 12 41.22 -23.50 29.46
C SER A 12 39.75 -23.02 29.44
N GLY A 13 39.57 -21.71 29.36
CA GLY A 13 38.25 -21.12 29.31
C GLY A 13 37.36 -21.64 28.21
N ILE A 14 37.93 -21.88 27.02
CA ILE A 14 37.12 -22.32 25.85
C ILE A 14 36.41 -23.63 26.10
N ASN A 15 37.07 -24.51 26.84
CA ASN A 15 36.53 -25.81 27.10
C ASN A 15 35.22 -25.76 27.86
N THR A 16 35.01 -24.68 28.60
CA THR A 16 33.77 -24.42 29.30
C THR A 16 32.61 -23.88 28.44
N PHE A 17 32.77 -23.70 27.14
CA PHE A 17 31.64 -23.25 26.33
C PHE A 17 30.89 -24.47 25.94
N ALA A 18 29.66 -24.26 25.46
CA ALA A 18 28.93 -25.35 24.80
C ALA A 18 29.78 -25.93 23.61
N PRO A 19 29.78 -27.24 23.43
CA PRO A 19 30.49 -27.81 22.30
C PRO A 19 30.25 -27.08 20.96
N ALA A 20 28.99 -26.78 20.68
CA ALA A 20 28.64 -26.26 19.36
C ALA A 20 29.32 -24.92 19.19
N THR A 21 29.48 -24.20 20.30
CA THR A 21 30.12 -22.89 20.32
C THR A 21 31.64 -23.02 20.17
N GLN A 22 32.30 -23.89 20.94
CA GLN A 22 33.75 -24.08 20.78
C GLN A 22 34.08 -24.36 19.36
N THR A 23 33.30 -25.24 18.74
CA THR A 23 33.56 -25.59 17.36
C THR A 23 33.61 -24.30 16.55
N LYS A 24 32.61 -23.44 16.65
CA LYS A 24 32.65 -22.25 15.83
C LYS A 24 33.88 -21.45 16.16
N LEU A 25 34.17 -21.30 17.43
CA LEU A 25 35.30 -20.48 17.81
C LEU A 25 36.61 -21.06 17.29
N LEU A 26 36.81 -22.36 17.45
CA LEU A 26 38.02 -22.98 16.92
C LEU A 26 38.10 -22.65 15.42
N GLU A 27 36.99 -22.69 14.71
CA GLU A 27 36.97 -22.38 13.27
C GLU A 27 37.43 -20.96 12.98
N LEU A 28 36.95 -20.03 13.78
CA LEU A 28 37.25 -18.63 13.55
C LEU A 28 38.72 -18.38 13.79
N LEU A 29 39.27 -19.00 14.82
CA LEU A 29 40.69 -18.84 15.09
C LEU A 29 41.55 -19.36 13.92
N GLY A 30 41.06 -20.33 13.18
CA GLY A 30 41.78 -20.81 12.02
C GLY A 30 41.71 -19.74 10.95
N ASN A 31 40.49 -19.30 10.63
CA ASN A 31 40.27 -18.15 9.79
C ASN A 31 41.35 -17.07 10.05
N LEU A 32 41.55 -16.72 11.30
CA LEU A 32 42.56 -15.71 11.64
C LEU A 32 43.96 -16.20 11.29
N LYS A 33 44.36 -17.35 11.85
CA LYS A 33 45.68 -17.90 11.56
C LYS A 33 45.85 -17.98 10.07
N GLN A 34 44.74 -18.24 9.39
CA GLN A 34 44.82 -18.50 7.97
C GLN A 34 45.28 -17.27 7.20
N GLU A 35 44.89 -16.09 7.65
CA GLU A 35 45.32 -14.84 7.01
C GLU A 35 46.56 -14.26 7.71
N ASP A 36 47.36 -15.13 8.32
CA ASP A 36 48.50 -14.70 9.14
C ASP A 36 48.20 -13.74 10.28
N VAL A 37 47.01 -13.79 10.85
CA VAL A 37 46.72 -13.05 12.06
C VAL A 37 46.94 -13.97 13.26
N ASN A 38 48.12 -13.81 13.86
CA ASN A 38 48.65 -14.66 14.93
C ASN A 38 48.39 -14.20 16.36
N SER A 39 47.90 -12.98 16.50
CA SER A 39 47.42 -12.48 17.75
C SER A 39 46.42 -11.37 17.50
N LEU A 40 45.54 -11.16 18.45
CA LEU A 40 44.64 -9.99 18.45
C LEU A 40 44.75 -9.35 19.81
N THR A 41 44.84 -8.03 19.85
CA THR A 41 44.62 -7.28 21.09
C THR A 41 43.27 -6.61 20.97
N ILE A 42 42.37 -6.88 21.90
CA ILE A 42 41.07 -6.23 21.98
C ILE A 42 40.99 -5.29 23.17
N LEU A 43 40.74 -4.00 22.91
CA LEU A 43 40.67 -2.98 23.96
C LEU A 43 39.20 -2.78 24.27
N VAL A 44 38.83 -2.84 25.55
CA VAL A 44 37.41 -2.79 25.93
C VAL A 44 37.17 -1.54 26.73
N MET A 45 36.38 -0.64 26.16
CA MET A 45 36.14 0.67 26.76
C MET A 45 34.65 0.92 26.82
N GLY A 46 34.25 1.75 27.80
CA GLY A 46 32.92 2.29 27.96
C GLY A 46 32.67 3.15 29.19
N LYS A 47 31.44 3.64 29.29
CA LYS A 47 30.94 4.22 30.52
C LYS A 47 31.05 3.18 31.64
N GLY A 48 30.95 3.64 32.86
CA GLY A 48 31.13 2.73 33.95
C GLY A 48 29.84 1.97 34.19
N GLY A 49 29.95 0.78 34.74
CA GLY A 49 28.76 0.00 35.10
C GLY A 49 27.97 -0.56 33.94
N VAL A 50 28.58 -0.70 32.78
CA VAL A 50 27.88 -1.26 31.62
C VAL A 50 28.15 -2.73 31.32
N GLY A 51 29.08 -3.37 32.07
CA GLY A 51 29.48 -4.77 31.78
C GLY A 51 30.75 -5.02 30.96
N LYS A 52 31.64 -4.02 30.88
CA LYS A 52 32.99 -4.23 30.35
C LYS A 52 33.63 -5.51 30.97
N SER A 53 33.68 -5.61 32.29
CA SER A 53 34.39 -6.68 32.94
C SER A 53 33.72 -8.05 32.72
N SER A 54 32.40 -8.04 32.77
CA SER A 54 31.55 -9.21 32.62
C SER A 54 31.70 -9.84 31.25
N THR A 55 31.68 -8.99 30.22
CA THR A 55 32.01 -9.34 28.83
C THR A 55 33.41 -9.92 28.71
N VAL A 56 34.43 -9.30 29.30
CA VAL A 56 35.77 -9.87 29.17
C VAL A 56 35.71 -11.27 29.78
N ASN A 57 35.16 -11.39 30.98
CA ASN A 57 34.96 -12.71 31.60
C ASN A 57 34.18 -13.70 30.71
N SER A 58 33.25 -13.20 29.93
CA SER A 58 32.44 -14.09 29.10
C SER A 58 33.25 -14.58 27.94
N ILE A 59 33.98 -13.69 27.26
CA ILE A 59 34.76 -14.04 26.07
C ILE A 59 35.88 -15.05 26.43
N ILE A 60 36.64 -14.72 27.45
CA ILE A 60 37.66 -15.59 27.95
C ILE A 60 37.07 -16.85 28.59
N GLY A 61 35.81 -16.79 29.04
CA GLY A 61 35.18 -17.97 29.62
C GLY A 61 35.83 -18.39 30.94
N GLU A 62 36.30 -17.41 31.72
CA GLU A 62 36.88 -17.59 33.07
C GLU A 62 36.70 -16.28 33.83
N ARG A 63 36.51 -16.32 35.15
CA ARG A 63 36.49 -15.07 35.94
C ARG A 63 37.89 -14.66 36.03
N VAL A 64 38.29 -13.69 35.21
CA VAL A 64 39.63 -13.14 35.28
C VAL A 64 39.58 -11.68 35.67
N VAL A 65 38.44 -11.02 35.51
CA VAL A 65 38.32 -9.62 35.92
C VAL A 65 37.14 -9.49 36.84
N SER A 66 37.23 -8.53 37.76
CA SER A 66 36.25 -8.43 38.82
C SER A 66 34.99 -7.69 38.40
N ILE A 67 33.93 -7.97 39.15
CA ILE A 67 32.60 -7.54 38.80
C ILE A 67 32.12 -6.55 39.84
N SER A 68 31.27 -5.62 39.40
CA SER A 68 30.93 -4.47 40.23
C SER A 68 29.49 -3.96 40.12
N PRO A 69 28.60 -4.56 40.92
CA PRO A 69 27.16 -4.31 40.89
C PRO A 69 26.76 -3.02 41.60
N PHE A 70 27.70 -2.38 42.26
CA PHE A 70 27.44 -1.19 43.07
C PHE A 70 28.51 -0.14 42.92
N GLN A 71 29.68 -0.56 42.48
CA GLN A 71 30.82 -0.16 43.24
C GLN A 71 31.97 0.58 42.59
N SER A 72 32.17 0.43 41.28
CA SER A 72 33.47 0.73 40.57
C SER A 72 34.32 -0.55 40.42
N GLU A 73 35.07 -1.01 41.42
CA GLU A 73 35.97 -0.23 42.22
C GLU A 73 37.16 0.17 41.31
N GLY A 74 37.66 -0.83 40.58
CA GLY A 74 39.07 -0.94 40.14
C GLY A 74 39.54 -0.07 38.99
N PRO A 75 40.32 0.97 39.31
CA PRO A 75 40.75 2.07 38.45
C PRO A 75 41.92 1.83 37.47
N ARG A 76 42.54 0.64 37.47
CA ARG A 76 43.57 0.33 36.45
C ARG A 76 43.18 -0.79 35.49
N PRO A 77 43.68 -0.73 34.25
CA PRO A 77 43.45 -1.75 33.26
C PRO A 77 43.97 -3.10 33.68
N VAL A 78 43.22 -4.13 33.36
CA VAL A 78 43.72 -5.47 33.46
C VAL A 78 43.79 -5.95 32.05
N MET A 79 44.94 -6.48 31.64
CA MET A 79 45.01 -7.27 30.39
C MET A 79 44.91 -8.80 30.73
N VAL A 80 44.11 -9.53 29.96
CA VAL A 80 44.04 -10.98 30.06
C VAL A 80 44.57 -11.49 28.74
N SER A 81 45.38 -12.55 28.77
CA SER A 81 46.03 -13.04 27.58
C SER A 81 46.03 -14.55 27.57
N ARG A 82 45.63 -15.13 26.45
CA ARG A 82 45.44 -16.57 26.39
C ARG A 82 45.85 -17.07 25.02
N SER A 83 46.09 -18.37 24.90
CA SER A 83 46.45 -18.90 23.62
C SER A 83 45.83 -20.24 23.28
N ARG A 84 45.86 -20.53 21.99
CA ARG A 84 45.42 -21.81 21.43
C ARG A 84 46.06 -21.98 20.04
N ALA A 85 46.58 -23.16 19.79
CA ALA A 85 47.01 -23.52 18.45
C ALA A 85 47.73 -22.40 17.69
N GLY A 86 48.65 -21.71 18.38
CA GLY A 86 49.50 -20.69 17.75
C GLY A 86 48.95 -19.28 17.83
N PHE A 87 47.64 -19.16 18.08
CA PHE A 87 46.99 -17.86 18.24
C PHE A 87 46.93 -17.37 19.68
N THR A 88 47.32 -16.09 19.87
CA THR A 88 47.24 -15.40 21.16
C THR A 88 46.13 -14.34 21.16
N LEU A 89 45.19 -14.49 22.10
CA LEU A 89 44.19 -13.46 22.35
C LEU A 89 44.63 -12.63 23.54
N ASN A 90 44.74 -11.31 23.36
CA ASN A 90 44.88 -10.37 24.48
C ASN A 90 43.67 -9.49 24.51
N ILE A 91 43.06 -9.39 25.69
CA ILE A 91 41.92 -8.53 25.85
C ILE A 91 42.16 -7.58 27.06
N ILE A 92 42.07 -6.27 26.84
CA ILE A 92 42.28 -5.25 27.87
C ILE A 92 40.95 -4.72 28.45
N ASP A 93 40.68 -5.03 29.71
CA ASP A 93 39.51 -4.52 30.40
C ASP A 93 39.97 -3.15 30.86
N THR A 94 39.06 -2.20 31.00
CA THR A 94 39.40 -0.80 31.38
C THR A 94 38.31 -0.22 32.29
N PRO A 95 38.67 0.79 33.09
CA PRO A 95 37.68 1.45 33.93
C PRO A 95 36.72 2.38 33.16
N GLY A 96 35.47 2.45 33.58
CA GLY A 96 34.52 3.33 32.93
C GLY A 96 35.09 4.74 32.81
N LEU A 97 35.04 5.32 31.61
CA LEU A 97 35.59 6.63 31.37
C LEU A 97 34.75 7.82 31.90
N ILE A 98 33.47 7.61 32.16
CA ILE A 98 32.63 8.68 32.66
C ILE A 98 32.46 8.53 34.17
N GLU A 99 32.81 9.58 34.94
CA GLU A 99 32.32 9.76 36.32
C GLU A 99 31.63 11.02 36.83
N GLY A 100 30.46 10.81 37.43
CA GLY A 100 29.52 11.88 37.68
C GLY A 100 29.10 12.43 36.33
N GLY A 101 29.24 13.74 36.19
CA GLY A 101 28.92 14.40 34.95
C GLY A 101 30.01 14.34 33.89
N TYR A 102 31.23 14.02 34.25
CA TYR A 102 32.40 14.38 33.41
C TYR A 102 33.25 13.18 33.10
N ILE A 103 34.10 13.30 32.07
CA ILE A 103 35.12 12.27 31.78
C ILE A 103 36.10 12.20 32.91
N ASN A 104 36.64 11.02 33.12
CA ASN A 104 37.60 10.83 34.15
C ASN A 104 38.97 10.79 33.52
N ASP A 105 39.72 11.89 33.52
CA ASP A 105 41.02 11.80 32.84
C ASP A 105 42.13 11.06 33.58
N MET A 106 42.01 10.87 34.89
CA MET A 106 42.89 9.95 35.60
C MET A 106 42.68 8.55 35.06
N ALA A 107 41.45 8.07 35.13
CA ALA A 107 41.09 6.83 34.47
C ALA A 107 41.65 6.86 33.05
N LEU A 108 41.21 7.81 32.24
CA LEU A 108 41.64 7.87 30.84
C LEU A 108 43.16 7.84 30.67
N ASN A 109 43.86 8.64 31.43
CA ASN A 109 45.29 8.79 31.23
C ASN A 109 46.12 7.55 31.47
N ILE A 110 45.67 6.71 32.39
CA ILE A 110 46.34 5.45 32.66
C ILE A 110 46.01 4.44 31.57
N ILE A 111 44.78 4.46 31.08
CA ILE A 111 44.46 3.67 29.89
C ILE A 111 45.48 4.03 28.80
N LYS A 112 45.65 5.32 28.52
CA LYS A 112 46.53 5.79 27.46
C LYS A 112 47.96 5.38 27.74
N SER A 113 48.44 5.66 28.92
CA SER A 113 49.80 5.26 29.25
C SER A 113 49.97 3.75 29.09
N PHE A 114 49.02 2.99 29.62
CA PHE A 114 49.09 1.54 29.60
C PHE A 114 49.16 0.91 28.22
N LEU A 115 48.68 1.64 27.21
CA LEU A 115 48.56 1.10 25.83
C LEU A 115 49.78 1.43 24.96
N LEU A 116 50.74 2.18 25.51
CA LEU A 116 51.91 2.66 24.75
C LEU A 116 52.66 1.46 24.22
N ASP A 117 52.96 1.49 22.94
CA ASP A 117 53.68 0.40 22.27
C ASP A 117 52.90 -0.89 22.01
N LYS A 118 51.68 -0.97 22.56
CA LYS A 118 50.73 -2.04 22.22
C LYS A 118 50.06 -1.55 20.97
N THR A 119 49.44 -2.49 20.26
CA THR A 119 48.62 -2.22 19.10
C THR A 119 47.16 -2.67 19.31
N ILE A 120 46.22 -1.80 18.98
CA ILE A 120 44.80 -2.08 19.12
C ILE A 120 44.26 -2.64 17.82
N ASP A 121 43.80 -3.89 17.87
CA ASP A 121 43.30 -4.56 16.70
C ASP A 121 41.79 -4.41 16.60
N VAL A 122 41.15 -4.38 17.77
CA VAL A 122 39.74 -4.15 17.88
C VAL A 122 39.43 -3.38 19.18
N LEU A 123 38.48 -2.45 19.05
CA LEU A 123 37.92 -1.71 20.15
C LEU A 123 36.50 -2.19 20.42
N LEU A 124 36.28 -2.71 21.60
CA LEU A 124 34.94 -3.16 21.98
C LEU A 124 34.26 -2.09 22.87
N TYR A 125 33.60 -1.13 22.24
CA TYR A 125 32.84 -0.11 22.94
C TYR A 125 31.63 -0.73 23.61
N VAL A 126 31.53 -0.65 24.92
CA VAL A 126 30.49 -1.37 25.65
C VAL A 126 29.44 -0.44 26.30
N ASP A 127 28.17 -0.84 26.19
CA ASP A 127 27.07 -0.08 26.72
C ASP A 127 25.93 -1.04 27.05
N ARG A 128 24.87 -0.52 27.69
CA ARG A 128 23.68 -1.30 27.98
C ARG A 128 22.64 -1.21 26.90
N LEU A 129 21.88 -2.28 26.74
CA LEU A 129 20.86 -2.31 25.69
C LEU A 129 19.68 -1.55 26.23
N ASP A 130 19.37 -1.87 27.48
CA ASP A 130 18.24 -1.32 28.22
C ASP A 130 18.55 -0.03 28.93
N ALA A 131 18.97 0.95 28.13
CA ALA A 131 19.08 2.34 28.53
C ALA A 131 18.16 3.00 27.53
N TYR A 132 17.46 4.04 27.94
CA TYR A 132 16.41 4.65 27.09
C TYR A 132 16.80 6.00 26.49
N ARG A 133 18.02 6.44 26.75
CA ARG A 133 18.36 7.85 26.62
C ARG A 133 19.79 7.93 26.16
N VAL A 134 20.13 8.95 25.43
CA VAL A 134 21.45 9.14 24.92
C VAL A 134 21.70 10.60 24.87
N ASP A 135 22.81 11.00 25.47
CA ASP A 135 23.10 12.38 25.66
C ASP A 135 24.59 12.63 25.44
N ASN A 136 25.04 13.79 25.88
CA ASN A 136 26.37 14.22 25.63
C ASN A 136 27.41 13.43 26.40
N LEU A 137 26.99 12.80 27.50
CA LEU A 137 27.94 11.97 28.29
C LEU A 137 28.47 10.86 27.43
N ASP A 138 27.61 10.34 26.56
CA ASP A 138 27.96 9.28 25.61
C ASP A 138 28.89 9.82 24.58
N LYS A 139 28.53 10.99 24.07
CA LYS A 139 29.30 11.73 23.08
C LYS A 139 30.68 12.15 23.59
N LEU A 140 30.74 12.65 24.84
CA LEU A 140 32.01 12.84 25.52
C LEU A 140 32.87 11.59 25.52
N VAL A 141 32.26 10.42 25.66
CA VAL A 141 33.02 9.18 25.65
C VAL A 141 33.59 8.92 24.27
N ALA A 142 32.78 9.08 23.24
CA ALA A 142 33.26 8.90 21.87
C ALA A 142 34.41 9.87 21.60
N LYS A 143 34.26 11.09 22.07
CA LYS A 143 35.22 12.13 21.75
C LYS A 143 36.49 11.77 22.44
N ALA A 144 36.40 11.36 23.71
CA ALA A 144 37.61 11.01 24.47
C ALA A 144 38.36 9.86 23.79
N ILE A 145 37.64 8.90 23.22
CA ILE A 145 38.34 7.83 22.53
C ILE A 145 39.03 8.34 21.27
N THR A 146 38.33 9.17 20.49
CA THR A 146 38.89 9.70 19.23
C THR A 146 40.12 10.52 19.54
N ASP A 147 39.96 11.46 20.45
CA ASP A 147 41.08 12.26 20.91
C ASP A 147 42.29 11.40 21.26
N SER A 148 42.04 10.32 21.95
CA SER A 148 43.12 9.53 22.49
C SER A 148 43.80 8.69 21.42
N PHE A 149 43.03 8.19 20.45
CA PHE A 149 43.55 7.24 19.48
C PHE A 149 43.40 7.54 17.97
N GLY A 150 42.58 8.51 17.59
CA GLY A 150 42.45 8.87 16.18
C GLY A 150 41.06 8.51 15.67
N LYS A 151 40.61 9.10 14.55
CA LYS A 151 39.35 8.69 13.92
C LYS A 151 39.47 7.26 13.37
N GLY A 152 40.71 6.77 13.27
CA GLY A 152 41.00 5.46 12.73
C GLY A 152 40.59 4.32 13.64
N ILE A 153 40.58 4.54 14.93
CA ILE A 153 40.20 3.46 15.83
C ILE A 153 38.78 2.95 15.45
N TRP A 154 37.93 3.84 14.92
CA TRP A 154 36.53 3.51 14.66
C TRP A 154 36.35 2.56 13.48
N ASN A 155 37.37 2.49 12.63
CA ASN A 155 37.44 1.46 11.60
C ASN A 155 37.67 0.07 12.24
N LYS A 156 38.05 0.02 13.52
CA LYS A 156 38.14 -1.23 14.25
C LYS A 156 37.13 -1.33 15.40
N ALA A 157 36.17 -0.41 15.46
CA ALA A 157 35.12 -0.44 16.47
C ALA A 157 34.10 -1.52 16.23
N ILE A 158 33.72 -2.18 17.32
CA ILE A 158 32.44 -2.88 17.48
C ILE A 158 31.70 -2.29 18.71
N VAL A 159 30.45 -1.87 18.53
CA VAL A 159 29.60 -1.50 19.68
C VAL A 159 28.84 -2.73 20.20
N ALA A 160 28.85 -2.96 21.52
CA ALA A 160 28.35 -4.23 22.10
C ALA A 160 27.35 -3.92 23.23
N LEU A 161 26.06 -4.12 23.02
CA LEU A 161 25.08 -3.73 24.01
C LEU A 161 24.84 -4.94 24.92
N THR A 162 24.95 -4.75 26.23
CA THR A 162 24.79 -5.83 27.15
C THR A 162 23.37 -5.89 27.70
N HIS A 163 23.14 -6.78 28.66
CA HIS A 163 21.80 -7.17 29.08
C HIS A 163 20.80 -7.41 27.94
N ALA A 164 21.28 -8.11 26.90
CA ALA A 164 20.50 -8.45 25.74
C ALA A 164 19.26 -9.25 26.08
N GLN A 165 19.21 -9.99 27.18
CA GLN A 165 17.97 -10.71 27.49
C GLN A 165 16.92 -9.76 28.12
N PHE A 166 16.18 -9.09 27.25
CA PHE A 166 15.42 -7.92 27.61
C PHE A 166 14.13 -8.00 26.81
N SER A 167 13.00 -7.90 27.49
CA SER A 167 11.73 -7.75 26.85
C SER A 167 11.36 -6.26 26.80
N PRO A 168 11.47 -5.61 25.63
CA PRO A 168 11.19 -4.18 25.59
C PRO A 168 9.79 -3.79 26.03
N PRO A 169 9.65 -2.62 26.63
CA PRO A 169 8.37 -2.20 27.19
C PRO A 169 7.33 -1.84 26.15
N ASP A 170 6.07 -1.87 26.57
CA ASP A 170 4.98 -1.48 25.72
C ASP A 170 4.84 -2.30 24.44
N GLY A 171 5.34 -3.52 24.51
CA GLY A 171 5.13 -4.50 23.46
C GLY A 171 5.94 -4.24 22.22
N LEU A 172 6.88 -3.27 22.31
CA LEU A 172 7.69 -2.92 21.17
C LEU A 172 8.57 -4.13 20.86
N PRO A 173 8.58 -4.56 19.60
CA PRO A 173 9.25 -5.83 19.38
C PRO A 173 10.77 -5.74 19.51
N TYR A 174 11.39 -6.80 20.00
CA TYR A 174 12.82 -6.79 20.36
C TYR A 174 13.73 -6.16 19.29
N ASP A 175 13.49 -6.49 18.03
CA ASP A 175 14.37 -6.04 16.95
C ASP A 175 14.17 -4.59 16.71
N GLU A 176 12.95 -4.14 16.88
CA GLU A 176 12.62 -2.76 16.64
C GLU A 176 13.28 -1.87 17.70
N PHE A 177 13.22 -2.32 18.95
CA PHE A 177 13.96 -1.68 20.04
C PHE A 177 15.44 -1.69 19.77
N PHE A 178 15.96 -2.79 19.25
CA PHE A 178 17.40 -2.96 19.15
C PHE A 178 17.86 -1.97 18.14
N SER A 179 17.06 -1.84 17.10
CA SER A 179 17.39 -0.98 16.01
C SER A 179 17.37 0.48 16.41
N LYS A 180 16.34 0.96 17.09
CA LYS A 180 16.32 2.37 17.51
C LYS A 180 17.48 2.64 18.49
N ARG A 181 17.63 1.83 19.55
CA ARG A 181 18.83 1.95 20.44
C ARG A 181 20.17 2.04 19.69
N SER A 182 20.38 1.15 18.73
CA SER A 182 21.60 1.17 17.88
C SER A 182 21.72 2.47 17.10
N GLU A 183 20.67 2.81 16.38
CA GLU A 183 20.66 4.04 15.55
C GLU A 183 20.99 5.27 16.40
N ALA A 184 20.29 5.41 17.52
CA ALA A 184 20.52 6.50 18.47
C ALA A 184 21.94 6.59 19.02
N LEU A 185 22.61 5.47 19.20
CA LEU A 185 23.94 5.43 19.87
C LEU A 185 25.08 5.60 18.84
N LEU A 186 24.88 5.02 17.66
CA LEU A 186 25.83 5.18 16.58
C LEU A 186 25.83 6.62 16.11
N GLN A 187 24.65 7.26 16.14
CA GLN A 187 24.51 8.69 15.85
C GLN A 187 25.50 9.46 16.72
N VAL A 188 25.35 9.28 18.02
CA VAL A 188 26.02 10.07 19.02
C VAL A 188 27.48 9.71 19.17
N VAL A 189 27.84 8.43 18.98
CA VAL A 189 29.25 8.08 18.87
C VAL A 189 29.85 8.83 17.68
N ARG A 190 29.16 8.84 16.57
CA ARG A 190 29.70 9.44 15.35
C ARG A 190 29.87 10.91 15.54
N SER A 191 28.93 11.50 16.26
CA SER A 191 28.93 12.93 16.53
C SER A 191 30.17 13.28 17.36
N GLY A 192 30.26 12.72 18.56
CA GLY A 192 31.43 12.90 19.42
C GLY A 192 32.70 12.43 18.77
N ALA A 193 32.61 11.38 17.99
CA ALA A 193 33.76 10.86 17.24
C ALA A 193 34.16 11.78 16.11
N SER A 194 33.27 12.71 15.75
CA SER A 194 33.49 13.60 14.60
C SER A 194 33.70 12.83 13.28
N LEU A 195 32.89 11.81 13.05
CA LEU A 195 32.92 11.03 11.82
C LEU A 195 31.82 11.53 10.88
N LYS A 196 30.72 10.79 10.74
CA LYS A 196 29.83 11.10 9.62
C LYS A 196 28.26 10.92 9.94
N SER A 202 30.17 0.41 7.67
CA SER A 202 30.31 1.73 8.28
C SER A 202 31.63 1.91 9.08
N ASP A 203 32.10 0.89 9.85
CA ASP A 203 31.39 -0.40 10.02
C ASP A 203 29.94 -0.12 10.49
N ILE A 204 29.69 0.41 11.68
CA ILE A 204 30.35 0.00 12.90
C ILE A 204 29.40 -1.11 13.31
N PRO A 205 29.89 -2.32 13.46
CA PRO A 205 28.91 -3.30 13.80
C PRO A 205 28.37 -3.16 15.21
N VAL A 206 27.12 -3.53 15.40
CA VAL A 206 26.52 -3.61 16.72
C VAL A 206 26.12 -5.05 17.01
N VAL A 207 26.55 -5.54 18.15
CA VAL A 207 26.33 -6.92 18.55
C VAL A 207 25.69 -6.94 19.93
N LEU A 208 24.94 -7.95 20.28
CA LEU A 208 24.30 -7.92 21.57
C LEU A 208 25.02 -8.91 22.47
N ILE A 209 24.85 -8.72 23.77
CA ILE A 209 25.58 -9.51 24.77
C ILE A 209 24.65 -9.74 25.94
N GLU A 210 24.62 -10.95 26.44
CA GLU A 210 23.92 -11.21 27.68
C GLU A 210 24.83 -12.05 28.54
N ASN A 211 25.42 -11.42 29.53
CA ASN A 211 26.40 -12.14 30.32
C ASN A 211 25.84 -13.05 31.37
N SER A 212 24.54 -13.06 31.59
CA SER A 212 23.97 -13.74 32.76
C SER A 212 24.06 -15.25 32.68
N GLY A 213 24.30 -15.86 33.85
CA GLY A 213 24.17 -17.31 33.99
C GLY A 213 22.86 -17.79 33.41
N ARG A 214 21.79 -17.06 33.71
CA ARG A 214 20.42 -17.47 33.42
C ARG A 214 19.98 -17.07 32.00
N CYS A 215 20.95 -16.82 31.13
CA CYS A 215 20.67 -16.59 29.73
C CYS A 215 19.98 -17.80 29.12
N ASN A 216 19.10 -17.57 28.16
CA ASN A 216 18.44 -18.66 27.44
C ASN A 216 19.43 -19.41 26.53
N LYS A 217 19.14 -20.67 26.25
CA LYS A 217 20.02 -21.50 25.46
C LYS A 217 19.25 -22.10 24.30
N ASN A 218 19.87 -22.22 23.14
CA ASN A 218 19.29 -23.01 22.05
C ASN A 218 19.41 -24.52 22.35
N ASP A 219 18.99 -25.37 21.41
CA ASP A 219 19.02 -26.81 21.65
C ASP A 219 20.43 -27.35 21.76
N SER A 220 21.46 -26.58 21.37
CA SER A 220 22.87 -27.04 21.51
C SER A 220 23.56 -26.49 22.74
N ASP A 221 22.78 -25.84 23.57
CA ASP A 221 23.20 -25.38 24.88
C ASP A 221 24.07 -24.17 24.77
N GLU A 222 23.92 -23.47 23.64
CA GLU A 222 24.55 -22.19 23.45
C GLU A 222 23.67 -21.13 24.06
N LYS A 223 24.28 -20.15 24.68
CA LYS A 223 23.54 -18.96 25.01
C LYS A 223 22.90 -18.28 23.73
N VAL A 224 21.59 -18.06 23.76
CA VAL A 224 20.91 -17.38 22.67
C VAL A 224 20.29 -16.08 23.10
N LEU A 225 20.30 -15.13 22.17
CA LEU A 225 19.47 -13.94 22.30
C LEU A 225 17.98 -14.24 22.04
N PRO A 226 17.10 -13.34 22.49
CA PRO A 226 15.70 -13.56 22.14
C PRO A 226 15.49 -13.52 20.63
N ASN A 227 16.43 -12.95 19.89
CA ASN A 227 16.33 -12.91 18.41
C ASN A 227 16.76 -14.22 17.73
N GLY A 228 17.13 -15.20 18.54
CA GLY A 228 17.58 -16.49 18.01
C GLY A 228 19.09 -16.69 17.78
N ILE A 229 19.90 -15.63 17.88
CA ILE A 229 21.32 -15.75 17.62
C ILE A 229 22.17 -16.23 18.82
N ALA A 230 23.18 -17.06 18.55
CA ALA A 230 24.12 -17.49 19.57
C ALA A 230 25.14 -16.38 19.72
N TRP A 231 25.07 -15.68 20.83
CA TRP A 231 25.74 -14.39 20.91
C TRP A 231 27.25 -14.51 20.90
N ILE A 232 27.80 -15.51 21.59
CA ILE A 232 29.28 -15.61 21.71
C ILE A 232 29.99 -15.85 20.37
N PRO A 233 29.51 -16.82 19.60
CA PRO A 233 30.09 -17.05 18.29
C PRO A 233 29.94 -15.84 17.39
N HIS A 234 28.74 -15.27 17.43
CA HIS A 234 28.41 -14.09 16.66
C HIS A 234 29.38 -12.98 16.97
N LEU A 235 29.58 -12.74 18.24
CA LEU A 235 30.55 -11.76 18.62
C LEU A 235 31.95 -12.13 18.05
N VAL A 236 32.41 -13.35 18.35
CA VAL A 236 33.77 -13.72 17.99
C VAL A 236 33.84 -13.54 16.48
N GLN A 237 32.78 -13.89 15.79
CA GLN A 237 32.75 -13.70 14.34
C GLN A 237 32.78 -12.24 13.88
N THR A 238 32.08 -11.35 14.58
CA THR A 238 32.20 -9.96 14.20
C THR A 238 33.64 -9.49 14.43
N ILE A 239 34.22 -9.90 15.55
CA ILE A 239 35.64 -9.59 15.84
C ILE A 239 36.52 -10.01 14.68
N THR A 240 36.19 -11.14 14.09
CA THR A 240 37.03 -11.68 13.05
C THR A 240 36.89 -10.90 11.77
N GLU A 241 35.69 -10.46 11.48
CA GLU A 241 35.49 -9.74 10.26
C GLU A 241 36.19 -8.41 10.40
N VAL A 242 36.11 -7.80 11.58
CA VAL A 242 36.79 -6.54 11.75
C VAL A 242 38.34 -6.73 11.78
N ALA A 243 38.81 -7.73 12.51
CA ALA A 243 40.24 -8.09 12.50
C ALA A 243 40.78 -8.18 11.07
N LEU A 244 39.92 -8.65 10.19
CA LEU A 244 40.30 -8.93 8.83
C LEU A 244 39.81 -7.89 7.87
N ASN A 245 39.13 -6.83 8.31
CA ASN A 245 38.76 -5.80 7.34
C ASN A 245 40.03 -5.10 6.83
N LYS A 246 39.90 -4.12 5.97
CA LYS A 246 41.10 -3.66 5.33
C LYS A 246 41.65 -2.36 5.92
N SER A 247 41.38 -2.08 7.19
CA SER A 247 41.93 -0.91 7.87
C SER A 247 43.14 -1.34 8.68
N GLU A 248 44.00 -0.36 8.98
CA GLU A 248 45.17 -0.55 9.83
C GLU A 248 44.75 -0.69 11.29
N SER A 249 45.40 -1.58 11.99
CA SER A 249 45.31 -1.58 13.44
C SER A 249 45.97 -0.29 13.88
N ILE A 250 45.80 0.07 15.14
CA ILE A 250 46.27 1.35 15.65
C ILE A 250 47.50 1.07 16.49
N PHE A 251 48.61 1.70 16.18
CA PHE A 251 49.78 1.64 17.04
C PHE A 251 49.82 2.82 18.02
N VAL A 252 50.18 2.57 19.28
CA VAL A 252 50.13 3.60 20.31
C VAL A 252 51.56 4.14 20.62
N ASP A 253 51.93 5.14 19.83
CA ASP A 253 53.10 5.99 19.99
C ASP A 253 52.84 7.02 21.07
N LYS A 254 53.89 7.73 21.46
CA LYS A 254 53.70 8.99 22.19
C LYS A 254 52.94 10.01 21.36
N ASN A 255 53.22 10.08 20.07
CA ASN A 255 52.54 11.05 19.23
C ASN A 255 51.03 10.88 19.28
N LEU A 256 50.56 9.63 19.24
CA LEU A 256 49.11 9.37 19.23
C LEU A 256 48.47 9.86 20.51
N ILE A 257 49.10 9.56 21.65
CA ILE A 257 48.43 9.76 22.93
C ILE A 257 48.58 11.18 23.50
N ASP A 258 49.50 11.98 22.93
CA ASP A 258 49.71 13.42 23.29
C ASP A 258 49.07 14.35 22.25
N VAL B 8 -10.54 16.65 39.17
CA VAL B 8 -11.36 17.53 38.23
C VAL B 8 -12.09 16.75 37.08
N ARG B 9 -11.36 16.14 36.11
CA ARG B 9 -11.89 14.99 35.33
C ARG B 9 -11.95 13.80 36.30
N GLY B 10 -12.93 12.92 36.18
CA GLY B 10 -13.12 11.79 37.11
C GLY B 10 -12.18 10.61 36.93
N TRP B 11 -11.68 10.08 38.04
CA TRP B 11 -10.66 9.00 38.09
C TRP B 11 -11.08 7.68 37.52
N SER B 12 -11.42 7.64 36.24
CA SER B 12 -11.85 6.42 35.59
C SER B 12 -10.81 5.33 35.74
N GLY B 13 -9.54 5.73 35.82
CA GLY B 13 -8.42 4.79 35.83
C GLY B 13 -8.51 3.69 36.88
N ILE B 14 -9.03 4.01 38.06
CA ILE B 14 -9.11 2.98 39.08
C ILE B 14 -9.87 1.76 38.56
N ASN B 15 -10.87 1.99 37.70
CA ASN B 15 -11.67 0.85 37.24
C ASN B 15 -10.79 -0.20 36.59
N THR B 16 -9.61 0.21 36.13
CA THR B 16 -8.69 -0.70 35.44
C THR B 16 -7.92 -1.57 36.40
N PHE B 17 -7.82 -1.14 37.66
CA PHE B 17 -7.16 -1.91 38.70
C PHE B 17 -7.91 -3.18 39.07
N ALA B 18 -7.29 -3.98 39.92
CA ALA B 18 -7.88 -5.21 40.38
C ALA B 18 -8.89 -4.84 41.46
N PRO B 19 -9.92 -5.65 41.62
CA PRO B 19 -10.87 -5.45 42.70
C PRO B 19 -10.25 -5.41 44.11
N ALA B 20 -9.27 -6.26 44.39
CA ALA B 20 -8.57 -6.19 45.68
C ALA B 20 -7.82 -4.85 45.80
N THR B 21 -7.21 -4.37 44.69
CA THR B 21 -6.64 -3.00 44.64
C THR B 21 -7.71 -1.91 44.62
N GLN B 22 -8.81 -2.10 43.91
CA GLN B 22 -9.89 -1.11 43.94
C GLN B 22 -10.42 -0.94 45.37
N THR B 23 -10.68 -2.07 46.04
CA THR B 23 -11.21 -2.07 47.40
C THR B 23 -10.25 -1.32 48.32
N LYS B 24 -8.96 -1.66 48.23
CA LYS B 24 -7.93 -0.98 49.06
C LYS B 24 -7.82 0.54 48.87
N LEU B 25 -7.83 0.98 47.61
CA LEU B 25 -7.70 2.41 47.29
C LEU B 25 -8.91 3.18 47.77
N LEU B 26 -10.09 2.60 47.60
CA LEU B 26 -11.30 3.23 48.15
C LEU B 26 -11.25 3.28 49.70
N GLU B 27 -10.74 2.23 50.34
CA GLU B 27 -10.49 2.27 51.80
C GLU B 27 -9.35 3.24 52.18
N LEU B 28 -8.30 3.31 51.37
CA LEU B 28 -7.20 4.23 51.67
C LEU B 28 -7.67 5.65 51.48
N LEU B 29 -8.38 5.90 50.38
CA LEU B 29 -8.95 7.22 50.14
C LEU B 29 -9.96 7.56 51.22
N GLY B 30 -10.66 6.54 51.72
CA GLY B 30 -11.61 6.69 52.84
C GLY B 30 -11.02 7.32 54.09
N ASN B 31 -9.85 6.86 54.53
CA ASN B 31 -9.31 7.37 55.79
C ASN B 31 -8.50 8.69 55.63
N LEU B 32 -8.34 9.15 54.39
CA LEU B 32 -7.87 10.53 54.13
C LEU B 32 -9.08 11.45 54.24
N LYS B 33 -10.21 10.99 53.69
CA LYS B 33 -11.51 11.65 53.80
C LYS B 33 -11.92 11.80 55.27
N GLN B 34 -11.66 10.74 56.05
CA GLN B 34 -11.93 10.70 57.51
C GLN B 34 -11.18 11.76 58.32
N GLU B 35 -10.13 12.32 57.72
CA GLU B 35 -9.20 13.25 58.38
C GLU B 35 -9.25 14.64 57.76
N ASP B 36 -10.38 14.95 57.12
CA ASP B 36 -10.52 16.12 56.27
C ASP B 36 -9.32 16.34 55.34
N VAL B 37 -8.88 15.26 54.70
CA VAL B 37 -7.95 15.32 53.58
C VAL B 37 -8.74 14.96 52.34
N ASN B 38 -8.89 15.96 51.46
CA ASN B 38 -9.77 15.90 50.29
C ASN B 38 -9.02 16.04 48.96
N SER B 39 -8.05 16.94 48.96
CA SER B 39 -7.14 17.06 47.86
C SER B 39 -5.91 16.30 48.31
N LEU B 40 -4.92 16.21 47.45
CA LEU B 40 -3.58 15.72 47.79
C LEU B 40 -2.81 15.96 46.51
N THR B 41 -1.77 16.75 46.58
CA THR B 41 -0.96 17.03 45.41
C THR B 41 0.39 16.34 45.55
N ILE B 42 0.75 15.56 44.52
CA ILE B 42 2.00 14.83 44.47
C ILE B 42 2.87 15.32 43.35
N LEU B 43 4.10 15.61 43.68
CA LEU B 43 5.07 16.07 42.72
C LEU B 43 5.98 14.90 42.43
N VAL B 44 6.21 14.67 41.14
CA VAL B 44 7.02 13.58 40.68
C VAL B 44 8.23 14.16 39.99
N MET B 45 9.40 13.97 40.59
CA MET B 45 10.65 14.54 40.12
C MET B 45 11.76 13.53 40.15
N GLY B 46 12.68 13.71 39.21
CA GLY B 46 13.87 12.92 39.15
C GLY B 46 14.69 13.25 37.92
N LYS B 47 15.03 12.22 37.15
CA LYS B 47 16.31 12.19 36.49
C LYS B 47 16.66 12.44 34.98
N GLY B 48 15.84 12.07 33.99
CA GLY B 48 15.03 10.91 34.00
C GLY B 48 15.30 9.99 32.80
N GLY B 49 14.24 9.64 32.09
CA GLY B 49 14.20 8.31 31.57
C GLY B 49 14.38 7.35 32.74
N VAL B 50 13.75 7.60 33.87
CA VAL B 50 13.80 6.61 34.94
C VAL B 50 12.41 6.14 35.35
N GLY B 51 11.37 6.72 34.74
CA GLY B 51 10.02 6.14 34.75
C GLY B 51 9.03 7.02 35.46
N LYS B 52 9.24 8.32 35.32
CA LYS B 52 8.36 9.29 35.97
C LYS B 52 7.01 9.24 35.33
N SER B 53 6.99 9.45 34.03
CA SER B 53 5.73 9.55 33.36
C SER B 53 5.01 8.24 33.53
N SER B 54 5.75 7.16 33.37
CA SER B 54 5.15 5.83 33.48
C SER B 54 4.50 5.65 34.81
N THR B 55 5.13 6.21 35.85
CA THR B 55 4.65 6.05 37.22
C THR B 55 3.41 6.85 37.37
N VAL B 56 3.41 8.07 36.84
CA VAL B 56 2.21 8.87 36.78
C VAL B 56 1.08 8.08 36.12
N ASN B 57 1.40 7.47 34.98
CA ASN B 57 0.45 6.68 34.26
C ASN B 57 -0.07 5.48 35.02
N SER B 58 0.78 4.84 35.82
CA SER B 58 0.31 3.66 36.55
C SER B 58 -0.58 4.08 37.66
N ILE B 59 -0.27 5.21 38.28
CA ILE B 59 -1.09 5.70 39.38
C ILE B 59 -2.51 6.05 38.87
N ILE B 60 -2.58 7.03 37.96
CA ILE B 60 -3.80 7.40 37.27
C ILE B 60 -4.62 6.20 36.72
N GLY B 61 -3.97 5.14 36.30
CA GLY B 61 -4.67 3.97 35.80
C GLY B 61 -4.86 4.06 34.32
N GLU B 62 -4.26 5.06 33.68
CA GLU B 62 -4.35 5.22 32.22
C GLU B 62 -3.22 6.11 31.67
N ARG B 63 -3.02 6.07 30.35
CA ARG B 63 -1.93 6.78 29.65
C ARG B 63 -2.21 8.23 29.50
N VAL B 64 -1.75 8.97 30.49
CA VAL B 64 -2.12 10.34 30.63
C VAL B 64 -0.94 11.22 30.26
N VAL B 65 0.23 10.63 30.21
CA VAL B 65 1.41 11.38 29.93
C VAL B 65 2.21 10.61 28.93
N SER B 66 2.90 11.34 28.07
CA SER B 66 3.66 10.70 27.00
C SER B 66 4.83 9.93 27.61
N ILE B 67 5.06 8.73 27.13
CA ILE B 67 6.30 8.06 27.47
C ILE B 67 7.07 7.81 26.15
N SER B 68 8.19 8.51 25.98
CA SER B 68 9.13 8.20 24.91
C SER B 68 10.08 7.09 25.38
N PRO B 69 10.13 5.99 24.63
CA PRO B 69 11.17 5.03 24.98
C PRO B 69 12.61 5.47 24.62
N PHE B 70 12.81 6.58 23.89
CA PHE B 70 14.13 6.87 23.28
C PHE B 70 14.77 8.24 23.42
N GLN B 71 13.96 9.30 23.52
CA GLN B 71 14.43 10.63 24.05
C GLN B 71 13.25 11.46 24.64
N SER B 72 13.58 12.43 25.50
CA SER B 72 12.68 12.93 26.58
C SER B 72 11.20 13.22 26.25
N GLY B 74 11.26 17.36 25.60
CA GLY B 74 10.52 17.17 26.86
C GLY B 74 9.67 18.31 27.46
N PRO B 75 10.28 19.51 27.70
CA PRO B 75 10.13 20.18 29.03
C PRO B 75 8.72 20.67 29.54
N ARG B 76 7.80 19.72 29.73
CA ARG B 76 6.36 20.02 29.74
C ARG B 76 5.77 20.78 30.92
N PRO B 77 6.05 20.33 32.14
CA PRO B 77 5.38 19.70 33.28
C PRO B 77 3.87 19.73 33.20
N VAL B 78 3.25 18.71 33.75
CA VAL B 78 1.84 18.55 33.63
C VAL B 78 1.26 18.20 34.98
N MET B 79 0.09 18.68 35.26
CA MET B 79 -0.60 18.19 36.42
C MET B 79 -1.81 17.50 35.85
N VAL B 80 -2.09 16.31 36.33
CA VAL B 80 -3.31 15.66 35.94
C VAL B 80 -4.09 15.46 37.22
N SER B 81 -5.42 15.57 37.10
CA SER B 81 -6.27 15.61 38.25
C SER B 81 -7.45 14.72 38.09
N ARG B 82 -7.69 13.90 39.10
CA ARG B 82 -8.74 12.91 39.02
C ARG B 82 -9.50 12.79 40.31
N SER B 83 -10.81 13.00 40.26
CA SER B 83 -11.64 12.94 41.45
C SER B 83 -12.20 11.53 41.69
N ARG B 84 -12.47 11.19 42.95
CA ARG B 84 -13.24 9.98 43.29
C ARG B 84 -13.62 9.93 44.77
N ALA B 85 -14.88 9.58 45.03
CA ALA B 85 -15.40 9.49 46.41
C ALA B 85 -15.28 10.82 47.12
N GLY B 86 -15.18 11.91 46.33
CA GLY B 86 -15.08 13.28 46.85
C GLY B 86 -13.65 13.71 47.03
N PHE B 87 -12.74 12.75 46.99
CA PHE B 87 -11.30 13.02 47.04
C PHE B 87 -10.74 13.42 45.66
N THR B 88 -9.76 14.33 45.62
CA THR B 88 -9.11 14.76 44.37
C THR B 88 -7.60 14.60 44.42
N LEU B 89 -7.09 13.89 43.42
CA LEU B 89 -5.66 13.59 43.30
C LEU B 89 -5.08 14.42 42.19
N ASN B 90 -4.07 15.21 42.51
CA ASN B 90 -3.33 15.95 41.53
C ASN B 90 -1.96 15.31 41.44
N ILE B 91 -1.57 14.77 40.28
CA ILE B 91 -0.15 14.41 40.08
C ILE B 91 0.58 15.33 39.11
N ILE B 92 1.76 15.79 39.50
CA ILE B 92 2.58 16.60 38.60
C ILE B 92 3.74 15.79 38.03
N ASP B 93 3.74 15.62 36.72
CA ASP B 93 4.84 14.98 35.99
C ASP B 93 5.73 16.18 35.70
N THR B 94 7.04 15.95 35.58
CA THR B 94 8.01 17.04 35.45
C THR B 94 9.17 16.51 34.64
N PRO B 95 9.84 17.36 33.85
CA PRO B 95 11.03 16.95 33.12
C PRO B 95 12.14 16.38 34.03
N GLY B 96 12.96 15.52 33.44
CA GLY B 96 14.17 15.09 34.08
C GLY B 96 14.96 16.35 34.34
N LEU B 97 15.59 16.37 35.51
CA LEU B 97 16.39 17.49 35.94
C LEU B 97 17.79 17.53 35.36
N ILE B 98 18.34 16.45 34.82
CA ILE B 98 19.75 16.47 34.45
C ILE B 98 19.99 16.47 32.93
N GLU B 99 21.01 17.21 32.51
CA GLU B 99 21.37 17.29 31.11
C GLU B 99 22.86 17.15 30.96
N GLY B 100 23.30 16.15 30.21
CA GLY B 100 24.70 15.73 30.21
C GLY B 100 25.04 15.49 31.66
N GLY B 101 26.02 16.23 32.17
CA GLY B 101 26.42 16.08 33.56
C GLY B 101 26.18 17.30 34.41
N TYR B 102 25.08 17.99 34.13
CA TYR B 102 24.68 19.21 34.84
C TYR B 102 23.17 19.23 35.00
N ILE B 103 22.69 19.99 35.97
CA ILE B 103 21.25 20.26 36.08
C ILE B 103 20.84 21.10 34.85
N ASN B 104 19.60 20.92 34.42
CA ASN B 104 19.03 21.76 33.38
C ASN B 104 18.27 22.88 34.08
N ASP B 105 18.89 24.05 34.11
CA ASP B 105 18.41 25.11 34.98
C ASP B 105 17.08 25.66 34.49
N MET B 106 17.00 25.80 33.17
CA MET B 106 15.78 26.23 32.53
C MET B 106 14.64 25.34 33.00
N ALA B 107 14.84 24.03 32.86
CA ALA B 107 13.83 23.02 33.21
C ALA B 107 13.41 23.02 34.69
N LEU B 108 14.37 23.15 35.58
CA LEU B 108 14.09 23.37 36.99
C LEU B 108 13.23 24.63 37.19
N ASN B 109 13.63 25.76 36.59
CA ASN B 109 12.93 27.03 36.80
C ASN B 109 11.51 27.03 36.28
N ILE B 110 11.26 26.18 35.30
CA ILE B 110 9.91 25.94 34.81
C ILE B 110 9.04 25.14 35.82
N ILE B 111 9.55 23.99 36.27
CA ILE B 111 8.92 23.25 37.39
C ILE B 111 8.51 24.23 38.48
N LYS B 112 9.50 24.98 38.96
CA LYS B 112 9.30 25.96 40.03
C LYS B 112 8.13 26.87 39.66
N SER B 113 8.27 27.57 38.55
CA SER B 113 7.33 28.62 38.23
C SER B 113 5.94 28.02 37.92
N PHE B 114 5.88 26.73 37.57
CA PHE B 114 4.58 26.03 37.39
C PHE B 114 3.95 25.67 38.75
N LEU B 115 4.80 25.55 39.78
CA LEU B 115 4.36 25.19 41.12
C LEU B 115 4.00 26.42 41.91
N LEU B 116 4.35 27.60 41.39
CA LEU B 116 4.04 28.87 42.05
C LEU B 116 2.60 28.83 42.53
N ASP B 117 2.44 28.80 43.84
CA ASP B 117 1.16 28.89 44.50
C ASP B 117 0.43 27.54 44.64
N LYS B 118 1.04 26.45 44.19
CA LYS B 118 0.53 25.09 44.49
C LYS B 118 1.15 24.52 45.77
N THR B 119 0.66 23.37 46.25
CA THR B 119 1.02 22.84 47.58
C THR B 119 1.49 21.39 47.46
N ILE B 120 2.76 21.15 47.74
CA ILE B 120 3.33 19.83 47.55
C ILE B 120 3.02 18.99 48.78
N ASP B 121 2.11 18.03 48.66
CA ASP B 121 1.73 17.22 49.79
C ASP B 121 2.68 16.08 50.01
N VAL B 122 3.11 15.50 48.89
CA VAL B 122 4.00 14.33 48.80
C VAL B 122 4.88 14.48 47.56
N LEU B 123 6.20 14.46 47.74
CA LEU B 123 7.16 14.44 46.64
C LEU B 123 7.53 12.98 46.38
N LEU B 124 7.42 12.56 45.12
CA LEU B 124 7.81 11.23 44.67
C LEU B 124 9.08 11.36 43.81
N TYR B 125 10.22 11.00 44.42
CA TYR B 125 11.54 11.04 43.82
C TYR B 125 11.81 9.72 43.16
N VAL B 126 11.84 9.71 41.83
CA VAL B 126 11.90 8.45 41.11
C VAL B 126 13.32 8.15 40.59
N ASP B 127 13.74 6.90 40.75
CA ASP B 127 14.92 6.39 40.09
C ASP B 127 14.69 4.92 39.71
N ARG B 128 15.61 4.34 38.96
CA ARG B 128 15.57 2.92 38.64
C ARG B 128 16.07 2.06 39.79
N LEU B 129 15.45 0.89 39.96
CA LEU B 129 15.96 -0.11 40.90
C LEU B 129 17.20 -0.76 40.32
N ASP B 130 17.18 -0.99 39.01
CA ASP B 130 18.25 -1.78 38.36
C ASP B 130 19.43 -0.98 37.85
N ALA B 131 19.86 0.02 38.58
CA ALA B 131 21.09 0.73 38.24
C ALA B 131 22.13 0.25 39.23
N TYR B 132 23.39 0.38 38.84
CA TYR B 132 24.46 -0.16 39.63
C TYR B 132 25.26 0.96 40.36
N ARG B 133 24.88 2.22 40.21
CA ARG B 133 25.67 3.34 40.76
C ARG B 133 24.88 4.43 41.49
N VAL B 134 25.62 5.26 42.21
CA VAL B 134 25.20 6.57 42.62
C VAL B 134 26.41 7.44 42.23
N ASP B 135 26.25 8.76 42.25
CA ASP B 135 27.35 9.69 41.98
C ASP B 135 26.81 11.10 41.84
N ASN B 136 27.73 12.04 41.67
CA ASN B 136 27.37 13.43 41.69
C ASN B 136 26.06 13.77 40.97
N LEU B 137 25.75 13.08 39.87
CA LEU B 137 24.45 13.31 39.31
C LEU B 137 23.21 13.10 40.14
N ASP B 138 23.23 12.04 40.93
CA ASP B 138 22.20 11.81 41.92
C ASP B 138 22.23 12.93 43.00
N LYS B 139 23.44 13.33 43.42
CA LYS B 139 23.68 14.40 44.42
C LYS B 139 23.10 15.76 43.99
N LEU B 140 23.42 16.17 42.76
CA LEU B 140 22.90 17.39 42.16
C LEU B 140 21.37 17.48 42.23
N VAL B 141 20.69 16.47 41.71
CA VAL B 141 19.23 16.39 41.84
C VAL B 141 18.63 16.63 43.27
N ALA B 142 19.21 15.99 44.28
CA ALA B 142 18.77 16.17 45.68
C ALA B 142 19.08 17.59 46.07
N LYS B 143 20.16 18.12 45.50
CA LYS B 143 20.56 19.51 45.71
C LYS B 143 19.53 20.48 45.13
N ALA B 144 19.18 20.26 43.87
CA ALA B 144 18.18 21.05 43.15
C ALA B 144 16.82 21.06 43.84
N ILE B 145 16.39 19.89 44.31
CA ILE B 145 15.11 19.78 45.06
C ILE B 145 15.09 20.63 46.34
N THR B 146 16.16 20.52 47.12
CA THR B 146 16.31 21.21 48.40
C THR B 146 16.42 22.76 48.29
N ASP B 147 16.98 23.24 47.17
CA ASP B 147 17.23 24.67 46.94
C ASP B 147 15.98 25.35 46.41
N SER B 148 15.27 24.61 45.59
CA SER B 148 13.95 24.98 45.16
C SER B 148 12.91 25.01 46.30
N PHE B 149 12.70 23.89 47.02
CA PHE B 149 11.56 23.77 47.95
C PHE B 149 11.85 23.61 49.43
N GLY B 150 13.13 23.58 49.79
CA GLY B 150 13.53 23.52 51.19
C GLY B 150 13.76 22.09 51.64
N LYS B 151 14.57 21.96 52.68
CA LYS B 151 14.81 20.70 53.35
C LYS B 151 13.55 20.13 54.04
N GLY B 152 12.51 20.97 54.20
CA GLY B 152 11.25 20.55 54.80
C GLY B 152 10.50 19.55 53.93
N ILE B 153 10.67 19.68 52.61
CA ILE B 153 10.10 18.77 51.61
C ILE B 153 10.45 17.28 51.79
N TRP B 154 11.63 16.99 52.36
CA TRP B 154 12.06 15.60 52.49
C TRP B 154 11.32 14.82 53.54
N ASN B 155 10.61 15.54 54.42
CA ASN B 155 9.70 14.90 55.38
C ASN B 155 8.37 14.47 54.72
N LYS B 156 8.11 14.97 53.51
CA LYS B 156 6.91 14.58 52.74
C LYS B 156 7.33 13.82 51.46
N ALA B 157 8.56 13.29 51.50
CA ALA B 157 9.20 12.60 50.38
C ALA B 157 9.13 11.09 50.52
N ILE B 158 9.00 10.42 49.36
CA ILE B 158 9.10 8.97 49.18
C ILE B 158 9.99 8.72 47.95
N VAL B 159 10.87 7.74 48.04
CA VAL B 159 11.72 7.33 46.90
C VAL B 159 11.14 6.07 46.26
N ALA B 160 10.88 6.14 44.95
CA ALA B 160 10.25 5.06 44.22
C ALA B 160 11.26 4.52 43.20
N LEU B 161 11.53 3.22 43.33
CA LEU B 161 12.43 2.56 42.42
C LEU B 161 11.60 1.76 41.45
N THR B 162 11.77 2.08 40.16
CA THR B 162 11.04 1.46 39.05
C THR B 162 11.88 0.27 38.50
N HIS B 163 11.41 -0.38 37.43
CA HIS B 163 11.93 -1.65 37.00
C HIS B 163 12.08 -2.69 38.15
N ALA B 164 11.13 -2.69 39.06
CA ALA B 164 11.19 -3.54 40.24
C ALA B 164 10.95 -5.03 39.93
N GLN B 165 10.62 -5.36 38.67
CA GLN B 165 10.57 -6.76 38.29
C GLN B 165 11.93 -7.23 37.82
N PHE B 166 12.94 -6.72 38.48
CA PHE B 166 14.29 -7.10 38.25
C PHE B 166 14.54 -8.43 38.93
N SER B 167 15.43 -9.24 38.35
CA SER B 167 16.15 -10.22 39.13
C SER B 167 17.61 -9.78 39.11
N PRO B 168 18.24 -9.68 40.27
CA PRO B 168 19.61 -9.18 40.33
C PRO B 168 20.63 -9.95 39.53
N PRO B 169 21.85 -9.41 39.41
CA PRO B 169 23.00 -10.11 38.86
C PRO B 169 23.67 -11.08 39.81
N ASP B 170 24.88 -11.53 39.47
CA ASP B 170 25.48 -12.74 40.07
C ASP B 170 24.88 -13.25 41.37
N GLY B 171 23.67 -13.77 41.20
CA GLY B 171 22.96 -14.53 42.21
C GLY B 171 22.73 -13.77 43.51
N LEU B 172 22.99 -12.46 43.51
CA LEU B 172 22.60 -11.61 44.63
C LEU B 172 21.10 -11.82 44.86
N PRO B 173 20.71 -12.21 46.08
CA PRO B 173 19.25 -12.31 46.25
C PRO B 173 18.63 -10.96 46.05
N TYR B 174 17.30 -10.92 45.90
CA TYR B 174 16.57 -9.71 45.47
C TYR B 174 16.63 -8.65 46.54
N ASP B 175 16.57 -9.08 47.80
CA ASP B 175 16.56 -8.16 48.95
C ASP B 175 17.90 -7.53 49.25
N GLU B 176 18.95 -8.34 49.27
CA GLU B 176 20.30 -7.82 49.39
C GLU B 176 20.53 -6.72 48.36
N PHE B 177 20.24 -7.04 47.09
CA PHE B 177 20.49 -6.10 46.01
C PHE B 177 19.73 -4.84 46.30
N PHE B 178 18.44 -5.01 46.56
CA PHE B 178 17.53 -3.93 46.94
C PHE B 178 18.00 -3.14 48.12
N SER B 179 18.38 -3.85 49.15
CA SER B 179 18.78 -3.20 50.36
C SER B 179 20.05 -2.37 50.18
N LYS B 180 21.03 -2.90 49.43
CA LYS B 180 22.24 -2.12 49.17
C LYS B 180 21.99 -0.88 48.28
N ARG B 181 21.13 -0.98 47.28
CA ARG B 181 20.88 0.17 46.44
C ARG B 181 20.05 1.21 47.15
N SER B 182 19.12 0.81 48.02
CA SER B 182 18.39 1.80 48.80
C SER B 182 19.32 2.68 49.63
N GLU B 183 20.24 2.08 50.38
CA GLU B 183 21.17 2.90 51.14
C GLU B 183 22.06 3.72 50.21
N ALA B 184 22.55 3.11 49.13
CA ALA B 184 23.44 3.84 48.22
C ALA B 184 22.81 5.19 47.83
N LEU B 185 21.52 5.15 47.57
CA LEU B 185 20.80 6.29 47.02
C LEU B 185 20.34 7.19 48.14
N LEU B 186 19.78 6.58 49.18
CA LEU B 186 19.40 7.33 50.37
C LEU B 186 20.59 8.13 50.91
N GLN B 187 21.79 7.52 50.99
CA GLN B 187 22.98 8.27 51.44
C GLN B 187 23.22 9.50 50.58
N VAL B 188 23.22 9.35 49.26
CA VAL B 188 23.59 10.47 48.38
C VAL B 188 22.48 11.52 48.20
N VAL B 189 21.22 11.15 48.32
CA VAL B 189 20.18 12.19 48.31
C VAL B 189 20.28 12.94 49.63
N ARG B 190 20.38 12.21 50.74
CA ARG B 190 20.67 12.81 52.06
C ARG B 190 21.89 13.74 52.04
N SER B 191 22.90 13.39 51.27
CA SER B 191 24.04 14.25 51.07
C SER B 191 23.63 15.51 50.29
N GLY B 192 23.15 15.36 49.08
CA GLY B 192 22.83 16.54 48.27
C GLY B 192 21.78 17.47 48.89
N ALA B 193 20.90 16.91 49.71
CA ALA B 193 19.90 17.69 50.39
C ALA B 193 20.45 18.24 51.73
N SER B 194 21.59 17.72 52.15
CA SER B 194 22.15 17.97 53.48
C SER B 194 21.17 17.56 54.60
N LEU B 195 21.26 16.28 55.02
CA LEU B 195 20.54 15.75 56.20
C LEU B 195 21.39 14.69 56.89
N ALA B 201 15.87 12.01 60.81
CA ALA B 201 16.48 11.43 59.61
C ALA B 201 15.65 11.64 58.30
N SER B 202 14.32 11.60 58.38
CA SER B 202 13.59 10.94 59.48
C SER B 202 13.25 9.57 58.92
N ASP B 203 12.31 9.56 57.99
CA ASP B 203 11.90 8.29 57.49
C ASP B 203 12.86 7.38 56.82
N ILE B 204 13.18 7.63 55.53
CA ILE B 204 12.35 8.35 54.54
C ILE B 204 12.09 7.26 53.49
N PRO B 205 10.80 6.93 53.25
CA PRO B 205 10.42 5.66 52.67
C PRO B 205 10.86 5.39 51.24
N VAL B 206 11.19 4.12 51.01
CA VAL B 206 11.48 3.59 49.69
C VAL B 206 10.43 2.52 49.31
N VAL B 207 9.72 2.75 48.20
CA VAL B 207 8.71 1.83 47.67
C VAL B 207 9.22 1.35 46.35
N LEU B 208 8.68 0.24 45.86
CA LEU B 208 9.11 -0.36 44.59
C LEU B 208 8.01 -0.26 43.55
N ILE B 209 8.35 -0.23 42.27
CA ILE B 209 7.38 0.10 41.24
C ILE B 209 7.62 -0.69 39.96
N GLU B 210 6.60 -1.38 39.44
CA GLU B 210 6.72 -2.03 38.11
C GLU B 210 5.70 -1.49 37.11
N ASN B 211 6.11 -0.50 36.32
CA ASN B 211 5.24 0.13 35.32
C ASN B 211 5.05 -0.78 34.09
N SER B 212 5.39 -2.06 34.26
CA SER B 212 6.00 -2.92 33.24
C SER B 212 5.42 -2.99 31.86
N GLY B 213 4.10 -3.23 31.68
CA GLY B 213 3.04 -3.26 32.72
C GLY B 213 2.92 -4.33 33.83
N ARG B 214 2.50 -5.56 33.46
CA ARG B 214 2.40 -6.71 34.41
C ARG B 214 3.62 -7.67 34.21
N CYS B 215 3.86 -8.61 35.13
CA CYS B 215 3.66 -8.49 36.57
C CYS B 215 2.88 -9.59 37.33
N ASN B 216 3.43 -10.05 38.46
CA ASN B 216 3.07 -11.41 38.89
C ASN B 216 2.44 -11.58 40.31
N SER B 220 -5.24 -12.93 42.82
CA SER B 220 -4.77 -12.04 43.89
C SER B 220 -5.75 -10.86 44.14
N ASP B 221 -5.96 -9.95 43.18
CA ASP B 221 -5.45 -10.10 41.81
C ASP B 221 -4.25 -9.19 41.51
N GLU B 222 -4.26 -7.93 41.94
CA GLU B 222 -3.25 -6.97 41.46
C GLU B 222 -1.83 -7.36 41.90
N LYS B 223 -0.88 -6.57 41.41
CA LYS B 223 0.32 -7.08 40.80
C LYS B 223 1.57 -6.99 41.70
N VAL B 224 2.04 -8.16 42.13
CA VAL B 224 3.05 -8.30 43.20
C VAL B 224 4.50 -8.18 42.68
N LEU B 225 5.42 -7.76 43.55
CA LEU B 225 6.86 -7.72 43.26
C LEU B 225 7.54 -9.00 43.74
N PRO B 226 8.84 -9.24 43.37
CA PRO B 226 9.46 -10.54 43.68
C PRO B 226 9.81 -10.72 45.16
N ASN B 227 9.24 -9.88 46.01
CA ASN B 227 9.33 -10.09 47.47
C ASN B 227 7.94 -10.31 48.14
N GLY B 228 6.87 -10.43 47.35
CA GLY B 228 5.54 -10.70 47.90
C GLY B 228 4.61 -9.51 47.95
N ILE B 229 5.13 -8.28 47.97
CA ILE B 229 4.32 -7.07 48.15
C ILE B 229 3.52 -6.62 46.92
N ALA B 230 2.24 -6.25 47.13
CA ALA B 230 1.41 -5.62 46.07
C ALA B 230 1.66 -4.12 46.10
N TRP B 231 2.33 -3.59 45.09
CA TRP B 231 2.91 -2.25 45.22
C TRP B 231 1.92 -1.08 45.06
N ILE B 232 0.93 -1.17 44.17
CA ILE B 232 -0.06 -0.07 44.05
C ILE B 232 -0.79 0.24 45.39
N PRO B 233 -1.38 -0.79 46.01
CA PRO B 233 -1.81 -0.52 47.36
C PRO B 233 -0.66 0.03 48.20
N HIS B 234 0.51 -0.61 48.16
CA HIS B 234 1.63 -0.18 49.00
C HIS B 234 2.08 1.27 48.78
N LEU B 235 2.01 1.77 47.54
CA LEU B 235 2.42 3.15 47.27
C LEU B 235 1.37 4.13 47.74
N VAL B 236 0.09 3.88 47.40
CA VAL B 236 -1.00 4.79 47.91
C VAL B 236 -1.07 4.76 49.42
N GLN B 237 -0.80 3.61 50.02
CA GLN B 237 -0.64 3.50 51.47
C GLN B 237 0.52 4.33 51.98
N THR B 238 1.70 4.20 51.37
CA THR B 238 2.81 5.08 51.76
C THR B 238 2.46 6.54 51.46
N ILE B 239 1.75 6.84 50.36
CA ILE B 239 1.35 8.22 50.12
C ILE B 239 0.40 8.74 51.22
N THR B 240 -0.49 7.89 51.72
CA THR B 240 -1.39 8.30 52.81
C THR B 240 -0.57 8.50 54.09
N GLU B 241 0.31 7.55 54.44
CA GLU B 241 1.12 7.72 55.67
C GLU B 241 2.02 8.96 55.62
N VAL B 242 2.64 9.24 54.48
CA VAL B 242 3.47 10.44 54.39
C VAL B 242 2.57 11.66 54.34
N ALA B 243 1.36 11.52 53.79
CA ALA B 243 0.37 12.61 53.75
C ALA B 243 -0.22 13.00 55.11
N LEU B 244 -0.20 12.06 56.07
CA LEU B 244 -0.79 12.24 57.41
C LEU B 244 0.25 12.34 58.60
N ASN B 245 1.54 12.47 58.29
CA ASN B 245 2.60 12.52 59.34
C ASN B 245 2.66 13.88 60.12
N LYS B 246 2.48 14.98 59.38
CA LYS B 246 2.11 16.34 59.89
C LYS B 246 1.69 17.19 58.62
N SER B 247 2.70 17.57 57.80
CA SER B 247 4.12 17.62 58.31
C SER B 247 4.95 18.89 58.39
N GLU B 248 4.66 19.99 57.71
CA GLU B 248 3.42 20.26 57.01
C GLU B 248 3.65 20.02 55.53
N SER B 249 2.64 20.31 54.72
CA SER B 249 2.82 20.37 53.27
C SER B 249 3.78 21.54 52.93
N ILE B 250 4.06 21.79 51.65
CA ILE B 250 4.92 22.93 51.28
C ILE B 250 4.21 23.84 50.30
N PHE B 251 3.85 25.04 50.74
CA PHE B 251 3.27 26.06 49.89
C PHE B 251 4.39 26.76 49.10
N VAL B 252 4.44 26.48 47.80
CA VAL B 252 5.45 27.06 46.92
C VAL B 252 5.10 28.53 46.62
N ASP B 253 5.65 29.44 47.42
CA ASP B 253 5.55 30.90 47.19
C ASP B 253 6.54 31.37 46.15
N LYS B 254 6.36 32.61 45.70
CA LYS B 254 7.45 33.33 45.04
C LYS B 254 8.67 33.49 45.97
N ASN B 255 8.43 33.55 47.29
CA ASN B 255 9.52 33.48 48.26
C ASN B 255 10.46 32.35 47.94
N LEU B 256 10.00 31.11 48.16
CA LEU B 256 10.91 29.98 48.11
C LEU B 256 11.86 29.75 46.98
N ILE B 257 11.45 30.21 45.80
CA ILE B 257 12.23 30.00 44.59
C ILE B 257 13.59 30.75 44.61
N ASP B 258 13.62 32.01 45.05
CA ASP B 258 14.92 32.66 45.06
C ASP B 258 16.00 32.13 46.04
N GLY B 259 15.53 31.25 46.93
CA GLY B 259 16.38 30.44 47.81
C GLY B 259 17.19 29.43 47.04
N VAL C 8 -51.62 7.00 31.53
CA VAL C 8 -52.25 7.90 32.57
C VAL C 8 -51.26 8.00 33.76
N ARG C 9 -50.30 7.06 33.82
CA ARG C 9 -49.89 6.45 35.07
C ARG C 9 -48.78 7.08 35.94
N GLY C 10 -47.79 7.59 35.29
CA GLY C 10 -46.45 7.27 35.76
C GLY C 10 -45.70 7.23 37.07
N TRP C 11 -44.92 8.27 37.27
CA TRP C 11 -43.47 8.05 37.25
C TRP C 11 -42.83 7.61 38.57
N SER C 12 -43.44 6.56 39.14
CA SER C 12 -43.00 5.96 40.39
C SER C 12 -41.56 5.47 40.35
N GLY C 13 -41.08 5.14 39.17
CA GLY C 13 -39.69 4.71 39.01
C GLY C 13 -38.65 5.71 39.45
N ILE C 14 -38.96 7.02 39.38
CA ILE C 14 -38.13 8.08 39.98
C ILE C 14 -37.85 7.81 41.47
N ASN C 15 -38.81 7.25 42.22
CA ASN C 15 -38.59 7.03 43.67
C ASN C 15 -37.51 5.97 43.90
N THR C 16 -37.31 5.12 42.92
CA THR C 16 -36.25 4.12 43.00
C THR C 16 -34.85 4.69 42.65
N PHE C 17 -34.78 5.98 42.30
CA PHE C 17 -33.52 6.66 41.94
C PHE C 17 -32.83 7.32 43.13
N ALA C 18 -31.52 7.53 43.05
CA ALA C 18 -30.89 8.21 44.19
C ALA C 18 -31.66 9.51 44.42
N PRO C 19 -31.91 9.86 45.67
CA PRO C 19 -32.60 11.18 45.81
C PRO C 19 -31.89 12.37 45.11
N ALA C 20 -30.57 12.44 45.16
CA ALA C 20 -29.85 13.51 44.48
C ALA C 20 -30.35 13.64 43.02
N THR C 21 -30.51 12.47 42.39
CA THR C 21 -30.96 12.37 41.01
C THR C 21 -32.43 12.76 40.87
N GLN C 22 -33.25 12.55 41.91
CA GLN C 22 -34.66 12.89 41.82
C GLN C 22 -34.86 14.41 41.73
N THR C 23 -34.10 15.13 42.52
CA THR C 23 -34.20 16.57 42.56
C THR C 23 -33.80 17.12 41.22
N LYS C 24 -32.66 16.66 40.73
CA LYS C 24 -32.09 17.24 39.55
C LYS C 24 -33.15 17.21 38.46
N LEU C 25 -33.85 16.10 38.48
CA LEU C 25 -34.76 15.72 37.46
C LEU C 25 -36.13 16.37 37.65
N LEU C 26 -36.39 16.82 38.88
CA LEU C 26 -37.66 17.46 39.21
C LEU C 26 -37.50 18.92 38.99
N GLU C 27 -36.29 19.40 39.17
CA GLU C 27 -35.88 20.71 38.76
C GLU C 27 -36.08 20.86 37.25
N LEU C 28 -35.57 19.88 36.51
CA LEU C 28 -35.67 19.87 35.07
C LEU C 28 -37.11 19.87 34.59
N LEU C 29 -37.93 18.98 35.16
CA LEU C 29 -39.35 18.96 34.77
C LEU C 29 -39.99 20.30 35.04
N GLY C 30 -39.66 20.91 36.17
CA GLY C 30 -40.24 22.21 36.49
C GLY C 30 -39.88 23.18 35.39
N ASN C 31 -38.61 23.14 35.04
CA ASN C 31 -38.03 24.01 34.06
C ASN C 31 -38.72 23.83 32.73
N LEU C 32 -38.92 22.58 32.30
CA LEU C 32 -39.74 22.39 31.09
C LEU C 32 -41.16 23.03 31.31
N LYS C 33 -41.76 22.80 32.49
CA LYS C 33 -43.17 23.18 32.70
C LYS C 33 -43.27 24.67 32.67
N GLN C 34 -42.23 25.35 33.16
CA GLN C 34 -42.20 26.74 32.99
C GLN C 34 -41.93 27.39 31.68
N GLU C 35 -41.29 26.63 30.80
CA GLU C 35 -41.14 27.00 29.41
C GLU C 35 -42.21 26.38 28.51
N ASP C 36 -43.41 26.15 29.07
CA ASP C 36 -44.60 25.70 28.32
C ASP C 36 -44.38 24.39 27.52
N VAL C 37 -43.62 23.48 28.11
CA VAL C 37 -43.42 22.15 27.58
C VAL C 37 -43.92 21.22 28.67
N ASN C 38 -45.15 20.76 28.44
CA ASN C 38 -45.93 19.95 29.37
C ASN C 38 -45.73 18.43 29.24
N SER C 39 -45.20 18.02 28.09
CA SER C 39 -44.94 16.63 27.77
C SER C 39 -43.86 16.55 26.72
N LEU C 40 -43.50 15.33 26.38
CA LEU C 40 -42.38 15.08 25.49
C LEU C 40 -42.47 13.62 25.01
N THR C 41 -42.21 13.43 23.74
CA THR C 41 -42.30 12.13 23.16
C THR C 41 -40.93 11.91 22.63
N ILE C 42 -40.24 10.96 23.25
CA ILE C 42 -38.90 10.58 22.88
C ILE C 42 -38.98 9.26 22.12
N LEU C 43 -38.34 9.21 20.96
CA LEU C 43 -38.31 8.03 20.09
C LEU C 43 -36.91 7.41 20.16
N VAL C 44 -36.86 6.16 20.59
CA VAL C 44 -35.62 5.48 20.80
C VAL C 44 -35.47 4.61 19.56
N MET C 45 -34.33 4.72 18.91
CA MET C 45 -34.08 3.98 17.70
C MET C 45 -32.61 3.61 17.67
N GLY C 46 -32.28 2.65 16.81
CA GLY C 46 -30.90 2.34 16.54
C GLY C 46 -30.75 0.92 16.10
N LYS C 47 -29.52 0.48 15.91
CA LYS C 47 -29.26 -0.88 15.43
C LYS C 47 -29.74 -1.83 16.50
N GLY C 48 -29.72 -3.11 16.19
CA GLY C 48 -30.16 -4.14 17.14
C GLY C 48 -29.15 -4.50 18.21
N GLY C 49 -29.63 -4.76 19.42
CA GLY C 49 -28.77 -5.29 20.48
C GLY C 49 -27.85 -4.25 21.07
N VAL C 50 -28.14 -2.98 20.81
CA VAL C 50 -27.32 -1.88 21.32
C VAL C 50 -27.73 -1.40 22.70
N GLY C 51 -28.89 -1.88 23.19
CA GLY C 51 -29.44 -1.42 24.48
C GLY C 51 -30.53 -0.35 24.44
N LYS C 52 -31.32 -0.36 23.37
CA LYS C 52 -32.51 0.54 23.28
C LYS C 52 -33.43 0.26 24.44
N SER C 53 -33.94 -0.97 24.51
CA SER C 53 -34.94 -1.33 25.53
C SER C 53 -34.43 -1.16 26.98
N SER C 54 -33.14 -1.40 27.23
CA SER C 54 -32.61 -1.27 28.58
C SER C 54 -32.59 0.22 28.99
N THR C 55 -32.34 1.11 28.04
CA THR C 55 -32.32 2.54 28.31
C THR C 55 -33.77 2.98 28.61
N VAL C 56 -34.75 2.40 27.94
CA VAL C 56 -36.14 2.80 28.24
C VAL C 56 -36.45 2.31 29.64
N ASN C 57 -36.06 1.08 29.97
CA ASN C 57 -36.24 0.58 31.34
C ASN C 57 -35.53 1.45 32.39
N SER C 58 -34.35 2.00 32.07
CA SER C 58 -33.64 2.88 33.00
C SER C 58 -34.35 4.22 33.17
N ILE C 59 -34.75 4.86 32.09
CA ILE C 59 -35.38 6.17 32.19
C ILE C 59 -36.69 6.07 33.00
N ILE C 60 -37.57 5.18 32.59
CA ILE C 60 -38.80 4.96 33.31
C ILE C 60 -38.56 4.32 34.69
N GLY C 61 -37.34 3.91 34.97
CA GLY C 61 -37.06 3.21 36.24
C GLY C 61 -37.93 1.99 36.62
N GLU C 62 -38.40 1.26 35.62
CA GLU C 62 -39.15 0.01 35.80
C GLU C 62 -38.67 -1.04 34.76
N ARG C 63 -39.06 -2.31 34.92
CA ARG C 63 -38.89 -3.27 33.82
C ARG C 63 -40.12 -3.31 32.92
N VAL C 64 -40.39 -2.20 32.21
CA VAL C 64 -41.57 -2.11 31.34
C VAL C 64 -41.44 -2.80 29.99
N VAL C 65 -40.22 -2.97 29.50
CA VAL C 65 -39.99 -3.57 28.18
C VAL C 65 -39.01 -4.74 28.29
N SER C 66 -39.13 -5.68 27.35
CA SER C 66 -38.30 -6.88 27.36
C SER C 66 -36.88 -6.60 26.94
N ILE C 67 -35.96 -7.36 27.50
CA ILE C 67 -34.59 -7.27 27.04
C ILE C 67 -34.11 -8.67 26.74
N SER C 68 -33.83 -8.94 25.45
CA SER C 68 -33.22 -10.23 25.08
C SER C 68 -31.75 -10.05 24.71
N PRO C 69 -30.89 -10.83 25.38
CA PRO C 69 -29.47 -10.67 25.23
C PRO C 69 -28.87 -11.57 24.16
N PHE C 70 -29.72 -12.35 23.46
CA PHE C 70 -29.28 -13.28 22.38
C PHE C 70 -30.08 -13.17 21.10
N GLN C 71 -31.38 -12.96 21.21
CA GLN C 71 -32.21 -12.91 20.03
C GLN C 71 -33.14 -11.70 20.00
N SER C 72 -34.44 -11.90 19.87
CA SER C 72 -35.20 -10.89 19.25
C SER C 72 -35.82 -9.76 19.96
N GLU C 73 -37.14 -9.63 20.10
CA GLU C 73 -38.21 -10.32 19.40
C GLU C 73 -38.39 -9.86 17.91
N GLY C 74 -38.45 -8.56 17.58
CA GLY C 74 -38.87 -7.43 18.44
C GLY C 74 -40.39 -7.50 18.53
N PRO C 75 -41.08 -7.54 17.35
CA PRO C 75 -40.92 -6.67 16.17
C PRO C 75 -41.98 -5.58 16.42
N ARG C 76 -41.63 -4.66 17.31
CA ARG C 76 -42.34 -4.46 18.59
C ARG C 76 -43.12 -3.21 19.05
N PRO C 77 -43.11 -2.06 18.32
CA PRO C 77 -42.99 -0.79 19.06
C PRO C 77 -43.99 -0.50 20.19
N VAL C 78 -43.46 -0.01 21.31
CA VAL C 78 -44.16 0.18 22.56
C VAL C 78 -43.99 1.63 23.05
N MET C 79 -45.09 2.32 23.33
CA MET C 79 -44.99 3.55 24.10
C MET C 79 -45.18 3.39 25.60
N VAL C 80 -44.36 4.08 26.37
CA VAL C 80 -44.43 4.02 27.81
C VAL C 80 -44.61 5.45 28.24
N SER C 81 -45.75 5.72 28.88
CA SER C 81 -46.03 7.04 29.35
C SER C 81 -45.99 7.01 30.83
N ARG C 82 -45.28 7.95 31.42
CA ARG C 82 -45.27 8.20 32.86
C ARG C 82 -45.39 9.70 33.11
N SER C 83 -45.98 10.06 34.25
CA SER C 83 -46.25 11.43 34.58
C SER C 83 -45.66 11.80 35.91
N ARG C 84 -45.25 13.05 36.06
CA ARG C 84 -44.83 13.60 37.37
C ARG C 84 -44.81 15.11 37.37
N ALA C 85 -45.34 15.67 38.45
CA ALA C 85 -45.36 17.13 38.65
C ALA C 85 -45.98 17.81 37.43
N GLY C 86 -47.07 17.23 36.93
CA GLY C 86 -47.79 17.77 35.78
C GLY C 86 -47.12 17.63 34.43
N PHE C 87 -46.10 16.79 34.31
CA PHE C 87 -45.37 16.63 33.05
C PHE C 87 -45.44 15.18 32.61
N THR C 88 -45.63 14.90 31.32
CA THR C 88 -45.77 13.51 30.85
C THR C 88 -44.60 13.11 29.93
N LEU C 89 -43.85 12.09 30.34
CA LEU C 89 -42.87 11.50 29.49
C LEU C 89 -43.65 10.46 28.72
N ASN C 90 -43.46 10.45 27.42
CA ASN C 90 -43.90 9.39 26.54
C ASN C 90 -42.65 8.95 25.82
N ILE C 91 -42.27 7.70 25.99
CA ILE C 91 -41.05 7.19 25.37
C ILE C 91 -41.39 5.92 24.57
N ILE C 92 -40.99 5.88 23.31
CA ILE C 92 -41.38 4.80 22.41
C ILE C 92 -40.15 3.95 22.12
N ASP C 93 -40.20 2.69 22.58
CA ASP C 93 -39.16 1.71 22.31
C ASP C 93 -39.47 1.04 20.96
N THR C 94 -38.45 0.86 20.13
CA THR C 94 -38.66 0.40 18.79
C THR C 94 -37.75 -0.81 18.56
N PRO C 95 -38.11 -1.64 17.59
CA PRO C 95 -37.23 -2.72 17.17
C PRO C 95 -36.05 -2.13 16.42
N GLY C 96 -34.92 -2.84 16.42
CA GLY C 96 -33.69 -2.37 15.75
C GLY C 96 -33.91 -2.17 14.26
N LEU C 97 -33.15 -1.30 13.62
CA LEU C 97 -33.49 -0.94 12.24
C LEU C 97 -32.89 -1.83 11.14
N ILE C 98 -31.88 -2.59 11.50
CA ILE C 98 -30.86 -2.91 10.54
C ILE C 98 -30.43 -4.36 10.60
N GLU C 99 -31.16 -5.24 9.91
CA GLU C 99 -30.82 -6.69 9.83
C GLU C 99 -29.78 -7.09 8.81
N GLY C 100 -28.86 -7.94 9.27
CA GLY C 100 -27.66 -8.25 8.53
C GLY C 100 -27.02 -6.91 8.21
N GLY C 101 -26.84 -6.65 6.93
CA GLY C 101 -26.26 -5.40 6.47
C GLY C 101 -27.22 -4.48 5.76
N TYR C 102 -28.52 -4.74 5.89
CA TYR C 102 -29.56 -3.95 5.25
C TYR C 102 -30.57 -3.49 6.25
N ILE C 103 -31.36 -2.49 5.88
CA ILE C 103 -32.40 -1.98 6.74
C ILE C 103 -33.47 -3.00 6.76
N ASN C 104 -33.99 -3.28 7.95
CA ASN C 104 -35.19 -4.10 8.13
C ASN C 104 -36.42 -3.30 7.75
N ASP C 105 -36.76 -3.30 6.47
CA ASP C 105 -37.90 -2.51 6.00
C ASP C 105 -39.27 -2.85 6.66
N MET C 106 -39.39 -4.01 7.28
CA MET C 106 -40.61 -4.36 8.03
C MET C 106 -40.71 -3.63 9.36
N ALA C 107 -39.58 -3.61 10.07
CA ALA C 107 -39.43 -2.93 11.32
C ALA C 107 -39.77 -1.46 11.09
N LEU C 108 -39.11 -0.90 10.09
CA LEU C 108 -39.22 0.48 9.78
C LEU C 108 -40.65 0.86 9.36
N ASN C 109 -41.32 0.02 8.58
CA ASN C 109 -42.70 0.35 8.18
C ASN C 109 -43.61 0.33 9.41
N ILE C 110 -43.48 -0.70 10.24
CA ILE C 110 -44.13 -0.75 11.55
C ILE C 110 -43.84 0.46 12.44
N ILE C 111 -42.59 0.94 12.44
CA ILE C 111 -42.23 2.12 13.25
C ILE C 111 -42.99 3.33 12.72
N LYS C 112 -42.94 3.47 11.41
CA LYS C 112 -43.64 4.54 10.73
C LYS C 112 -45.13 4.45 10.97
N SER C 113 -45.71 3.29 10.79
CA SER C 113 -47.13 3.11 11.09
C SER C 113 -47.50 3.63 12.46
N PHE C 114 -46.75 3.12 13.43
CA PHE C 114 -46.99 3.37 14.84
C PHE C 114 -46.91 4.83 15.22
N LEU C 115 -46.16 5.63 14.48
CA LEU C 115 -45.90 7.02 14.86
C LEU C 115 -46.91 8.00 14.26
N LEU C 116 -47.85 7.45 13.50
CA LEU C 116 -48.80 8.26 12.78
C LEU C 116 -49.53 9.21 13.69
N ASP C 117 -49.60 10.46 13.20
CA ASP C 117 -50.12 11.59 13.92
C ASP C 117 -49.58 11.75 15.34
N LYS C 118 -48.34 11.33 15.60
CA LYS C 118 -47.64 11.70 16.84
C LYS C 118 -46.64 12.79 16.54
N THR C 119 -46.10 13.38 17.61
CA THR C 119 -45.08 14.40 17.53
C THR C 119 -43.84 13.98 18.28
N ILE C 120 -42.76 13.74 17.52
CA ILE C 120 -41.47 13.43 18.09
C ILE C 120 -40.83 14.74 18.54
N ASP C 121 -40.55 14.82 19.85
CA ASP C 121 -39.83 15.95 20.41
C ASP C 121 -38.30 15.73 20.49
N VAL C 122 -37.91 14.46 20.63
CA VAL C 122 -36.51 14.08 20.80
C VAL C 122 -36.29 12.71 20.21
N LEU C 123 -35.18 12.55 19.54
CA LEU C 123 -34.79 11.25 18.98
C LEU C 123 -33.58 10.84 19.80
N LEU C 124 -33.75 9.75 20.51
CA LEU C 124 -32.70 9.20 21.25
C LEU C 124 -32.17 8.05 20.40
N TYR C 125 -31.02 8.31 19.76
CA TYR C 125 -30.42 7.35 18.86
C TYR C 125 -29.31 6.58 19.58
N VAL C 126 -29.60 5.32 19.84
CA VAL C 126 -28.81 4.51 20.73
C VAL C 126 -27.83 3.60 19.92
N ASP C 127 -26.58 3.62 20.35
CA ASP C 127 -25.56 2.65 19.95
C ASP C 127 -24.83 2.28 21.25
N ARG C 128 -23.71 1.59 21.10
CA ARG C 128 -22.93 1.03 22.16
C ARG C 128 -21.57 1.71 22.18
N LEU C 129 -20.91 1.81 23.31
CA LEU C 129 -19.74 2.67 23.39
C LEU C 129 -18.58 1.92 22.82
N ASP C 130 -18.39 0.71 23.34
CA ASP C 130 -17.30 -0.16 22.88
C ASP C 130 -17.63 -0.83 21.53
N ALA C 131 -17.70 -0.03 20.48
CA ALA C 131 -17.54 -0.48 19.09
C ALA C 131 -16.34 0.32 18.53
N TYR C 132 -15.47 -0.35 17.78
CA TYR C 132 -14.25 0.27 17.29
C TYR C 132 -14.33 0.65 15.83
N ARG C 133 -15.45 0.31 15.15
CA ARG C 133 -15.67 0.75 13.77
C ARG C 133 -17.08 1.15 13.35
N VAL C 134 -17.09 1.82 12.23
CA VAL C 134 -18.18 2.64 11.82
C VAL C 134 -17.90 2.75 10.34
N ASP C 135 -18.89 2.41 9.52
CA ASP C 135 -18.76 2.24 8.09
C ASP C 135 -20.12 2.58 7.43
N ASN C 136 -20.29 2.36 6.14
CA ASN C 136 -21.53 2.80 5.48
C ASN C 136 -22.85 2.23 6.01
N LEU C 137 -22.81 1.20 6.86
CA LEU C 137 -24.04 0.61 7.41
C LEU C 137 -24.62 1.66 8.32
N ASP C 138 -23.76 2.25 9.12
CA ASP C 138 -24.17 3.28 10.02
C ASP C 138 -24.72 4.40 9.20
N LYS C 139 -24.10 4.66 8.06
CA LYS C 139 -24.63 5.70 7.15
C LYS C 139 -26.04 5.33 6.74
N LEU C 140 -26.26 4.07 6.40
CA LEU C 140 -27.57 3.58 5.96
C LEU C 140 -28.64 3.82 7.02
N VAL C 141 -28.27 3.59 8.28
CA VAL C 141 -29.16 3.82 9.42
C VAL C 141 -29.51 5.30 9.57
N ALA C 142 -28.52 6.17 9.49
CA ALA C 142 -28.80 7.60 9.60
C ALA C 142 -29.75 7.92 8.46
N LYS C 143 -29.49 7.33 7.31
CA LYS C 143 -30.30 7.65 6.15
C LYS C 143 -31.76 7.22 6.22
N ALA C 144 -32.00 5.97 6.65
CA ALA C 144 -33.39 5.45 6.75
C ALA C 144 -34.22 6.39 7.67
N ILE C 145 -33.56 6.84 8.75
CA ILE C 145 -34.18 7.74 9.67
C ILE C 145 -34.48 9.07 8.96
N THR C 146 -33.53 9.54 8.17
CA THR C 146 -33.76 10.77 7.43
C THR C 146 -34.86 10.60 6.40
N ASP C 147 -34.86 9.49 5.68
CA ASP C 147 -36.00 9.25 4.76
C ASP C 147 -37.32 9.13 5.54
N SER C 148 -37.30 8.52 6.72
CA SER C 148 -38.53 8.32 7.44
C SER C 148 -39.21 9.60 8.01
N PHE C 149 -38.43 10.54 8.56
CA PHE C 149 -38.95 11.75 9.19
C PHE C 149 -38.34 13.10 8.75
N GLY C 150 -37.47 13.12 7.75
CA GLY C 150 -36.87 14.35 7.30
C GLY C 150 -35.61 14.78 8.02
N LYS C 151 -34.82 15.61 7.35
CA LYS C 151 -33.54 16.15 7.89
C LYS C 151 -33.70 16.82 9.24
N GLY C 152 -34.94 17.22 9.53
CA GLY C 152 -35.29 18.04 10.70
C GLY C 152 -35.22 17.29 11.97
N ILE C 153 -35.41 15.98 11.90
CA ILE C 153 -35.39 15.17 13.07
C ILE C 153 -34.04 15.23 13.72
N TRP C 154 -32.98 15.54 12.98
CA TRP C 154 -31.65 15.54 13.59
C TRP C 154 -31.42 16.75 14.50
N ASN C 155 -32.15 17.82 14.24
CA ASN C 155 -32.22 18.95 15.17
C ASN C 155 -32.73 18.62 16.56
N LYS C 156 -33.26 17.43 16.79
CA LYS C 156 -33.83 17.02 18.05
C LYS C 156 -33.20 15.74 18.51
N ALA C 157 -32.09 15.39 17.88
CA ALA C 157 -31.45 14.11 18.11
C ALA C 157 -30.46 14.20 19.23
N ILE C 158 -30.31 13.09 19.91
CA ILE C 158 -29.26 12.90 20.88
C ILE C 158 -28.67 11.57 20.55
N VAL C 159 -27.34 11.47 20.54
CA VAL C 159 -26.74 10.12 20.40
C VAL C 159 -26.37 9.60 21.77
N ALA C 160 -26.85 8.41 22.07
CA ALA C 160 -26.72 7.77 23.40
C ALA C 160 -25.89 6.45 23.36
N LEU C 161 -24.63 6.53 23.76
CA LEU C 161 -23.73 5.36 23.79
C LEU C 161 -23.91 4.50 25.08
N THR C 162 -24.48 3.30 24.97
CA THR C 162 -24.71 2.44 26.16
C THR C 162 -23.44 1.76 26.55
N HIS C 163 -23.48 0.95 27.59
CA HIS C 163 -22.29 0.21 28.09
C HIS C 163 -21.14 1.19 28.46
N ALA C 164 -21.46 2.28 29.16
CA ALA C 164 -20.49 3.33 29.42
C ALA C 164 -19.48 2.92 30.48
N GLN C 165 -19.81 1.94 31.34
CA GLN C 165 -18.82 1.46 32.35
C GLN C 165 -17.79 0.55 31.71
N PHE C 166 -16.70 1.14 31.23
CA PHE C 166 -15.83 0.51 30.24
C PHE C 166 -14.43 1.08 30.37
N SER C 167 -13.42 0.22 30.36
CA SER C 167 -12.05 0.68 30.34
C SER C 167 -11.52 0.58 28.94
N PRO C 168 -11.28 1.71 28.28
CA PRO C 168 -10.68 1.57 26.97
C PRO C 168 -9.35 0.83 26.98
N PRO C 169 -8.97 0.24 25.85
CA PRO C 169 -7.76 -0.55 25.80
C PRO C 169 -6.54 0.24 25.40
N ASP C 170 -5.40 -0.36 25.68
CA ASP C 170 -4.08 0.27 25.53
C ASP C 170 -3.94 1.51 26.40
N GLY C 171 -4.56 1.44 27.57
CA GLY C 171 -4.54 2.48 28.58
C GLY C 171 -5.01 3.83 28.08
N LEU C 172 -5.84 3.83 27.04
CA LEU C 172 -6.32 5.07 26.45
C LEU C 172 -7.23 5.72 27.48
N PRO C 173 -7.02 7.02 27.77
CA PRO C 173 -7.85 7.69 28.77
C PRO C 173 -9.33 7.67 28.42
N TYR C 174 -10.18 7.24 29.35
CA TYR C 174 -11.63 7.15 29.11
C TYR C 174 -12.26 8.27 28.25
N ASP C 175 -11.93 9.51 28.53
CA ASP C 175 -12.55 10.64 27.83
C ASP C 175 -12.01 10.72 26.40
N GLU C 176 -10.78 10.23 26.20
CA GLU C 176 -10.17 10.34 24.91
C GLU C 176 -10.82 9.32 23.97
N PHE C 177 -11.13 8.13 24.48
CA PHE C 177 -11.79 7.08 23.71
C PHE C 177 -13.19 7.54 23.34
N PHE C 178 -13.93 8.07 24.31
CA PHE C 178 -15.29 8.57 24.13
C PHE C 178 -15.33 9.68 23.10
N SER C 179 -14.32 10.53 23.16
CA SER C 179 -14.31 11.65 22.24
C SER C 179 -14.12 11.18 20.79
N LYS C 180 -13.28 10.18 20.59
CA LYS C 180 -13.00 9.73 19.24
C LYS C 180 -14.13 8.91 18.66
N ARG C 181 -14.69 8.07 19.50
CA ARG C 181 -15.79 7.22 19.13
C ARG C 181 -16.93 8.11 18.66
N SER C 182 -17.19 9.17 19.45
CA SER C 182 -18.26 10.18 19.22
C SER C 182 -18.03 10.89 17.91
N GLU C 183 -16.78 11.22 17.63
CA GLU C 183 -16.47 12.05 16.49
C GLU C 183 -16.80 11.24 15.26
N ALA C 184 -16.32 10.00 15.30
CA ALA C 184 -16.40 9.10 14.18
C ALA C 184 -17.87 8.79 13.92
N LEU C 185 -18.64 8.57 14.97
CA LEU C 185 -20.05 8.21 14.80
C LEU C 185 -20.86 9.42 14.33
N LEU C 186 -20.53 10.61 14.81
CA LEU C 186 -21.23 11.77 14.34
C LEU C 186 -20.97 12.01 12.83
N GLN C 187 -19.74 11.78 12.36
CA GLN C 187 -19.40 12.05 10.94
C GLN C 187 -20.27 11.16 10.06
N VAL C 188 -20.22 9.89 10.37
CA VAL C 188 -21.01 8.87 9.69
C VAL C 188 -22.56 9.14 9.76
N VAL C 189 -23.09 9.47 10.95
CA VAL C 189 -24.49 9.96 11.08
C VAL C 189 -24.73 11.15 10.16
N ARG C 190 -23.88 12.15 10.24
CA ARG C 190 -24.05 13.34 9.39
C ARG C 190 -23.96 13.02 7.91
N SER C 191 -23.04 12.18 7.50
CA SER C 191 -23.02 11.70 6.14
C SER C 191 -24.30 11.04 5.68
N GLY C 192 -24.75 10.02 6.36
CA GLY C 192 -25.91 9.26 5.91
C GLY C 192 -27.18 10.09 5.94
N ALA C 193 -27.28 10.98 6.93
CA ALA C 193 -28.40 11.89 7.00
C ALA C 193 -28.27 13.04 6.00
N SER C 194 -27.07 13.18 5.42
CA SER C 194 -26.62 14.35 4.59
C SER C 194 -26.94 15.70 5.19
N LEU C 195 -26.33 15.93 6.35
CA LEU C 195 -26.31 17.20 7.06
C LEU C 195 -24.98 17.84 6.70
N LYS C 196 -24.59 18.94 7.36
CA LYS C 196 -23.43 19.79 6.99
C LYS C 196 -22.52 20.18 8.18
N SER C 202 -24.22 22.66 15.18
CA SER C 202 -23.21 21.57 15.31
C SER C 202 -23.13 20.96 16.73
N ASP C 203 -24.12 21.24 17.55
CA ASP C 203 -24.27 20.50 18.76
C ASP C 203 -25.35 19.49 18.41
N ILE C 204 -24.93 18.28 18.09
CA ILE C 204 -25.81 17.12 18.09
C ILE C 204 -25.30 16.23 19.21
N PRO C 205 -25.90 16.33 20.40
CA PRO C 205 -25.21 15.90 21.58
C PRO C 205 -24.95 14.39 21.73
N VAL C 206 -23.90 14.08 22.47
CA VAL C 206 -23.61 12.71 22.76
C VAL C 206 -23.63 12.48 24.26
N VAL C 207 -24.38 11.45 24.69
CA VAL C 207 -24.52 11.11 26.11
C VAL C 207 -24.08 9.70 26.35
N LEU C 208 -23.58 9.41 27.52
CA LEU C 208 -23.14 8.05 27.82
C LEU C 208 -24.21 7.40 28.69
N ILE C 209 -24.54 6.14 28.51
CA ILE C 209 -25.55 5.47 29.33
C ILE C 209 -24.92 4.23 29.93
N GLU C 210 -25.17 3.91 31.19
CA GLU C 210 -24.78 2.58 31.71
C GLU C 210 -25.95 1.91 32.42
N ASN C 211 -26.60 0.99 31.73
CA ASN C 211 -27.82 0.38 32.25
C ASN C 211 -27.59 -0.69 33.27
N SER C 212 -26.35 -1.06 33.49
CA SER C 212 -26.08 -2.23 34.31
C SER C 212 -26.39 -1.93 35.72
N GLY C 213 -26.86 -2.95 36.42
CA GLY C 213 -27.05 -2.85 37.86
C GLY C 213 -25.75 -2.76 38.64
N ARG C 214 -24.67 -3.27 38.07
CA ARG C 214 -23.37 -3.23 38.74
C ARG C 214 -22.60 -1.89 38.54
N CYS C 215 -23.33 -0.87 38.11
CA CYS C 215 -22.74 0.36 37.66
C CYS C 215 -22.25 1.12 38.87
N ASN C 216 -21.05 1.67 38.84
CA ASN C 216 -20.52 2.40 40.00
C ASN C 216 -21.37 3.60 40.47
N LYS C 217 -21.82 3.55 41.71
CA LYS C 217 -22.52 4.66 42.37
C LYS C 217 -21.55 5.75 42.92
N ASN C 218 -22.02 7.00 43.07
CA ASN C 218 -21.19 8.09 43.59
C ASN C 218 -21.48 8.30 45.03
N ASP C 219 -20.90 9.34 45.60
CA ASP C 219 -21.08 9.66 47.03
C ASP C 219 -22.57 9.83 47.44
N SER C 220 -23.40 10.38 46.55
CA SER C 220 -24.83 10.51 46.78
C SER C 220 -25.64 9.29 46.31
N ASP C 221 -24.96 8.26 45.84
CA ASP C 221 -25.61 7.01 45.50
C ASP C 221 -26.27 7.10 44.13
N GLU C 222 -25.86 8.06 43.31
CA GLU C 222 -26.32 8.08 41.91
C GLU C 222 -25.45 7.14 41.06
N LYS C 223 -26.05 6.56 40.03
CA LYS C 223 -25.31 5.86 39.01
C LYS C 223 -24.35 6.85 38.31
N VAL C 224 -23.05 6.59 38.40
CA VAL C 224 -22.08 7.40 37.68
C VAL C 224 -21.16 6.66 36.75
N LEU C 225 -20.82 7.41 35.71
CA LEU C 225 -19.90 7.04 34.65
C LEU C 225 -18.51 7.11 35.22
N PRO C 226 -17.55 6.40 34.59
CA PRO C 226 -16.14 6.51 34.88
C PRO C 226 -15.58 7.90 34.92
N ASN C 227 -16.11 8.83 34.14
CA ASN C 227 -15.56 10.20 34.17
C ASN C 227 -16.22 10.99 35.24
N GLY C 228 -16.83 10.27 36.18
CA GLY C 228 -17.61 10.82 37.24
C GLY C 228 -18.92 11.54 36.97
N ILE C 229 -19.57 11.48 35.80
CA ILE C 229 -20.86 12.17 35.72
C ILE C 229 -22.03 11.27 36.13
N ALA C 230 -22.97 11.82 36.86
CA ALA C 230 -24.19 11.10 37.16
C ALA C 230 -24.98 11.02 35.85
N TRP C 231 -25.08 9.82 35.28
CA TRP C 231 -25.53 9.72 33.87
C TRP C 231 -27.01 10.09 33.68
N ILE C 232 -27.88 9.71 34.64
CA ILE C 232 -29.34 9.95 34.50
C ILE C 232 -29.70 11.42 34.42
N PRO C 233 -29.22 12.18 35.39
CA PRO C 233 -29.50 13.64 35.37
C PRO C 233 -29.03 14.31 34.08
N HIS C 234 -27.93 13.79 33.56
CA HIS C 234 -27.26 14.40 32.46
C HIS C 234 -28.01 14.08 31.20
N LEU C 235 -28.54 12.88 31.11
CA LEU C 235 -29.40 12.54 29.97
C LEU C 235 -30.69 13.39 29.98
N VAL C 236 -31.29 13.56 31.16
CA VAL C 236 -32.47 14.40 31.27
C VAL C 236 -32.10 15.87 31.03
N GLN C 237 -30.91 16.26 31.42
CA GLN C 237 -30.52 17.63 31.18
C GLN C 237 -30.41 17.88 29.67
N THR C 238 -29.81 16.91 28.96
CA THR C 238 -29.54 17.01 27.53
C THR C 238 -30.88 17.01 26.86
N ILE C 239 -31.74 16.10 27.33
CA ILE C 239 -33.16 16.04 26.90
C ILE C 239 -33.85 17.37 27.04
N THR C 240 -33.61 18.04 28.16
CA THR C 240 -34.20 19.33 28.41
C THR C 240 -33.58 20.31 27.45
N GLU C 241 -32.27 20.30 27.28
CA GLU C 241 -31.63 21.29 26.42
C GLU C 241 -32.17 21.23 24.98
N VAL C 242 -32.34 20.02 24.47
CA VAL C 242 -32.93 19.78 23.15
C VAL C 242 -34.44 20.20 23.09
N ALA C 243 -35.26 19.64 23.96
CA ALA C 243 -36.64 20.08 24.14
C ALA C 243 -36.83 21.61 24.13
N LEU C 244 -35.78 22.35 24.46
CA LEU C 244 -35.90 23.81 24.48
C LEU C 244 -34.95 24.53 23.47
N ASN C 245 -34.42 23.78 22.51
CA ASN C 245 -33.56 24.36 21.52
C ASN C 245 -34.37 25.26 20.55
N LYS C 246 -33.78 25.71 19.44
CA LYS C 246 -34.46 26.62 18.50
C LYS C 246 -35.29 25.92 17.37
N SER C 247 -35.37 24.59 17.41
CA SER C 247 -35.90 23.80 16.30
C SER C 247 -37.24 23.15 16.63
N GLU C 248 -38.05 22.93 15.62
CA GLU C 248 -39.39 22.40 15.90
C GLU C 248 -39.35 20.91 16.11
N SER C 249 -40.30 20.42 16.91
CA SER C 249 -40.65 19.00 16.91
C SER C 249 -41.11 18.59 15.53
N ILE C 250 -41.12 17.28 15.30
CA ILE C 250 -41.43 16.67 14.01
C ILE C 250 -42.76 16.02 14.20
N PHE C 251 -43.68 16.29 13.29
CA PHE C 251 -45.02 15.78 13.38
C PHE C 251 -45.19 14.71 12.27
N VAL C 252 -45.50 13.49 12.68
CA VAL C 252 -45.46 12.35 11.78
C VAL C 252 -46.88 12.12 11.25
N ASP C 253 -47.09 12.52 10.01
CA ASP C 253 -48.36 12.28 9.36
C ASP C 253 -48.19 11.50 8.07
N LYS C 254 -49.31 11.18 7.45
CA LYS C 254 -49.31 10.40 6.23
C LYS C 254 -48.34 11.01 5.23
N ASN C 255 -48.32 12.33 5.14
CA ASN C 255 -47.59 13.01 4.08
C ASN C 255 -46.13 13.29 4.45
N LEU C 256 -45.56 12.47 5.34
CA LEU C 256 -44.13 12.53 5.76
C LEU C 256 -43.51 11.15 5.74
N ILE C 257 -44.22 10.18 6.29
CA ILE C 257 -43.92 8.77 6.07
C ILE C 257 -43.75 8.47 4.56
N ASP C 258 -44.87 8.64 3.82
CA ASP C 258 -45.04 8.14 2.47
C ASP C 258 -44.57 9.16 1.44
N THR D 7 10.34 -10.85 8.10
CA THR D 7 11.36 -11.90 7.81
C THR D 7 11.52 -13.01 8.89
N VAL D 8 12.63 -13.76 8.80
CA VAL D 8 13.02 -14.86 9.71
C VAL D 8 12.49 -14.89 11.15
N ARG D 9 12.56 -13.72 11.77
CA ARG D 9 13.04 -13.48 13.16
C ARG D 9 12.94 -14.55 14.24
N GLY D 10 13.77 -14.37 15.26
CA GLY D 10 13.62 -15.10 16.50
C GLY D 10 12.35 -14.65 17.21
N TRP D 11 11.70 -15.59 17.86
CA TRP D 11 10.48 -15.33 18.58
C TRP D 11 10.77 -14.76 19.97
N SER D 12 11.32 -13.56 20.02
CA SER D 12 11.47 -12.76 21.25
C SER D 12 10.27 -12.79 22.20
N GLY D 13 9.09 -12.64 21.61
CA GLY D 13 7.86 -12.37 22.34
C GLY D 13 7.51 -13.44 23.35
N ILE D 14 7.96 -14.64 23.06
CA ILE D 14 7.61 -15.79 23.88
C ILE D 14 8.31 -15.66 25.24
N ASN D 15 9.39 -14.89 25.32
CA ASN D 15 9.98 -14.48 26.62
C ASN D 15 9.11 -13.54 27.45
N THR D 16 8.07 -12.95 26.84
CA THR D 16 7.18 -12.02 27.55
C THR D 16 6.08 -12.78 28.25
N PHE D 17 5.81 -14.01 27.80
CA PHE D 17 4.81 -14.84 28.45
C PHE D 17 5.26 -15.23 29.83
N ALA D 18 4.31 -15.75 30.59
CA ALA D 18 4.59 -16.22 31.94
C ALA D 18 5.41 -17.51 31.84
N PRO D 19 6.47 -17.64 32.67
CA PRO D 19 7.35 -18.82 32.69
C PRO D 19 6.61 -20.17 32.57
N ALA D 20 5.55 -20.32 33.35
CA ALA D 20 4.69 -21.51 33.30
C ALA D 20 4.17 -21.79 31.88
N THR D 21 3.84 -20.71 31.15
CA THR D 21 3.35 -20.78 29.78
C THR D 21 4.47 -20.88 28.75
N GLN D 22 5.65 -20.35 29.07
CA GLN D 22 6.79 -20.53 28.18
C GLN D 22 7.07 -22.01 28.09
N THR D 23 7.06 -22.64 29.26
CA THR D 23 7.33 -24.06 29.36
C THR D 23 6.21 -24.87 28.70
N LYS D 24 4.95 -24.51 28.89
CA LYS D 24 3.86 -25.22 28.20
C LYS D 24 3.96 -25.16 26.67
N LEU D 25 4.34 -23.98 26.12
CA LEU D 25 4.48 -23.84 24.66
C LEU D 25 5.69 -24.61 24.18
N LEU D 26 6.84 -24.38 24.84
CA LEU D 26 8.06 -25.05 24.38
C LEU D 26 7.84 -26.56 24.23
N GLU D 27 7.12 -27.21 25.14
CA GLU D 27 6.65 -28.58 24.91
C GLU D 27 5.86 -28.67 23.62
N LEU D 28 4.69 -28.02 23.56
CA LEU D 28 3.77 -28.17 22.42
C LEU D 28 4.51 -27.95 21.09
N LEU D 29 5.38 -26.96 21.04
CA LEU D 29 6.30 -26.77 19.90
C LEU D 29 7.27 -27.95 19.71
N GLY D 30 7.54 -28.67 20.79
CA GLY D 30 8.30 -29.91 20.74
C GLY D 30 7.49 -31.06 20.15
N ASN D 31 6.39 -31.46 20.80
CA ASN D 31 5.66 -32.63 20.26
C ASN D 31 5.16 -32.43 18.84
N LEU D 32 5.04 -31.16 18.44
CA LEU D 32 4.76 -30.81 17.06
C LEU D 32 5.98 -31.04 16.19
N LYS D 33 7.09 -30.48 16.68
CA LYS D 33 8.34 -30.37 15.94
C LYS D 33 8.97 -31.69 15.71
N GLN D 34 8.75 -32.62 16.64
CA GLN D 34 9.01 -34.02 16.40
C GLN D 34 8.35 -34.40 15.10
N GLU D 35 7.02 -34.37 15.06
CA GLU D 35 6.32 -35.41 14.33
C GLU D 35 5.47 -35.09 13.08
N ASP D 36 6.02 -34.48 12.03
CA ASP D 36 7.32 -33.83 11.96
C ASP D 36 7.01 -32.53 11.21
N VAL D 37 6.85 -31.43 11.93
CA VAL D 37 6.03 -30.40 11.39
C VAL D 37 6.50 -29.54 10.15
N ASN D 38 7.60 -28.76 10.15
CA ASN D 38 8.30 -28.15 11.28
C ASN D 38 7.80 -26.71 11.45
N SER D 39 6.81 -26.35 10.65
CA SER D 39 6.22 -25.04 10.72
C SER D 39 4.72 -25.21 10.53
N LEU D 40 4.01 -24.13 10.80
CA LEU D 40 2.57 -24.07 10.68
C LEU D 40 2.32 -22.72 10.03
N THR D 41 1.24 -22.57 9.28
CA THR D 41 0.78 -21.24 8.89
C THR D 41 -0.64 -21.04 9.39
N ILE D 42 -0.89 -19.90 10.03
CA ILE D 42 -2.21 -19.63 10.58
C ILE D 42 -2.76 -18.44 9.82
N LEU D 43 -3.99 -18.63 9.33
CA LEU D 43 -4.72 -17.58 8.63
C LEU D 43 -5.74 -17.02 9.58
N VAL D 44 -5.59 -15.75 9.97
CA VAL D 44 -6.50 -15.09 10.90
C VAL D 44 -7.45 -14.25 10.12
N MET D 45 -8.73 -14.50 10.35
CA MET D 45 -9.80 -13.92 9.55
C MET D 45 -11.08 -13.74 10.37
N GLY D 46 -11.86 -12.74 9.96
CA GLY D 46 -13.06 -12.30 10.65
C GLY D 46 -13.58 -10.96 10.09
N LYS D 47 -14.68 -10.50 10.65
CA LYS D 47 -15.26 -9.22 10.29
C LYS D 47 -14.29 -8.18 10.85
N GLY D 48 -14.58 -6.92 10.55
CA GLY D 48 -13.79 -5.81 11.02
C GLY D 48 -13.99 -5.52 12.51
N GLY D 49 -12.88 -5.20 13.15
CA GLY D 49 -12.93 -4.71 14.51
C GLY D 49 -13.22 -5.76 15.55
N VAL D 50 -13.04 -7.03 15.25
CA VAL D 50 -13.32 -8.07 16.24
C VAL D 50 -12.05 -8.48 17.00
N GLY D 51 -10.92 -7.93 16.57
CA GLY D 51 -9.67 -8.13 17.30
C GLY D 51 -8.76 -9.16 16.72
N LYS D 52 -8.73 -9.22 15.39
CA LYS D 52 -7.78 -10.03 14.68
C LYS D 52 -6.30 -9.63 14.98
N SER D 53 -5.93 -8.39 14.65
CA SER D 53 -4.54 -7.95 14.79
C SER D 53 -4.03 -8.08 16.20
N SER D 54 -4.92 -7.89 17.15
CA SER D 54 -4.57 -8.03 18.53
C SER D 54 -4.24 -9.50 18.81
N THR D 55 -5.02 -10.41 18.25
CA THR D 55 -4.81 -11.82 18.49
C THR D 55 -3.49 -12.22 17.82
N VAL D 56 -3.14 -11.64 16.69
CA VAL D 56 -1.80 -11.86 16.13
C VAL D 56 -0.73 -11.42 17.14
N ASN D 57 -0.89 -10.22 17.67
CA ASN D 57 0.09 -9.62 18.61
C ASN D 57 0.25 -10.46 19.88
N SER D 58 -0.84 -10.95 20.46
CA SER D 58 -0.68 -11.66 21.72
C SER D 58 -0.05 -13.04 21.51
N ILE D 59 -0.34 -13.71 20.38
CA ILE D 59 0.33 -14.96 19.98
C ILE D 59 1.85 -14.72 19.76
N ILE D 60 2.19 -13.60 19.13
CA ILE D 60 3.58 -13.34 18.78
C ILE D 60 4.36 -12.80 20.00
N GLY D 61 3.63 -12.32 21.03
CA GLY D 61 4.22 -11.70 22.23
C GLY D 61 4.65 -10.24 22.08
N GLU D 62 4.29 -9.62 20.99
CA GLU D 62 4.80 -8.31 20.73
C GLU D 62 4.01 -7.70 19.61
N ARG D 63 3.92 -6.37 19.65
CA ARG D 63 3.10 -5.57 18.77
C ARG D 63 3.70 -5.50 17.40
N VAL D 64 3.38 -6.49 16.57
CA VAL D 64 3.92 -6.53 15.21
C VAL D 64 2.91 -5.94 14.25
N VAL D 65 1.68 -6.38 14.34
CA VAL D 65 0.63 -5.75 13.56
C VAL D 65 0.16 -4.53 14.31
N SER D 66 -0.17 -3.51 13.53
CA SER D 66 -0.68 -2.22 14.03
C SER D 66 -2.09 -2.45 14.50
N ILE D 67 -2.60 -1.63 15.44
CA ILE D 67 -3.98 -1.86 15.87
C ILE D 67 -4.84 -0.68 16.33
N SER D 68 -5.10 0.33 15.51
CA SER D 68 -6.19 1.32 15.84
C SER D 68 -7.53 0.76 16.38
N PRO D 69 -8.14 1.41 17.41
CA PRO D 69 -9.49 1.09 17.85
C PRO D 69 -10.58 2.04 17.31
N PHE D 70 -10.26 2.87 16.31
CA PHE D 70 -11.24 3.84 15.77
C PHE D 70 -11.53 3.73 14.28
N GLN D 71 -10.53 3.31 13.49
CA GLN D 71 -10.70 3.02 12.05
C GLN D 71 -9.77 1.89 11.54
N SER D 72 -9.71 1.63 10.24
CA SER D 72 -9.50 0.24 9.74
C SER D 72 -8.02 -0.29 9.65
N GLU D 73 -7.14 0.35 8.86
CA GLU D 73 -7.46 1.06 7.61
C GLU D 73 -7.08 0.23 6.34
N GLY D 74 -6.01 -0.55 6.44
CA GLY D 74 -5.16 -0.97 5.27
C GLY D 74 -5.76 -1.06 3.89
N PRO D 75 -6.16 -2.25 3.44
CA PRO D 75 -6.11 -3.60 4.02
C PRO D 75 -4.90 -3.87 5.01
N ARG D 76 -3.69 -4.15 4.51
CA ARG D 76 -3.38 -5.11 3.48
C ARG D 76 -2.89 -6.28 4.33
N PRO D 77 -2.93 -7.50 3.79
CA PRO D 77 -2.46 -8.61 4.58
C PRO D 77 -0.98 -8.53 4.90
N VAL D 78 -0.62 -9.15 6.02
CA VAL D 78 0.77 -9.25 6.41
C VAL D 78 1.03 -10.57 7.07
N MET D 79 2.18 -11.13 6.79
CA MET D 79 2.61 -12.36 7.42
C MET D 79 3.73 -12.03 8.36
N VAL D 80 3.58 -12.49 9.59
CA VAL D 80 4.60 -12.32 10.59
C VAL D 80 5.15 -13.69 10.85
N SER D 81 6.47 -13.84 10.75
CA SER D 81 7.09 -15.16 10.82
C SER D 81 8.15 -15.25 11.87
N ARG D 82 7.94 -16.10 12.88
CA ARG D 82 8.91 -16.24 13.97
C ARG D 82 9.40 -17.66 14.13
N SER D 83 10.69 -17.84 14.46
CA SER D 83 11.28 -19.19 14.72
C SER D 83 11.59 -19.46 16.21
N ARG D 84 11.71 -20.75 16.59
CA ARG D 84 12.13 -21.21 17.93
C ARG D 84 12.27 -22.72 18.03
N ALA D 85 13.43 -23.15 18.54
CA ALA D 85 13.71 -24.54 18.77
C ALA D 85 13.47 -25.28 17.49
N GLY D 86 13.76 -24.66 16.35
CA GLY D 86 13.52 -25.31 15.06
C GLY D 86 12.15 -25.11 14.46
N PHE D 87 11.16 -24.70 15.26
CA PHE D 87 9.82 -24.50 14.75
C PHE D 87 9.62 -23.07 14.19
N THR D 88 8.95 -22.90 13.07
CA THR D 88 8.56 -21.55 12.66
C THR D 88 7.05 -21.40 12.76
N LEU D 89 6.58 -20.27 13.27
CA LEU D 89 5.19 -19.88 13.12
C LEU D 89 5.07 -18.82 12.05
N ASN D 90 4.12 -18.99 11.16
CA ASN D 90 3.78 -17.91 10.24
C ASN D 90 2.32 -17.54 10.40
N ILE D 91 2.07 -16.34 10.99
CA ILE D 91 0.72 -15.77 11.15
C ILE D 91 0.41 -14.75 10.06
N ILE D 92 -0.70 -15.00 9.36
CA ILE D 92 -1.24 -14.08 8.36
C ILE D 92 -2.41 -13.28 8.93
N ASP D 93 -2.23 -11.98 8.95
CA ASP D 93 -3.25 -11.07 9.44
C ASP D 93 -3.84 -10.47 8.18
N THR D 94 -5.13 -10.18 8.27
CA THR D 94 -5.93 -9.86 7.10
C THR D 94 -6.98 -8.87 7.49
N PRO D 95 -7.40 -8.04 6.55
CA PRO D 95 -8.44 -7.04 6.85
C PRO D 95 -9.80 -7.70 7.08
N GLY D 96 -10.73 -6.94 7.64
CA GLY D 96 -12.08 -7.43 7.84
C GLY D 96 -12.72 -7.69 6.51
N LEU D 97 -13.36 -8.85 6.38
CA LEU D 97 -14.05 -9.20 5.13
C LEU D 97 -15.40 -8.51 4.96
N ILE D 98 -15.94 -7.89 6.01
CA ILE D 98 -17.24 -7.21 5.86
C ILE D 98 -17.04 -5.73 5.96
N GLU D 99 -17.81 -4.96 5.22
CA GLU D 99 -17.53 -3.55 5.05
C GLU D 99 -18.72 -3.02 4.33
N GLY D 100 -19.29 -1.90 4.76
CA GLY D 100 -20.75 -1.69 4.48
C GLY D 100 -21.39 -2.93 5.11
N GLY D 101 -22.57 -3.34 4.68
CA GLY D 101 -23.05 -4.65 5.15
C GLY D 101 -22.83 -5.71 4.07
N TYR D 102 -21.64 -5.71 3.48
CA TYR D 102 -21.38 -6.61 2.38
C TYR D 102 -20.02 -7.25 2.60
N ILE D 103 -19.68 -8.21 1.77
CA ILE D 103 -18.32 -8.69 1.75
C ILE D 103 -17.53 -7.56 1.10
N ASN D 104 -16.29 -7.42 1.53
CA ASN D 104 -15.35 -6.51 0.93
C ASN D 104 -14.62 -7.30 -0.13
N ASP D 105 -15.22 -7.33 -1.30
CA ASP D 105 -14.73 -8.14 -2.39
C ASP D 105 -13.26 -7.79 -2.64
N MET D 106 -12.98 -6.50 -2.77
CA MET D 106 -11.63 -6.02 -2.98
C MET D 106 -10.67 -6.51 -1.94
N ALA D 107 -11.09 -6.47 -0.68
CA ALA D 107 -10.27 -7.00 0.42
C ALA D 107 -10.10 -8.51 0.25
N LEU D 108 -11.17 -9.21 -0.06
CA LEU D 108 -11.03 -10.64 -0.29
C LEU D 108 -10.05 -10.95 -1.45
N ASN D 109 -10.12 -10.18 -2.54
CA ASN D 109 -9.27 -10.43 -3.67
C ASN D 109 -7.84 -10.21 -3.25
N ILE D 110 -7.58 -9.05 -2.66
CA ILE D 110 -6.24 -8.77 -2.19
C ILE D 110 -5.76 -9.90 -1.28
N ILE D 111 -6.57 -10.32 -0.30
CA ILE D 111 -6.18 -11.49 0.57
C ILE D 111 -5.82 -12.71 -0.25
N LYS D 112 -6.73 -13.11 -1.11
CA LYS D 112 -6.49 -14.26 -2.01
C LYS D 112 -5.14 -14.19 -2.74
N SER D 113 -4.92 -13.12 -3.52
CA SER D 113 -3.63 -12.88 -4.13
C SER D 113 -2.52 -13.29 -3.19
N PHE D 114 -2.58 -12.79 -1.97
CA PHE D 114 -1.51 -12.87 -1.00
C PHE D 114 -1.25 -14.31 -0.57
N LEU D 115 -2.29 -15.15 -0.54
CA LEU D 115 -2.15 -16.54 -0.10
C LEU D 115 -1.62 -17.42 -1.23
N LEU D 116 -1.28 -16.81 -2.36
CA LEU D 116 -1.00 -17.58 -3.56
C LEU D 116 0.34 -18.27 -3.38
N ASP D 117 0.31 -19.58 -3.55
CA ASP D 117 1.46 -20.45 -3.32
C ASP D 117 1.79 -20.62 -1.85
N LYS D 118 0.97 -20.07 -0.97
CA LYS D 118 1.10 -20.39 0.44
C LYS D 118 0.29 -21.67 0.76
N THR D 119 0.46 -22.13 2.01
CA THR D 119 -0.24 -23.29 2.57
C THR D 119 -0.83 -22.94 3.95
N ILE D 120 -2.12 -23.16 4.07
CA ILE D 120 -2.86 -22.81 5.26
C ILE D 120 -3.02 -24.06 6.09
N ASP D 121 -2.41 -24.06 7.26
CA ASP D 121 -2.48 -25.21 8.17
C ASP D 121 -3.62 -25.05 9.15
N VAL D 122 -3.91 -23.81 9.52
CA VAL D 122 -4.95 -23.49 10.49
C VAL D 122 -5.61 -22.16 10.15
N LEU D 123 -6.95 -22.17 10.21
CA LEU D 123 -7.77 -21.00 10.03
C LEU D 123 -8.26 -20.63 11.42
N LEU D 124 -7.86 -19.44 11.85
CA LEU D 124 -8.34 -18.78 13.06
C LEU D 124 -9.45 -17.80 12.67
N TYR D 125 -10.68 -18.22 12.98
CA TYR D 125 -11.89 -17.42 12.79
C TYR D 125 -12.15 -16.61 14.02
N VAL D 126 -11.86 -15.33 13.99
CA VAL D 126 -11.96 -14.49 15.18
C VAL D 126 -13.32 -13.76 15.16
N ASP D 127 -13.78 -13.34 16.33
CA ASP D 127 -15.04 -12.61 16.56
C ASP D 127 -15.08 -12.32 18.06
N ARG D 128 -15.95 -11.39 18.51
CA ARG D 128 -16.04 -11.03 19.94
C ARG D 128 -16.98 -11.96 20.72
N LEU D 129 -16.65 -12.22 21.98
CA LEU D 129 -17.56 -12.93 22.92
C LEU D 129 -18.73 -12.02 23.28
N ASP D 130 -18.39 -10.76 23.57
CA ASP D 130 -19.37 -9.83 24.08
C ASP D 130 -20.26 -9.24 22.99
N ALA D 131 -20.82 -10.10 22.16
CA ALA D 131 -21.75 -9.71 21.12
C ALA D 131 -23.00 -10.47 21.45
N TYR D 132 -24.14 -9.91 21.04
CA TYR D 132 -25.45 -10.41 21.40
C TYR D 132 -26.24 -10.94 20.23
N ARG D 133 -25.76 -10.73 19.02
CA ARG D 133 -26.45 -11.16 17.81
C ARG D 133 -25.53 -11.93 16.84
N VAL D 134 -26.14 -12.88 16.15
CA VAL D 134 -25.54 -13.55 15.02
C VAL D 134 -26.45 -13.23 13.82
N ASP D 135 -25.90 -12.84 12.69
CA ASP D 135 -26.76 -12.58 11.52
C ASP D 135 -26.12 -12.93 10.16
N ASN D 136 -26.81 -12.63 9.05
CA ASN D 136 -26.27 -12.82 7.69
C ASN D 136 -24.80 -12.36 7.47
N LEU D 137 -24.39 -11.29 8.16
CA LEU D 137 -23.04 -10.76 8.02
C LEU D 137 -21.99 -11.77 8.47
N ASP D 138 -22.33 -12.58 9.51
CA ASP D 138 -21.54 -13.76 9.92
C ASP D 138 -21.66 -14.90 8.90
N LYS D 139 -22.89 -15.21 8.52
CA LYS D 139 -23.15 -16.12 7.42
C LYS D 139 -22.26 -15.73 6.23
N LEU D 140 -22.25 -14.44 5.83
CA LEU D 140 -21.46 -14.00 4.67
C LEU D 140 -19.96 -14.29 4.85
N VAL D 141 -19.45 -14.17 6.05
CA VAL D 141 -18.04 -14.37 6.23
C VAL D 141 -17.68 -15.86 5.96
N ALA D 142 -18.46 -16.80 6.51
CA ALA D 142 -18.20 -18.26 6.30
C ALA D 142 -18.33 -18.61 4.84
N LYS D 143 -19.37 -18.06 4.24
CA LYS D 143 -19.66 -18.27 2.84
C LYS D 143 -18.47 -17.87 2.01
N ALA D 144 -17.92 -16.69 2.26
CA ALA D 144 -16.79 -16.18 1.46
C ALA D 144 -15.53 -16.93 1.75
N ILE D 145 -15.36 -17.43 2.98
CA ILE D 145 -14.17 -18.24 3.29
C ILE D 145 -14.30 -19.53 2.54
N THR D 146 -15.45 -20.19 2.63
CA THR D 146 -15.66 -21.41 1.87
C THR D 146 -15.54 -21.20 0.36
N ASP D 147 -16.10 -20.11 -0.17
CA ASP D 147 -16.00 -19.79 -1.60
C ASP D 147 -14.57 -19.63 -2.09
N SER D 148 -13.66 -19.26 -1.22
CA SER D 148 -12.33 -18.94 -1.65
C SER D 148 -11.36 -20.09 -1.42
N PHE D 149 -11.50 -20.86 -0.34
CA PHE D 149 -10.57 -21.98 -0.13
C PHE D 149 -11.19 -23.35 0.00
N GLY D 150 -12.51 -23.43 -0.08
CA GLY D 150 -13.19 -24.72 -0.07
C GLY D 150 -13.55 -25.20 1.31
N LYS D 151 -14.69 -25.90 1.39
CA LYS D 151 -15.19 -26.56 2.61
C LYS D 151 -14.10 -27.24 3.45
N GLY D 152 -13.03 -27.66 2.78
CA GLY D 152 -11.86 -28.25 3.42
C GLY D 152 -11.30 -27.44 4.57
N ILE D 153 -11.37 -26.12 4.47
CA ILE D 153 -10.69 -25.28 5.44
C ILE D 153 -11.26 -25.42 6.83
N TRP D 154 -12.53 -25.76 6.92
CA TRP D 154 -13.18 -25.86 8.22
C TRP D 154 -12.72 -27.07 9.06
N ASN D 155 -12.08 -28.05 8.42
CA ASN D 155 -11.43 -29.12 9.18
C ASN D 155 -10.08 -28.65 9.73
N LYS D 156 -9.70 -27.40 9.43
CA LYS D 156 -8.48 -26.80 9.98
C LYS D 156 -8.76 -25.57 10.86
N ALA D 157 -10.06 -25.30 11.09
CA ALA D 157 -10.52 -24.07 11.70
C ALA D 157 -10.65 -24.17 13.20
N ILE D 158 -10.47 -23.03 13.86
CA ILE D 158 -10.84 -22.82 15.27
C ILE D 158 -11.52 -21.46 15.37
N VAL D 159 -12.64 -21.37 16.07
CA VAL D 159 -13.28 -20.08 16.29
C VAL D 159 -12.68 -19.51 17.56
N ALA D 160 -12.01 -18.37 17.42
CA ALA D 160 -11.45 -17.64 18.54
C ALA D 160 -12.44 -16.54 18.90
N LEU D 161 -12.87 -16.48 20.16
CA LEU D 161 -13.72 -15.40 20.64
C LEU D 161 -12.98 -14.46 21.64
N THR D 162 -12.79 -13.20 21.22
CA THR D 162 -12.09 -12.20 21.98
C THR D 162 -12.97 -11.44 23.02
N HIS D 163 -12.37 -10.50 23.72
CA HIS D 163 -12.96 -9.91 24.90
C HIS D 163 -13.52 -11.01 25.83
N ALA D 164 -12.71 -12.00 26.15
CA ALA D 164 -13.23 -13.14 26.91
C ALA D 164 -13.38 -12.88 28.42
N GLN D 165 -12.74 -11.81 28.89
CA GLN D 165 -12.79 -11.41 30.30
C GLN D 165 -13.90 -10.41 30.50
N PHE D 166 -15.09 -10.90 30.76
CA PHE D 166 -16.25 -10.06 30.60
C PHE D 166 -17.43 -10.58 31.40
N SER D 167 -18.16 -9.66 32.03
CA SER D 167 -19.33 -10.01 32.82
C SER D 167 -20.56 -9.99 31.96
N PRO D 168 -21.13 -11.16 31.71
CA PRO D 168 -22.38 -11.15 30.99
C PRO D 168 -23.37 -10.28 31.71
N PRO D 169 -24.31 -9.71 30.97
CA PRO D 169 -25.28 -8.81 31.56
C PRO D 169 -26.41 -9.64 32.09
N ASP D 170 -27.42 -9.00 32.68
CA ASP D 170 -28.62 -9.66 33.20
C ASP D 170 -28.22 -10.65 34.31
N GLY D 171 -26.97 -10.59 34.75
CA GLY D 171 -26.45 -11.60 35.66
C GLY D 171 -26.44 -13.02 35.13
N LEU D 172 -26.62 -13.21 33.80
CA LEU D 172 -26.46 -14.54 33.11
C LEU D 172 -25.05 -15.06 33.38
N PRO D 173 -24.92 -16.32 33.81
CA PRO D 173 -23.59 -16.82 34.21
C PRO D 173 -22.64 -17.07 33.04
N TYR D 174 -21.37 -16.73 33.25
CA TYR D 174 -20.32 -16.82 32.21
C TYR D 174 -20.43 -18.03 31.26
N ASP D 175 -20.51 -19.24 31.81
CA ASP D 175 -20.57 -20.48 31.05
C ASP D 175 -21.81 -20.58 30.19
N GLU D 176 -22.92 -20.17 30.79
CA GLU D 176 -24.24 -20.13 30.12
C GLU D 176 -24.23 -19.21 28.88
N PHE D 177 -23.60 -18.06 29.05
CA PHE D 177 -23.48 -17.08 27.98
C PHE D 177 -22.68 -17.66 26.83
N PHE D 178 -21.45 -18.02 27.18
CA PHE D 178 -20.47 -18.57 26.27
C PHE D 178 -21.06 -19.71 25.48
N SER D 179 -21.73 -20.58 26.19
CA SER D 179 -22.31 -21.72 25.58
C SER D 179 -23.38 -21.36 24.57
N LYS D 180 -24.27 -20.43 24.93
CA LYS D 180 -25.32 -19.93 24.03
C LYS D 180 -24.77 -19.17 22.84
N ARG D 181 -23.67 -18.46 23.04
CA ARG D 181 -23.02 -17.80 21.92
C ARG D 181 -22.29 -18.73 20.98
N SER D 182 -21.43 -19.58 21.54
CA SER D 182 -20.77 -20.59 20.73
C SER D 182 -21.76 -21.24 19.79
N GLU D 183 -22.92 -21.63 20.30
CA GLU D 183 -23.86 -22.44 19.52
C GLU D 183 -24.49 -21.56 18.51
N ALA D 184 -24.85 -20.34 18.92
CA ALA D 184 -25.39 -19.35 18.01
C ALA D 184 -24.45 -19.23 16.83
N LEU D 185 -23.17 -18.96 17.11
CA LEU D 185 -22.19 -18.60 16.07
C LEU D 185 -21.80 -19.78 15.14
N LEU D 186 -21.61 -20.96 15.72
CA LEU D 186 -21.31 -22.15 14.94
C LEU D 186 -22.47 -22.58 14.05
N GLN D 187 -23.73 -22.30 14.42
CA GLN D 187 -24.86 -22.61 13.55
C GLN D 187 -24.76 -21.78 12.26
N VAL D 188 -24.47 -20.50 12.37
CA VAL D 188 -24.44 -19.61 11.20
C VAL D 188 -23.17 -19.74 10.37
N VAL D 189 -22.06 -20.11 11.00
CA VAL D 189 -20.83 -20.51 10.29
C VAL D 189 -21.07 -21.79 9.46
N ARG D 190 -21.45 -22.87 10.14
CA ARG D 190 -21.90 -24.09 9.43
C ARG D 190 -22.97 -23.81 8.37
N SER D 191 -23.98 -23.01 8.67
CA SER D 191 -25.00 -22.67 7.68
C SER D 191 -24.40 -21.93 6.47
N GLY D 192 -23.66 -20.86 6.74
CA GLY D 192 -22.90 -20.16 5.72
C GLY D 192 -21.90 -21.02 4.98
N ALA D 193 -21.50 -22.16 5.56
CA ALA D 193 -20.22 -22.79 5.21
C ALA D 193 -20.05 -23.83 4.09
N SER D 194 -21.01 -24.64 3.64
CA SER D 194 -22.29 -24.93 4.25
C SER D 194 -22.36 -26.43 4.70
N LEU D 195 -21.55 -26.79 5.71
CA LEU D 195 -21.36 -28.19 6.17
C LEU D 195 -22.50 -28.94 6.89
N LYS D 196 -23.06 -28.26 7.87
CA LYS D 196 -23.32 -28.82 9.21
C LYS D 196 -23.55 -30.33 9.50
N LYS D 197 -24.82 -30.62 9.77
CA LYS D 197 -25.27 -31.40 10.95
C LYS D 197 -24.53 -32.67 11.41
N ASP D 198 -23.82 -33.35 10.53
CA ASP D 198 -23.63 -34.81 10.66
C ASP D 198 -22.57 -35.31 11.69
N ALA D 199 -21.26 -35.43 11.45
CA ALA D 199 -20.54 -35.45 10.14
C ALA D 199 -20.55 -34.11 9.42
N ALA D 201 -17.86 -34.89 16.70
CA ALA D 201 -16.65 -34.32 17.32
C ALA D 201 -15.77 -33.48 16.34
N SER D 202 -16.40 -32.55 15.59
CA SER D 202 -15.80 -31.89 14.38
C SER D 202 -14.66 -30.86 14.59
N ASP D 203 -14.88 -29.82 15.41
CA ASP D 203 -16.17 -29.65 16.06
C ASP D 203 -17.04 -28.45 15.67
N ILE D 204 -16.49 -27.31 15.19
CA ILE D 204 -15.08 -26.98 15.22
C ILE D 204 -14.80 -26.65 16.68
N PRO D 205 -13.53 -26.71 17.11
CA PRO D 205 -13.33 -26.23 18.47
C PRO D 205 -13.56 -24.71 18.52
N VAL D 206 -13.70 -24.17 19.72
CA VAL D 206 -13.99 -22.75 19.95
C VAL D 206 -13.09 -22.36 21.13
N VAL D 207 -12.28 -21.32 21.00
CA VAL D 207 -11.38 -20.92 22.08
C VAL D 207 -11.67 -19.49 22.48
N LEU D 208 -11.24 -19.10 23.68
CA LEU D 208 -11.50 -17.77 24.27
C LEU D 208 -10.22 -17.01 24.38
N ILE D 209 -10.16 -15.80 23.83
CA ILE D 209 -8.96 -14.96 23.87
C ILE D 209 -9.24 -13.74 24.74
N GLU D 210 -8.19 -13.21 25.37
CA GLU D 210 -8.25 -11.92 26.05
C GLU D 210 -6.98 -11.14 25.79
N ASN D 211 -6.99 -10.42 24.69
CA ASN D 211 -5.87 -9.66 24.21
C ASN D 211 -5.52 -8.50 25.08
N SER D 212 -6.45 -8.12 25.96
CA SER D 212 -6.22 -7.02 26.85
C SER D 212 -5.02 -7.30 27.73
N GLY D 213 -4.04 -6.40 27.69
CA GLY D 213 -2.87 -6.54 28.52
C GLY D 213 -3.43 -6.86 29.90
N ARG D 214 -4.45 -6.09 30.29
CA ARG D 214 -5.09 -6.30 31.56
C ARG D 214 -6.11 -7.38 31.85
N CYS D 215 -5.56 -8.49 32.38
CA CYS D 215 -6.21 -9.76 32.46
C CYS D 215 -5.87 -10.42 33.82
N ASN D 216 -6.82 -11.20 34.36
CA ASN D 216 -6.69 -11.75 35.72
C ASN D 216 -5.77 -12.98 35.79
N ASP D 221 2.86 -14.94 36.04
CA ASP D 221 1.51 -14.46 35.75
C ASP D 221 0.50 -15.57 35.53
N GLU D 222 0.74 -16.37 34.48
CA GLU D 222 -0.29 -16.82 33.46
C GLU D 222 -1.79 -16.49 33.62
N LYS D 223 -2.34 -16.00 32.52
CA LYS D 223 -3.62 -15.32 32.52
C LYS D 223 -4.79 -16.28 32.68
N VAL D 224 -5.44 -16.24 33.84
CA VAL D 224 -6.67 -17.01 34.08
C VAL D 224 -7.85 -16.30 33.39
N LEU D 225 -8.69 -17.07 32.71
CA LEU D 225 -9.94 -16.56 32.17
C LEU D 225 -11.01 -16.61 33.28
N PRO D 226 -12.23 -16.13 33.00
CA PRO D 226 -13.31 -16.36 33.97
C PRO D 226 -13.85 -17.80 34.03
N ASN D 227 -13.55 -18.63 33.04
CA ASN D 227 -13.79 -20.07 33.20
C ASN D 227 -12.56 -20.81 33.77
N GLY D 228 -11.64 -20.03 34.36
CA GLY D 228 -10.41 -20.55 34.98
C GLY D 228 -9.25 -20.82 34.01
N ILE D 229 -9.60 -21.38 32.85
CA ILE D 229 -8.63 -21.95 31.90
C ILE D 229 -7.70 -20.88 31.29
N ALA D 230 -6.41 -20.95 31.68
CA ALA D 230 -5.35 -20.06 31.17
C ALA D 230 -5.19 -20.15 29.65
N TRP D 231 -5.49 -19.06 28.93
CA TRP D 231 -5.80 -19.12 27.50
C TRP D 231 -4.65 -19.30 26.52
N ILE D 232 -3.51 -18.64 26.72
CA ILE D 232 -2.44 -18.65 25.69
C ILE D 232 -1.92 -20.06 25.43
N PRO D 233 -1.68 -20.83 26.48
CA PRO D 233 -1.36 -22.25 26.24
C PRO D 233 -2.53 -23.10 25.71
N HIS D 234 -3.75 -22.81 26.12
CA HIS D 234 -4.93 -23.51 25.59
C HIS D 234 -5.07 -23.35 24.09
N LEU D 235 -4.81 -22.15 23.60
CA LEU D 235 -4.89 -21.87 22.18
C LEU D 235 -3.82 -22.62 21.40
N VAL D 236 -2.55 -22.45 21.78
CA VAL D 236 -1.44 -23.14 21.12
C VAL D 236 -1.62 -24.67 21.22
N GLN D 237 -2.18 -25.14 22.33
CA GLN D 237 -2.58 -26.53 22.39
C GLN D 237 -3.57 -26.89 21.30
N THR D 238 -4.64 -26.11 21.21
CA THR D 238 -5.72 -26.40 20.28
C THR D 238 -5.27 -26.19 18.85
N ILE D 239 -4.30 -25.28 18.63
CA ILE D 239 -3.67 -25.16 17.31
C ILE D 239 -2.93 -26.47 16.96
N THR D 240 -2.13 -27.04 17.87
CA THR D 240 -1.38 -28.29 17.52
C THR D 240 -2.32 -29.49 17.34
N GLU D 241 -3.40 -29.60 18.11
CA GLU D 241 -4.36 -30.71 17.87
C GLU D 241 -5.02 -30.59 16.50
N VAL D 242 -5.25 -29.37 16.00
CA VAL D 242 -5.70 -29.16 14.61
C VAL D 242 -4.59 -29.42 13.58
N ALA D 243 -3.43 -28.81 13.76
CA ALA D 243 -2.29 -29.04 12.83
C ALA D 243 -1.92 -30.50 12.76
N LEU D 244 -2.17 -31.23 13.85
CA LEU D 244 -1.98 -32.66 13.92
C LEU D 244 -3.23 -33.49 13.65
N ASN D 245 -4.38 -32.89 13.39
CA ASN D 245 -5.57 -33.73 13.15
C ASN D 245 -5.41 -34.51 11.85
N LYS D 246 -6.39 -35.35 11.54
CA LYS D 246 -6.27 -36.07 10.32
C LYS D 246 -6.39 -35.42 8.95
N SER D 247 -6.87 -34.19 8.93
CA SER D 247 -7.22 -33.54 7.68
C SER D 247 -6.03 -32.84 7.02
N GLU D 248 -6.21 -32.54 5.74
CA GLU D 248 -5.16 -32.01 4.89
C GLU D 248 -5.15 -30.54 5.07
N SER D 249 -4.09 -29.92 4.58
CA SER D 249 -3.88 -28.50 4.71
C SER D 249 -4.06 -27.93 3.33
N ILE D 250 -4.58 -26.72 3.21
CA ILE D 250 -5.07 -26.23 1.95
C ILE D 250 -3.99 -25.44 1.20
N PHE D 251 -3.26 -26.09 0.31
CA PHE D 251 -2.35 -25.34 -0.55
C PHE D 251 -3.20 -24.35 -1.35
N VAL D 252 -2.78 -23.10 -1.49
CA VAL D 252 -3.58 -22.10 -2.22
C VAL D 252 -2.96 -21.74 -3.57
N ASP D 253 -3.42 -22.42 -4.62
CA ASP D 253 -3.08 -22.13 -6.03
C ASP D 253 -4.25 -21.38 -6.72
N LYS D 254 -4.07 -20.87 -7.95
CA LYS D 254 -5.25 -20.29 -8.64
C LYS D 254 -6.23 -21.35 -9.12
N ASN D 255 -5.75 -22.58 -9.21
CA ASN D 255 -6.64 -23.71 -9.40
C ASN D 255 -7.80 -23.66 -8.41
N LEU D 256 -7.51 -23.30 -7.15
CA LEU D 256 -8.55 -23.26 -6.08
C LEU D 256 -9.06 -21.86 -5.78
N ILE D 257 -8.23 -20.85 -5.98
CA ILE D 257 -8.75 -19.48 -6.07
C ILE D 257 -9.85 -19.43 -7.11
N ASP D 258 -9.58 -20.16 -8.22
CA ASP D 258 -10.13 -20.02 -9.60
C ASP D 258 -10.95 -18.81 -10.03
N VAL E 8 -52.49 -5.53 -27.56
CA VAL E 8 -51.88 -6.62 -28.39
C VAL E 8 -52.31 -6.58 -29.86
N ARG E 9 -51.44 -6.00 -30.68
CA ARG E 9 -51.65 -5.86 -32.12
C ARG E 9 -50.52 -6.52 -32.94
N GLY E 10 -49.42 -6.79 -32.30
CA GLY E 10 -48.31 -7.38 -33.00
C GLY E 10 -47.87 -6.76 -34.29
N TRP E 11 -46.82 -7.31 -34.84
CA TRP E 11 -45.52 -7.35 -34.20
C TRP E 11 -44.86 -6.96 -35.50
N SER E 12 -45.39 -5.88 -36.04
CA SER E 12 -45.08 -5.50 -37.39
C SER E 12 -43.62 -5.10 -37.49
N GLY E 13 -42.98 -4.86 -36.35
CA GLY E 13 -41.57 -4.50 -36.33
C GLY E 13 -40.63 -5.60 -36.76
N ILE E 14 -41.03 -6.87 -36.54
CA ILE E 14 -40.36 -7.96 -37.26
C ILE E 14 -40.24 -7.58 -38.75
N ASN E 15 -41.27 -7.00 -39.33
CA ASN E 15 -41.19 -6.71 -40.75
C ASN E 15 -40.01 -5.80 -41.09
N THR E 16 -39.51 -5.04 -40.14
CA THR E 16 -38.40 -4.14 -40.43
C THR E 16 -36.98 -4.70 -40.12
N PHE E 17 -36.93 -5.92 -39.62
CA PHE E 17 -35.67 -6.65 -39.54
C PHE E 17 -35.18 -7.25 -40.85
N ALA E 18 -33.88 -7.48 -40.93
CA ALA E 18 -33.31 -8.26 -41.99
C ALA E 18 -34.17 -9.52 -42.18
N PRO E 19 -34.44 -9.90 -43.41
CA PRO E 19 -35.09 -11.20 -43.52
C PRO E 19 -34.36 -12.35 -42.86
N ALA E 20 -33.04 -12.30 -42.90
CA ALA E 20 -32.23 -13.37 -42.30
C ALA E 20 -32.60 -13.47 -40.82
N THR E 21 -32.71 -12.32 -40.16
CA THR E 21 -33.17 -12.25 -38.78
C THR E 21 -34.63 -12.66 -38.63
N GLN E 22 -35.50 -12.25 -39.54
CA GLN E 22 -36.93 -12.59 -39.38
C GLN E 22 -37.09 -14.11 -39.30
N THR E 23 -36.43 -14.83 -40.21
CA THR E 23 -36.49 -16.29 -40.25
C THR E 23 -36.14 -16.94 -38.89
N LYS E 24 -34.96 -16.64 -38.34
CA LYS E 24 -34.51 -17.28 -37.09
C LYS E 24 -35.52 -16.89 -36.04
N LEU E 25 -35.86 -15.63 -36.07
CA LEU E 25 -36.80 -15.16 -35.11
C LEU E 25 -38.11 -15.98 -35.16
N LEU E 26 -38.57 -16.29 -36.36
CA LEU E 26 -39.87 -16.95 -36.52
C LEU E 26 -39.78 -18.43 -36.26
N GLU E 27 -38.64 -19.06 -36.56
CA GLU E 27 -38.38 -20.45 -36.19
C GLU E 27 -38.40 -20.58 -34.69
N LEU E 28 -37.81 -19.62 -33.97
CA LEU E 28 -37.89 -19.58 -32.51
C LEU E 28 -39.33 -19.42 -31.98
N LEU E 29 -40.12 -18.51 -32.53
CA LEU E 29 -41.53 -18.41 -32.08
C LEU E 29 -42.24 -19.74 -32.35
N GLY E 30 -41.84 -20.44 -33.40
CA GLY E 30 -42.37 -21.79 -33.64
C GLY E 30 -41.89 -22.76 -32.58
N ASN E 31 -40.63 -22.67 -32.22
CA ASN E 31 -40.08 -23.53 -31.24
C ASN E 31 -40.95 -23.47 -30.02
N LEU E 32 -41.26 -22.26 -29.58
CA LEU E 32 -41.92 -22.06 -28.30
C LEU E 32 -43.29 -22.65 -28.44
N LYS E 33 -43.96 -22.33 -29.53
CA LYS E 33 -45.28 -22.92 -29.76
C LYS E 33 -45.32 -24.45 -29.73
N GLN E 34 -44.46 -25.14 -30.47
CA GLN E 34 -44.47 -26.62 -30.39
C GLN E 34 -44.34 -27.04 -28.93
N GLU E 35 -43.61 -26.27 -28.13
CA GLU E 35 -43.37 -26.62 -26.70
C GLU E 35 -44.38 -26.03 -25.68
N ASP E 36 -45.55 -25.61 -26.20
CA ASP E 36 -46.67 -25.17 -25.37
C ASP E 36 -46.37 -23.88 -24.59
N VAL E 37 -45.49 -23.05 -25.14
CA VAL E 37 -45.31 -21.70 -24.65
C VAL E 37 -45.90 -20.64 -25.62
N ASN E 38 -47.17 -20.28 -25.44
CA ASN E 38 -47.84 -19.38 -26.41
C ASN E 38 -47.62 -17.87 -26.24
N SER E 39 -46.87 -17.51 -25.22
CA SER E 39 -46.58 -16.13 -24.90
C SER E 39 -45.43 -16.10 -23.88
N LEU E 40 -44.67 -15.01 -23.89
CA LEU E 40 -43.60 -14.81 -22.91
C LEU E 40 -43.74 -13.35 -22.37
N THR E 41 -43.61 -13.19 -21.05
CA THR E 41 -43.67 -11.86 -20.45
C THR E 41 -42.33 -11.58 -19.83
N ILE E 42 -41.63 -10.61 -20.44
CA ILE E 42 -40.26 -10.35 -20.16
C ILE E 42 -40.18 -9.00 -19.46
N LEU E 43 -39.60 -8.98 -18.26
CA LEU E 43 -39.43 -7.77 -17.46
C LEU E 43 -38.01 -7.27 -17.65
N VAL E 44 -37.87 -6.07 -18.19
CA VAL E 44 -36.56 -5.52 -18.39
C VAL E 44 -36.30 -4.50 -17.32
N MET E 45 -35.19 -4.69 -16.60
CA MET E 45 -34.89 -3.86 -15.40
C MET E 45 -33.43 -3.41 -15.45
N GLY E 46 -33.12 -2.43 -14.62
CA GLY E 46 -31.72 -2.14 -14.38
C GLY E 46 -31.50 -0.79 -13.78
N LYS E 47 -30.24 -0.39 -13.64
CA LYS E 47 -29.93 0.98 -13.18
C LYS E 47 -30.43 1.96 -14.24
N GLY E 48 -30.26 3.24 -14.02
CA GLY E 48 -30.84 4.20 -14.92
C GLY E 48 -29.90 4.54 -16.03
N GLY E 49 -30.42 4.87 -17.20
CA GLY E 49 -29.62 5.29 -18.38
C GLY E 49 -28.69 4.22 -19.01
N VAL E 50 -29.07 2.93 -18.93
CA VAL E 50 -28.25 1.84 -19.48
C VAL E 50 -28.81 1.28 -20.80
N GLY E 51 -29.99 1.74 -21.20
CA GLY E 51 -30.57 1.29 -22.48
C GLY E 51 -31.68 0.25 -22.44
N LYS E 52 -32.41 0.18 -21.33
CA LYS E 52 -33.61 -0.66 -21.21
C LYS E 52 -34.61 -0.32 -22.31
N SER E 53 -35.05 0.93 -22.35
CA SER E 53 -36.03 1.34 -23.35
C SER E 53 -35.50 1.24 -24.80
N SER E 54 -34.32 1.77 -25.05
CA SER E 54 -33.66 1.56 -26.31
C SER E 54 -33.67 0.07 -26.71
N THR E 55 -33.58 -0.82 -25.73
CA THR E 55 -33.61 -2.24 -25.97
C THR E 55 -35.03 -2.69 -26.23
N VAL E 56 -36.01 -2.21 -25.46
CA VAL E 56 -37.41 -2.58 -25.74
C VAL E 56 -37.77 -2.17 -27.16
N ASN E 57 -37.34 -0.99 -27.59
CA ASN E 57 -37.66 -0.56 -28.96
C ASN E 57 -36.99 -1.43 -30.00
N SER E 58 -35.71 -1.71 -29.83
CA SER E 58 -35.04 -2.65 -30.74
C SER E 58 -35.79 -3.98 -30.83
N ILE E 59 -36.18 -4.59 -29.71
CA ILE E 59 -36.96 -5.85 -29.74
C ILE E 59 -38.32 -5.67 -30.42
N ILE E 60 -39.14 -4.73 -29.98
CA ILE E 60 -40.45 -4.59 -30.59
C ILE E 60 -40.29 -4.18 -32.04
N GLY E 61 -39.27 -3.41 -32.36
CA GLY E 61 -39.10 -2.98 -33.73
C GLY E 61 -39.82 -1.69 -34.07
N GLU E 62 -40.29 -1.01 -33.04
CA GLU E 62 -40.82 0.33 -33.17
C GLU E 62 -40.23 1.19 -32.09
N ARG E 63 -40.48 2.48 -32.19
CA ARG E 63 -40.08 3.42 -31.15
C ARG E 63 -41.30 3.63 -30.28
N VAL E 64 -41.48 2.74 -29.33
CA VAL E 64 -42.71 2.64 -28.57
C VAL E 64 -42.62 3.29 -27.21
N VAL E 65 -41.41 3.52 -26.73
CA VAL E 65 -41.17 4.09 -25.38
C VAL E 65 -40.12 5.19 -25.52
N SER E 66 -40.20 6.25 -24.72
CA SER E 66 -39.24 7.38 -24.88
C SER E 66 -37.89 6.95 -24.40
N ILE E 67 -36.88 7.38 -25.13
CA ILE E 67 -35.54 7.23 -24.62
C ILE E 67 -35.15 8.62 -24.19
N SER E 68 -34.09 8.73 -23.41
CA SER E 68 -33.63 10.03 -22.90
C SER E 68 -32.12 10.01 -22.62
N PRO E 69 -31.37 10.92 -23.27
CA PRO E 69 -29.94 10.93 -23.00
C PRO E 69 -29.54 11.84 -21.85
N PHE E 70 -30.49 12.46 -21.14
CA PHE E 70 -30.14 13.54 -20.20
C PHE E 70 -30.70 13.39 -18.82
N GLN E 71 -32.03 13.29 -18.70
CA GLN E 71 -32.62 13.04 -17.38
C GLN E 71 -33.47 11.78 -17.26
N SER E 72 -34.78 11.87 -17.10
CA SER E 72 -35.45 10.81 -16.31
C SER E 72 -36.95 10.90 -16.07
N GLU E 73 -37.74 11.04 -17.11
CA GLU E 73 -39.20 11.19 -16.94
C GLU E 73 -39.78 10.26 -15.86
N GLY E 74 -39.72 8.98 -16.18
CA GLY E 74 -40.64 7.94 -15.74
C GLY E 74 -41.67 8.36 -14.72
N PRO E 75 -41.72 7.66 -13.58
CA PRO E 75 -41.30 6.27 -13.52
C PRO E 75 -41.97 5.45 -14.65
N ARG E 76 -43.29 5.64 -14.75
CA ARG E 76 -44.25 4.59 -15.04
C ARG E 76 -43.88 3.44 -15.94
N PRO E 77 -43.93 2.23 -15.41
CA PRO E 77 -43.65 1.06 -16.22
C PRO E 77 -44.66 0.91 -17.35
N VAL E 78 -44.20 0.29 -18.43
CA VAL E 78 -45.01 0.09 -19.63
C VAL E 78 -44.90 -1.36 -20.09
N MET E 79 -46.05 -1.92 -20.47
CA MET E 79 -46.15 -3.19 -21.15
C MET E 79 -46.53 -2.95 -22.61
N VAL E 80 -45.56 -3.21 -23.48
CA VAL E 80 -45.78 -3.23 -24.92
C VAL E 80 -46.03 -4.70 -25.23
N SER E 81 -47.21 -5.02 -25.75
CA SER E 81 -47.54 -6.38 -26.17
C SER E 81 -47.69 -6.40 -27.68
N ARG E 82 -47.01 -7.36 -28.30
CA ARG E 82 -47.06 -7.61 -29.76
C ARG E 82 -47.15 -9.12 -30.01
N SER E 83 -47.68 -9.52 -31.14
CA SER E 83 -48.02 -10.93 -31.38
C SER E 83 -47.78 -11.41 -32.81
N ARG E 84 -47.45 -12.68 -32.97
CA ARG E 84 -47.06 -13.16 -34.27
C ARG E 84 -47.08 -14.66 -34.32
N ALA E 85 -47.90 -15.20 -35.21
CA ALA E 85 -47.84 -16.62 -35.54
C ALA E 85 -48.29 -17.38 -34.34
N GLY E 86 -49.30 -16.83 -33.67
CA GLY E 86 -49.90 -17.48 -32.51
C GLY E 86 -49.25 -17.13 -31.20
N PHE E 87 -48.04 -16.53 -31.25
CA PHE E 87 -47.25 -16.17 -30.04
C PHE E 87 -47.43 -14.72 -29.63
N THR E 88 -47.50 -14.47 -28.34
CA THR E 88 -47.56 -13.09 -27.86
C THR E 88 -46.37 -12.71 -26.96
N LEU E 89 -45.68 -11.61 -27.32
CA LEU E 89 -44.62 -11.10 -26.54
C LEU E 89 -45.17 -9.94 -25.74
N ASN E 90 -44.98 -9.97 -24.41
CA ASN E 90 -45.27 -8.87 -23.53
C ASN E 90 -43.99 -8.46 -22.87
N ILE E 91 -43.54 -7.24 -23.20
CA ILE E 91 -42.26 -6.79 -22.72
C ILE E 91 -42.57 -5.56 -21.92
N ILE E 92 -42.03 -5.53 -20.69
CA ILE E 92 -42.34 -4.51 -19.68
C ILE E 92 -41.06 -3.69 -19.36
N ASP E 93 -41.11 -2.42 -19.74
CA ASP E 93 -40.07 -1.46 -19.50
C ASP E 93 -40.28 -0.81 -18.15
N THR E 94 -39.18 -0.56 -17.46
CA THR E 94 -39.28 -0.07 -16.10
C THR E 94 -38.36 1.16 -15.93
N PRO E 95 -38.69 2.02 -14.96
CA PRO E 95 -37.75 3.05 -14.48
C PRO E 95 -36.56 2.42 -13.77
N GLY E 96 -35.40 3.06 -13.90
CA GLY E 96 -34.18 2.59 -13.27
C GLY E 96 -34.44 2.44 -11.79
N LEU E 97 -33.90 1.38 -11.20
CA LEU E 97 -34.02 1.09 -9.76
C LEU E 97 -33.18 1.94 -8.80
N ILE E 98 -32.15 2.59 -9.32
CA ILE E 98 -31.18 3.28 -8.52
C ILE E 98 -31.41 4.76 -8.68
N GLU E 99 -31.25 5.47 -7.58
CA GLU E 99 -31.24 6.91 -7.55
C GLU E 99 -30.13 7.34 -6.60
N GLY E 100 -29.23 8.15 -7.13
CA GLY E 100 -28.01 8.46 -6.43
C GLY E 100 -27.33 7.14 -6.16
N GLY E 101 -27.09 6.85 -4.90
CA GLY E 101 -26.45 5.61 -4.48
C GLY E 101 -27.31 4.71 -3.64
N TYR E 102 -28.60 5.03 -3.60
CA TYR E 102 -29.59 4.21 -2.94
C TYR E 102 -30.61 3.77 -3.91
N ILE E 103 -31.25 2.69 -3.53
CA ILE E 103 -32.43 2.17 -4.19
C ILE E 103 -33.56 3.20 -4.19
N ASN E 104 -34.17 3.44 -5.34
CA ASN E 104 -35.32 4.34 -5.45
C ASN E 104 -36.58 3.56 -5.14
N ASP E 105 -37.04 3.66 -3.92
CA ASP E 105 -38.17 2.86 -3.50
C ASP E 105 -39.51 3.15 -4.16
N MET E 106 -39.74 4.42 -4.54
CA MET E 106 -40.95 4.81 -5.27
C MET E 106 -41.04 4.11 -6.63
N ALA E 107 -39.92 4.12 -7.36
CA ALA E 107 -39.87 3.43 -8.61
C ALA E 107 -40.02 1.93 -8.35
N LEU E 108 -39.40 1.39 -7.30
CA LEU E 108 -39.50 -0.02 -7.06
C LEU E 108 -40.93 -0.46 -6.69
N ASN E 109 -41.61 0.35 -5.90
CA ASN E 109 -42.93 -0.06 -5.39
C ASN E 109 -44.00 0.07 -6.49
N ILE E 110 -43.83 1.08 -7.36
CA ILE E 110 -44.64 1.24 -8.58
C ILE E 110 -44.55 0.03 -9.50
N ILE E 111 -43.32 -0.43 -9.73
CA ILE E 111 -43.06 -1.64 -10.51
C ILE E 111 -43.71 -2.87 -9.88
N LYS E 112 -43.60 -3.00 -8.56
CA LYS E 112 -44.23 -4.12 -7.86
C LYS E 112 -45.74 -4.06 -8.07
N SER E 113 -46.36 -2.93 -7.75
CA SER E 113 -47.77 -2.74 -8.12
C SER E 113 -48.08 -3.13 -9.57
N PHE E 114 -47.37 -2.55 -10.52
CA PHE E 114 -47.67 -2.79 -11.92
C PHE E 114 -47.59 -4.27 -12.27
N LEU E 115 -46.77 -5.03 -11.57
CA LEU E 115 -46.61 -6.45 -11.89
C LEU E 115 -47.56 -7.35 -11.13
N LEU E 116 -48.64 -6.79 -10.59
CA LEU E 116 -49.46 -7.56 -9.68
C LEU E 116 -50.29 -8.49 -10.49
N ASP E 117 -50.13 -9.77 -10.18
CA ASP E 117 -50.86 -10.91 -10.80
C ASP E 117 -50.34 -11.35 -12.14
N LYS E 118 -49.24 -10.74 -12.59
CA LYS E 118 -48.59 -11.12 -13.83
C LYS E 118 -47.60 -12.21 -13.55
N THR E 119 -47.17 -12.87 -14.60
CA THR E 119 -46.16 -13.91 -14.49
C THR E 119 -44.96 -13.47 -15.31
N ILE E 120 -43.83 -13.25 -14.62
CA ILE E 120 -42.57 -12.99 -15.29
C ILE E 120 -42.03 -14.33 -15.77
N ASP E 121 -41.82 -14.45 -17.08
CA ASP E 121 -41.25 -15.66 -17.65
C ASP E 121 -39.73 -15.51 -17.92
N VAL E 122 -39.31 -14.29 -18.24
CA VAL E 122 -37.90 -13.95 -18.41
C VAL E 122 -37.59 -12.60 -17.83
N LEU E 123 -36.49 -12.51 -17.07
CA LEU E 123 -35.96 -11.22 -16.61
C LEU E 123 -34.76 -10.82 -17.43
N LEU E 124 -34.88 -9.65 -18.02
CA LEU E 124 -33.81 -9.10 -18.79
C LEU E 124 -33.22 -7.99 -17.94
N TYR E 125 -32.05 -8.28 -17.34
CA TYR E 125 -31.37 -7.25 -16.52
C TYR E 125 -30.44 -6.52 -17.42
N VAL E 126 -30.64 -5.21 -17.59
CA VAL E 126 -29.82 -4.37 -18.49
C VAL E 126 -28.69 -3.57 -17.75
N ASP E 127 -27.48 -3.67 -18.28
CA ASP E 127 -26.38 -2.78 -17.86
C ASP E 127 -25.70 -2.29 -19.12
N ARG E 128 -24.50 -1.72 -19.04
CA ARG E 128 -23.83 -1.17 -20.22
C ARG E 128 -22.50 -1.81 -20.35
N LEU E 129 -22.15 -2.20 -21.57
CA LEU E 129 -20.84 -2.89 -21.82
C LEU E 129 -19.62 -2.08 -21.29
N ASP E 130 -19.64 -0.79 -21.60
CA ASP E 130 -18.45 0.03 -21.40
C ASP E 130 -18.49 0.76 -20.04
N ALA E 131 -18.62 -0.02 -18.97
CA ALA E 131 -18.44 0.45 -17.62
C ALA E 131 -17.22 -0.30 -17.14
N TYR E 132 -16.45 0.30 -16.25
CA TYR E 132 -15.20 -0.28 -15.83
C TYR E 132 -15.21 -0.76 -14.40
N ARG E 133 -16.28 -0.47 -13.65
CA ARG E 133 -16.35 -0.80 -12.21
C ARG E 133 -17.65 -1.48 -11.81
N VAL E 134 -17.54 -2.33 -10.83
CA VAL E 134 -18.71 -2.82 -10.12
C VAL E 134 -18.45 -2.82 -8.62
N ASP E 135 -19.49 -2.69 -7.83
CA ASP E 135 -19.28 -2.53 -6.40
C ASP E 135 -20.54 -2.80 -5.61
N ASN E 136 -20.55 -2.45 -4.32
CA ASN E 136 -21.79 -2.59 -3.62
C ASN E 136 -23.10 -2.08 -4.17
N LEU E 137 -23.04 -1.03 -4.99
CA LEU E 137 -24.23 -0.46 -5.56
C LEU E 137 -24.90 -1.53 -6.43
N ASP E 138 -24.06 -2.19 -7.21
CA ASP E 138 -24.54 -3.24 -8.05
C ASP E 138 -25.02 -4.41 -7.21
N LYS E 139 -24.41 -4.64 -6.04
CA LYS E 139 -24.94 -5.68 -5.19
C LYS E 139 -26.35 -5.32 -4.72
N LEU E 140 -26.57 -4.04 -4.44
CA LEU E 140 -27.88 -3.53 -3.98
C LEU E 140 -29.01 -3.87 -4.98
N VAL E 141 -28.80 -3.53 -6.26
CA VAL E 141 -29.79 -3.75 -7.27
C VAL E 141 -30.19 -5.22 -7.26
N ALA E 142 -29.21 -6.09 -7.38
CA ALA E 142 -29.46 -7.54 -7.31
C ALA E 142 -30.30 -7.95 -6.06
N LYS E 143 -29.99 -7.43 -4.90
CA LYS E 143 -30.80 -7.69 -3.70
C LYS E 143 -32.27 -7.16 -3.85
N ALA E 144 -32.37 -5.88 -4.21
CA ALA E 144 -33.61 -5.23 -4.56
C ALA E 144 -34.56 -6.14 -5.34
N ILE E 145 -34.03 -6.68 -6.43
CA ILE E 145 -34.77 -7.59 -7.28
C ILE E 145 -35.06 -8.88 -6.53
N THR E 146 -34.05 -9.46 -5.85
CA THR E 146 -34.29 -10.72 -5.15
C THR E 146 -35.40 -10.57 -4.10
N ASP E 147 -35.31 -9.52 -3.30
CA ASP E 147 -36.36 -9.21 -2.33
C ASP E 147 -37.73 -9.01 -2.96
N SER E 148 -37.75 -8.36 -4.11
CA SER E 148 -39.00 -8.04 -4.74
C SER E 148 -39.71 -9.27 -5.33
N PHE E 149 -38.94 -10.14 -5.97
CA PHE E 149 -39.52 -11.25 -6.71
C PHE E 149 -39.06 -12.64 -6.35
N GLY E 150 -38.21 -12.79 -5.33
CA GLY E 150 -37.65 -14.11 -4.96
C GLY E 150 -36.40 -14.49 -5.72
N LYS E 151 -35.53 -15.30 -5.10
CA LYS E 151 -34.29 -15.81 -5.77
C LYS E 151 -34.58 -16.56 -7.05
N GLY E 152 -35.76 -17.14 -7.15
CA GLY E 152 -36.17 -17.83 -8.33
C GLY E 152 -36.16 -16.98 -9.57
N ILE E 153 -36.32 -15.67 -9.40
CA ILE E 153 -36.29 -14.82 -10.56
C ILE E 153 -35.00 -14.98 -11.32
N TRP E 154 -33.87 -15.26 -10.64
CA TRP E 154 -32.55 -15.38 -11.30
C TRP E 154 -32.34 -16.62 -12.18
N ASN E 155 -33.13 -17.65 -11.99
CA ASN E 155 -33.18 -18.75 -12.93
C ASN E 155 -33.89 -18.38 -14.21
N LYS E 156 -34.38 -17.14 -14.32
CA LYS E 156 -35.04 -16.68 -15.51
C LYS E 156 -34.37 -15.45 -15.97
N ALA E 157 -33.13 -15.25 -15.59
CA ALA E 157 -32.48 -13.98 -15.83
C ALA E 157 -31.56 -14.09 -17.02
N ILE E 158 -31.63 -13.09 -17.89
CA ILE E 158 -30.56 -12.85 -18.85
C ILE E 158 -29.99 -11.52 -18.51
N VAL E 159 -28.66 -11.41 -18.43
CA VAL E 159 -28.04 -10.09 -18.34
C VAL E 159 -27.69 -9.65 -19.74
N ALA E 160 -28.11 -8.41 -20.07
CA ALA E 160 -27.99 -7.80 -21.37
C ALA E 160 -27.17 -6.54 -21.27
N LEU E 161 -25.92 -6.55 -21.72
CA LEU E 161 -25.09 -5.35 -21.74
C LEU E 161 -25.22 -4.54 -23.06
N THR E 162 -25.77 -3.34 -22.98
CA THR E 162 -25.90 -2.46 -24.17
C THR E 162 -24.60 -1.80 -24.57
N HIS E 163 -24.67 -0.94 -25.60
CA HIS E 163 -23.54 -0.23 -26.19
C HIS E 163 -22.45 -1.20 -26.64
N ALA E 164 -22.83 -2.27 -27.34
CA ALA E 164 -21.88 -3.36 -27.63
C ALA E 164 -20.94 -3.05 -28.80
N GLN E 165 -21.19 -1.97 -29.52
CA GLN E 165 -20.25 -1.58 -30.58
C GLN E 165 -19.18 -0.69 -30.03
N PHE E 166 -18.06 -1.27 -29.66
CA PHE E 166 -17.17 -0.58 -28.75
C PHE E 166 -15.80 -1.16 -28.86
N SER E 167 -14.80 -0.31 -28.96
CA SER E 167 -13.45 -0.78 -28.99
C SER E 167 -12.78 -0.64 -27.62
N PRO E 168 -12.47 -1.77 -26.97
CA PRO E 168 -11.76 -1.67 -25.72
C PRO E 168 -10.36 -1.02 -25.86
N PRO E 169 -9.95 -0.26 -24.83
CA PRO E 169 -8.72 0.48 -24.82
C PRO E 169 -7.50 -0.42 -24.59
N ASP E 170 -6.31 0.08 -24.92
CA ASP E 170 -5.05 -0.71 -24.93
C ASP E 170 -5.11 -1.96 -25.76
N GLY E 171 -5.82 -1.87 -26.88
CA GLY E 171 -6.00 -2.99 -27.80
C GLY E 171 -6.31 -4.26 -27.04
N LEU E 172 -7.15 -4.15 -26.01
CA LEU E 172 -7.57 -5.30 -25.28
C LEU E 172 -8.53 -5.94 -26.24
N PRO E 173 -8.32 -7.22 -26.58
CA PRO E 173 -9.25 -7.82 -27.49
C PRO E 173 -10.71 -7.66 -27.04
N TYR E 174 -11.57 -7.26 -27.94
CA TYR E 174 -12.96 -7.15 -27.63
C TYR E 174 -13.54 -8.31 -26.83
N ASP E 175 -13.21 -9.52 -27.19
CA ASP E 175 -13.89 -10.63 -26.56
C ASP E 175 -13.37 -10.74 -25.14
N GLU E 176 -12.07 -10.56 -24.95
CA GLU E 176 -11.48 -10.60 -23.61
C GLU E 176 -12.11 -9.61 -22.64
N PHE E 177 -12.31 -8.40 -23.13
CA PHE E 177 -12.99 -7.35 -22.40
C PHE E 177 -14.39 -7.83 -21.98
N PHE E 178 -15.14 -8.34 -22.97
CA PHE E 178 -16.49 -8.79 -22.75
C PHE E 178 -16.52 -9.87 -21.68
N SER E 179 -15.61 -10.81 -21.83
CA SER E 179 -15.41 -11.85 -20.88
C SER E 179 -15.12 -11.35 -19.47
N LYS E 180 -14.18 -10.43 -19.26
CA LYS E 180 -13.90 -9.90 -17.91
C LYS E 180 -15.08 -9.05 -17.37
N ARG E 181 -15.64 -8.20 -18.20
CA ARG E 181 -16.76 -7.40 -17.74
C ARG E 181 -17.88 -8.34 -17.22
N SER E 182 -18.31 -9.32 -18.03
CA SER E 182 -19.33 -10.30 -17.64
C SER E 182 -19.03 -11.07 -16.34
N GLU E 183 -17.79 -11.53 -16.22
CA GLU E 183 -17.33 -12.26 -15.05
C GLU E 183 -17.59 -11.38 -13.83
N ALA E 184 -17.16 -10.11 -13.86
CA ALA E 184 -17.25 -9.20 -12.72
C ALA E 184 -18.68 -8.90 -12.38
N LEU E 185 -19.44 -8.43 -13.34
CA LEU E 185 -20.84 -8.13 -13.12
C LEU E 185 -21.62 -9.33 -12.61
N LEU E 186 -21.40 -10.50 -13.21
CA LEU E 186 -21.98 -11.72 -12.65
C LEU E 186 -21.54 -12.01 -11.21
N GLN E 187 -20.27 -11.80 -10.86
CA GLN E 187 -19.84 -12.06 -9.46
C GLN E 187 -20.76 -11.27 -8.53
N VAL E 188 -20.82 -9.97 -8.78
CA VAL E 188 -21.52 -9.00 -7.97
C VAL E 188 -23.06 -9.23 -7.90
N VAL E 189 -23.66 -9.63 -9.02
CA VAL E 189 -25.11 -9.87 -9.10
C VAL E 189 -25.44 -11.06 -8.23
N ARG E 190 -24.58 -12.06 -8.31
CA ARG E 190 -24.83 -13.33 -7.70
C ARG E 190 -24.64 -13.16 -6.20
N SER E 191 -23.61 -12.41 -5.81
CA SER E 191 -23.36 -11.91 -4.43
C SER E 191 -24.53 -11.17 -3.75
N GLY E 192 -25.07 -10.15 -4.39
CA GLY E 192 -26.26 -9.46 -3.86
C GLY E 192 -27.56 -10.25 -3.95
N ALA E 193 -27.64 -11.16 -4.90
CA ALA E 193 -28.79 -12.03 -5.00
C ALA E 193 -28.74 -13.16 -3.99
N SER E 194 -27.61 -13.26 -3.27
CA SER E 194 -27.35 -14.35 -2.34
C SER E 194 -27.45 -15.72 -3.04
N LEU E 195 -27.03 -15.74 -4.30
CA LEU E 195 -26.98 -16.96 -5.08
C LEU E 195 -25.68 -17.69 -4.76
N LYS E 196 -25.78 -19.02 -4.80
CA LYS E 196 -24.76 -19.89 -4.25
C LYS E 196 -24.07 -20.58 -5.39
N LYS E 197 -23.27 -19.80 -6.13
CA LYS E 197 -22.31 -20.32 -7.16
C LYS E 197 -22.61 -21.70 -7.84
N ALA E 201 -22.14 -23.45 -12.63
CA ALA E 201 -21.65 -24.24 -13.75
C ALA E 201 -22.09 -23.67 -15.13
N SER E 202 -23.28 -23.06 -15.22
CA SER E 202 -23.54 -22.07 -16.32
C SER E 202 -23.36 -20.56 -16.12
N ASP E 203 -24.37 -19.85 -15.60
CA ASP E 203 -25.75 -20.26 -15.51
C ASP E 203 -26.67 -19.06 -15.84
N ILE E 204 -26.22 -17.81 -15.66
CA ILE E 204 -26.98 -16.66 -16.14
C ILE E 204 -26.33 -16.23 -17.43
N PRO E 205 -27.07 -16.36 -18.49
CA PRO E 205 -26.46 -15.94 -19.69
C PRO E 205 -26.29 -14.43 -19.76
N VAL E 206 -25.26 -14.02 -20.47
CA VAL E 206 -25.00 -12.64 -20.75
C VAL E 206 -25.12 -12.44 -22.21
N VAL E 207 -25.93 -11.50 -22.64
CA VAL E 207 -26.03 -11.19 -24.06
C VAL E 207 -25.48 -9.82 -24.31
N LEU E 208 -25.10 -9.53 -25.55
CA LEU E 208 -24.57 -8.21 -25.95
C LEU E 208 -25.63 -7.57 -26.83
N ILE E 209 -25.85 -6.27 -26.61
CA ILE E 209 -26.86 -5.48 -27.34
C ILE E 209 -26.23 -4.24 -27.90
N GLU E 210 -26.70 -3.82 -29.08
CA GLU E 210 -26.28 -2.57 -29.71
C GLU E 210 -27.49 -2.02 -30.44
N ASN E 211 -28.04 -0.95 -29.89
CA ASN E 211 -29.32 -0.45 -30.31
C ASN E 211 -29.13 0.58 -31.36
N SER E 212 -28.02 1.28 -31.29
CA SER E 212 -27.69 2.29 -32.24
C SER E 212 -28.14 1.92 -33.64
N GLY E 213 -28.85 2.83 -34.28
CA GLY E 213 -29.07 2.74 -35.72
C GLY E 213 -27.77 2.52 -36.51
N ARG E 214 -26.67 3.09 -36.08
CA ARG E 214 -25.47 3.00 -36.88
C ARG E 214 -24.66 1.76 -36.53
N CYS E 215 -25.33 0.73 -36.03
CA CYS E 215 -24.69 -0.54 -35.75
C CYS E 215 -24.19 -1.13 -37.05
N ASN E 216 -23.04 -1.80 -37.02
CA ASN E 216 -22.54 -2.50 -38.20
C ASN E 216 -23.49 -3.64 -38.56
N LYS E 217 -23.44 -4.07 -39.83
CA LYS E 217 -24.31 -5.09 -40.38
C LYS E 217 -23.50 -6.19 -41.08
N ASN E 218 -24.00 -7.43 -41.07
CA ASN E 218 -23.32 -8.53 -41.76
C ASN E 218 -23.78 -8.61 -43.20
N ASP E 219 -23.39 -9.67 -43.89
CA ASP E 219 -23.70 -9.81 -45.32
C ASP E 219 -25.22 -9.88 -45.60
N SER E 220 -25.96 -10.46 -44.64
CA SER E 220 -27.40 -10.60 -44.78
C SER E 220 -28.14 -9.42 -44.21
N ASP E 221 -27.41 -8.35 -43.97
CA ASP E 221 -27.95 -7.10 -43.51
C ASP E 221 -28.52 -7.22 -42.11
N GLU E 222 -27.94 -8.13 -41.34
CA GLU E 222 -28.28 -8.20 -39.92
C GLU E 222 -27.33 -7.32 -39.14
N LYS E 223 -27.81 -6.78 -38.04
CA LYS E 223 -26.98 -6.08 -37.09
C LYS E 223 -26.04 -7.07 -36.42
N VAL E 224 -24.74 -6.82 -36.58
CA VAL E 224 -23.69 -7.63 -35.96
C VAL E 224 -22.92 -6.89 -34.92
N LEU E 225 -22.45 -7.68 -33.97
CA LEU E 225 -21.48 -7.27 -33.00
C LEU E 225 -20.07 -7.37 -33.60
N PRO E 226 -19.12 -6.67 -33.02
CA PRO E 226 -17.75 -6.80 -33.45
C PRO E 226 -17.25 -8.20 -33.47
N ASN E 227 -17.89 -9.08 -32.70
CA ASN E 227 -17.46 -10.43 -32.66
C ASN E 227 -18.13 -11.21 -33.81
N GLY E 228 -18.94 -10.51 -34.58
CA GLY E 228 -19.58 -11.12 -35.74
C GLY E 228 -20.88 -11.85 -35.48
N ILE E 229 -21.35 -11.90 -34.24
CA ILE E 229 -22.68 -12.42 -34.01
C ILE E 229 -23.78 -11.36 -34.31
N ALA E 230 -24.83 -11.79 -34.99
CA ALA E 230 -26.08 -11.04 -35.09
C ALA E 230 -26.74 -11.10 -33.75
N TRP E 231 -26.80 -9.98 -33.07
CA TRP E 231 -27.27 -9.98 -31.71
C TRP E 231 -28.79 -10.23 -31.55
N ILE E 232 -29.65 -9.64 -32.38
CA ILE E 232 -31.11 -9.83 -32.19
C ILE E 232 -31.54 -11.33 -32.07
N PRO E 233 -31.22 -12.13 -33.09
CA PRO E 233 -31.48 -13.54 -33.10
C PRO E 233 -30.90 -14.21 -31.90
N HIS E 234 -29.67 -13.87 -31.63
CA HIS E 234 -28.98 -14.44 -30.51
C HIS E 234 -29.75 -14.14 -29.24
N LEU E 235 -30.36 -12.96 -29.20
CA LEU E 235 -31.13 -12.55 -28.02
C LEU E 235 -32.32 -13.44 -27.92
N VAL E 236 -33.07 -13.55 -29.03
CA VAL E 236 -34.40 -14.18 -28.97
C VAL E 236 -34.15 -15.66 -28.70
N GLN E 237 -32.96 -16.10 -29.07
CA GLN E 237 -32.62 -17.44 -28.74
C GLN E 237 -32.32 -17.67 -27.25
N THR E 238 -31.51 -16.78 -26.67
CA THR E 238 -31.20 -16.91 -25.26
C THR E 238 -32.54 -16.89 -24.55
N ILE E 239 -33.41 -15.94 -24.90
CA ILE E 239 -34.80 -15.94 -24.41
C ILE E 239 -35.44 -17.31 -24.55
N THR E 240 -35.31 -17.90 -25.73
CA THR E 240 -35.96 -19.17 -25.94
C THR E 240 -35.42 -20.24 -24.99
N GLU E 241 -34.11 -20.29 -24.87
CA GLU E 241 -33.49 -21.30 -24.05
C GLU E 241 -33.86 -21.06 -22.58
N VAL E 242 -33.93 -19.79 -22.18
CA VAL E 242 -34.42 -19.52 -20.84
C VAL E 242 -35.92 -19.90 -20.75
N ALA E 243 -36.76 -19.32 -21.61
CA ALA E 243 -38.22 -19.61 -21.56
C ALA E 243 -38.45 -21.11 -21.42
N LEU E 244 -37.57 -21.92 -22.04
CA LEU E 244 -37.72 -23.37 -21.99
C LEU E 244 -36.68 -24.07 -21.09
N ASN E 245 -36.03 -23.34 -20.17
CA ASN E 245 -35.09 -23.97 -19.22
C ASN E 245 -35.85 -24.82 -18.21
N LYS E 246 -35.16 -25.28 -17.15
CA LYS E 246 -35.77 -26.29 -16.24
C LYS E 246 -36.69 -25.67 -15.22
N SER E 247 -36.69 -24.35 -15.10
CA SER E 247 -37.15 -23.61 -13.90
C SER E 247 -38.49 -22.96 -14.16
N GLU E 248 -39.20 -22.59 -13.12
CA GLU E 248 -40.54 -22.06 -13.34
C GLU E 248 -40.51 -20.54 -13.54
N SER E 249 -41.51 -20.04 -14.25
CA SER E 249 -41.77 -18.61 -14.32
C SER E 249 -42.27 -18.17 -12.94
N ILE E 250 -42.22 -16.83 -12.70
CA ILE E 250 -42.53 -16.19 -11.40
C ILE E 250 -43.89 -15.51 -11.45
N PHE E 251 -44.77 -15.91 -10.54
CA PHE E 251 -46.13 -15.36 -10.43
C PHE E 251 -46.06 -14.32 -9.38
N VAL E 252 -46.47 -13.10 -9.70
CA VAL E 252 -46.30 -11.97 -8.77
C VAL E 252 -47.63 -11.58 -8.15
N ASP E 253 -47.83 -12.00 -6.92
CA ASP E 253 -49.04 -11.71 -6.21
C ASP E 253 -48.72 -10.86 -4.97
N LYS E 254 -49.75 -10.35 -4.32
CA LYS E 254 -49.62 -9.53 -3.09
C LYS E 254 -48.64 -10.11 -2.08
N ASN E 255 -48.67 -11.44 -1.93
CA ASN E 255 -47.72 -12.20 -1.08
C ASN E 255 -46.29 -11.84 -1.41
N LEU E 256 -46.01 -11.73 -2.70
CA LEU E 256 -44.65 -11.43 -3.19
C LEU E 256 -44.33 -9.92 -3.23
N ILE E 257 -45.31 -9.06 -3.52
CA ILE E 257 -45.24 -7.61 -3.18
C ILE E 257 -44.81 -7.39 -1.70
N ASP E 258 -45.57 -7.94 -0.74
CA ASP E 258 -45.20 -7.87 0.67
C ASP E 258 -44.04 -8.81 0.98
N VAL F 8 12.37 15.10 -8.55
CA VAL F 8 11.73 15.23 -9.90
C VAL F 8 12.67 14.80 -11.06
N ARG F 9 12.06 14.15 -12.05
CA ARG F 9 12.75 13.72 -13.30
C ARG F 9 12.38 14.65 -14.44
N GLY F 10 13.15 14.59 -15.51
CA GLY F 10 12.83 15.34 -16.71
C GLY F 10 11.50 14.89 -17.30
N TRP F 11 10.74 15.84 -17.86
CA TRP F 11 9.47 15.58 -18.55
C TRP F 11 9.67 14.93 -19.93
N SER F 12 10.29 13.76 -19.97
CA SER F 12 10.51 13.05 -21.23
C SER F 12 9.24 12.82 -22.06
N GLY F 13 8.10 12.67 -21.39
CA GLY F 13 6.81 12.45 -22.05
C GLY F 13 6.43 13.46 -23.13
N ILE F 14 6.82 14.72 -22.97
CA ILE F 14 6.35 15.73 -23.90
C ILE F 14 6.90 15.52 -25.31
N ASN F 15 7.98 14.77 -25.43
CA ASN F 15 8.47 14.35 -26.74
C ASN F 15 7.44 13.49 -27.46
N THR F 16 6.53 12.86 -26.74
CA THR F 16 5.54 12.00 -27.40
C THR F 16 4.48 12.86 -28.08
N PHE F 17 4.32 14.08 -27.63
CA PHE F 17 3.31 14.93 -28.24
C PHE F 17 3.66 15.21 -29.70
N ALA F 18 2.69 15.73 -30.43
CA ALA F 18 2.94 16.18 -31.80
C ALA F 18 3.84 17.40 -31.67
N PRO F 19 4.72 17.62 -32.67
CA PRO F 19 5.59 18.82 -32.62
C PRO F 19 4.85 20.18 -32.50
N ALA F 20 3.70 20.32 -33.15
CA ALA F 20 2.81 21.50 -32.91
C ALA F 20 2.44 21.64 -31.44
N THR F 21 2.01 20.54 -30.82
CA THR F 21 1.66 20.50 -29.38
C THR F 21 2.86 20.76 -28.47
N GLN F 22 4.06 20.36 -28.91
CA GLN F 22 5.27 20.61 -28.12
C GLN F 22 5.65 22.10 -27.97
N THR F 23 5.66 22.89 -29.06
CA THR F 23 6.03 24.29 -28.90
C THR F 23 4.96 25.06 -28.15
N LYS F 24 3.67 24.94 -28.48
CA LYS F 24 2.62 25.61 -27.70
C LYS F 24 2.66 25.22 -26.22
N LEU F 25 2.89 23.93 -25.96
CA LEU F 25 3.11 23.42 -24.60
C LEU F 25 4.29 24.18 -23.97
N LEU F 26 5.48 24.11 -24.58
CA LEU F 26 6.65 24.83 -24.07
C LEU F 26 6.45 26.35 -23.96
N GLU F 27 5.81 26.97 -24.95
CA GLU F 27 5.45 28.39 -24.85
C GLU F 27 4.57 28.63 -23.63
N LEU F 28 3.39 28.02 -23.55
CA LEU F 28 2.54 28.17 -22.34
C LEU F 28 3.28 27.92 -21.03
N LEU F 29 4.25 27.01 -21.09
CA LEU F 29 5.03 26.59 -19.93
C LEU F 29 6.06 27.63 -19.56
N GLY F 30 6.43 28.44 -20.55
CA GLY F 30 7.32 29.58 -20.38
C GLY F 30 6.65 30.74 -19.65
N ASN F 31 5.63 31.34 -20.24
CA ASN F 31 4.98 32.49 -19.59
C ASN F 31 4.30 32.16 -18.26
N LEU F 32 4.34 30.88 -17.88
CA LEU F 32 4.18 30.48 -16.47
C LEU F 32 5.38 30.93 -15.64
N LYS F 33 6.57 30.44 -16.01
CA LYS F 33 7.81 30.84 -15.33
C LYS F 33 8.15 32.33 -15.47
N GLN F 34 7.50 33.05 -16.39
CA GLN F 34 7.69 34.53 -16.53
C GLN F 34 6.88 35.40 -15.55
N GLU F 35 6.02 34.77 -14.75
CA GLU F 35 5.33 35.44 -13.61
C GLU F 35 5.70 34.69 -12.35
N ASP F 36 6.93 34.18 -12.36
CA ASP F 36 7.50 33.34 -11.29
C ASP F 36 6.66 32.16 -10.81
N VAL F 37 5.72 31.70 -11.62
CA VAL F 37 5.04 30.46 -11.32
C VAL F 37 5.96 29.38 -11.87
N ASN F 38 6.96 29.05 -11.08
CA ASN F 38 7.95 28.03 -11.45
C ASN F 38 7.51 26.57 -11.21
N SER F 39 6.27 26.39 -10.75
CA SER F 39 5.78 25.08 -10.36
C SER F 39 4.25 25.11 -10.19
N LEU F 40 3.61 23.94 -10.35
CA LEU F 40 2.16 23.77 -10.11
C LEU F 40 1.91 22.39 -9.55
N THR F 41 1.04 22.27 -8.55
CA THR F 41 0.52 20.96 -8.17
C THR F 41 -0.93 20.86 -8.65
N ILE F 42 -1.20 19.80 -9.44
CA ILE F 42 -2.53 19.54 -9.98
C ILE F 42 -3.07 18.35 -9.23
N LEU F 43 -4.26 18.51 -8.66
CA LEU F 43 -4.88 17.47 -7.85
C LEU F 43 -6.01 16.89 -8.67
N VAL F 44 -5.87 15.62 -9.04
CA VAL F 44 -6.84 14.99 -9.93
C VAL F 44 -7.77 14.14 -9.07
N MET F 45 -9.07 14.42 -9.18
CA MET F 45 -10.09 13.68 -8.42
C MET F 45 -11.41 13.39 -9.15
N GLY F 46 -12.11 12.39 -8.65
CA GLY F 46 -13.37 12.01 -9.20
C GLY F 46 -13.99 10.76 -8.62
N LYS F 47 -15.17 10.43 -9.16
CA LYS F 47 -15.82 9.15 -8.89
C LYS F 47 -14.84 8.15 -9.43
N GLY F 48 -15.07 6.88 -9.18
CA GLY F 48 -14.19 5.85 -9.69
C GLY F 48 -14.46 5.66 -11.16
N GLY F 49 -13.48 5.09 -11.85
CA GLY F 49 -13.67 4.64 -13.23
C GLY F 49 -13.89 5.71 -14.27
N VAL F 50 -13.58 6.97 -14.01
CA VAL F 50 -13.94 7.99 -14.98
C VAL F 50 -12.73 8.42 -15.78
N GLY F 51 -11.60 7.83 -15.44
CA GLY F 51 -10.40 7.98 -16.24
C GLY F 51 -9.49 8.99 -15.62
N LYS F 52 -9.33 8.93 -14.31
CA LYS F 52 -8.40 9.85 -13.66
C LYS F 52 -7.00 9.48 -14.08
N SER F 53 -6.56 8.31 -13.65
CA SER F 53 -5.17 7.93 -13.87
C SER F 53 -4.71 8.03 -15.35
N SER F 54 -5.63 7.75 -16.30
CA SER F 54 -5.34 7.88 -17.70
C SER F 54 -5.07 9.31 -18.11
N THR F 55 -5.79 10.25 -17.47
CA THR F 55 -5.56 11.67 -17.68
C THR F 55 -4.23 12.06 -17.06
N VAL F 56 -3.92 11.56 -15.87
CA VAL F 56 -2.54 11.73 -15.41
C VAL F 56 -1.56 11.24 -16.51
N ASN F 57 -1.67 9.97 -16.91
CA ASN F 57 -0.78 9.42 -17.93
C ASN F 57 -0.74 10.20 -19.27
N SER F 58 -1.85 10.83 -19.71
CA SER F 58 -1.75 11.59 -20.95
C SER F 58 -0.89 12.83 -20.77
N ILE F 59 -1.03 13.55 -19.67
CA ILE F 59 -0.40 14.85 -19.53
C ILE F 59 1.09 14.66 -19.37
N ILE F 60 1.45 13.74 -18.47
CA ILE F 60 2.84 13.36 -18.25
C ILE F 60 3.45 12.81 -19.52
N GLY F 61 2.66 12.06 -20.28
CA GLY F 61 3.06 11.66 -21.62
C GLY F 61 3.70 10.31 -21.61
N GLU F 62 3.52 9.60 -20.51
CA GLU F 62 4.00 8.24 -20.38
C GLU F 62 3.09 7.56 -19.38
N ARG F 63 3.22 6.24 -19.29
CA ARG F 63 2.36 5.47 -18.40
C ARG F 63 3.11 5.21 -17.15
N VAL F 64 2.86 6.11 -16.24
CA VAL F 64 3.52 6.18 -14.96
C VAL F 64 2.53 5.77 -13.82
N VAL F 65 1.24 5.68 -14.10
CA VAL F 65 0.26 5.18 -13.14
C VAL F 65 -0.50 4.09 -13.83
N SER F 66 -0.81 3.04 -13.09
CA SER F 66 -1.51 1.91 -13.68
C SER F 66 -2.97 2.29 -13.83
N ILE F 67 -3.58 1.77 -14.89
CA ILE F 67 -4.98 2.02 -15.18
C ILE F 67 -5.65 0.64 -15.22
N SER F 68 -6.98 0.57 -15.11
CA SER F 68 -7.64 -0.74 -15.28
C SER F 68 -9.04 -0.58 -15.84
N PRO F 69 -9.40 -1.48 -16.74
CA PRO F 69 -10.73 -1.43 -17.26
C PRO F 69 -11.70 -2.27 -16.41
N PHE F 70 -11.20 -2.90 -15.35
CA PHE F 70 -12.01 -3.89 -14.58
C PHE F 70 -12.09 -3.69 -13.06
N GLN F 71 -10.97 -3.41 -12.41
CA GLN F 71 -10.92 -3.35 -10.94
C GLN F 71 -10.13 -2.12 -10.52
N SER F 72 -10.29 -1.75 -9.26
CA SER F 72 -9.90 -0.43 -8.77
C SER F 72 -8.44 -0.22 -8.43
N GLU F 73 -7.92 -1.14 -7.61
CA GLU F 73 -6.74 -0.81 -6.79
C GLU F 73 -5.53 -0.24 -7.63
N GLY F 74 -4.68 0.61 -7.00
CA GLY F 74 -4.66 0.83 -5.52
C GLY F 74 -5.22 2.14 -4.94
N PRO F 75 -5.77 2.07 -3.68
CA PRO F 75 -6.18 3.31 -2.93
C PRO F 75 -4.92 4.13 -2.63
N ARG F 76 -4.32 4.69 -3.69
CA ARG F 76 -2.93 5.00 -3.68
C ARG F 76 -2.43 5.94 -2.78
N PRO F 77 -2.67 7.22 -3.00
CA PRO F 77 -2.44 8.07 -4.13
C PRO F 77 -0.96 8.20 -4.39
N VAL F 78 -0.63 8.88 -5.48
CA VAL F 78 0.74 9.01 -5.91
C VAL F 78 0.89 10.40 -6.52
N MET F 79 2.04 11.01 -6.28
CA MET F 79 2.44 12.22 -6.98
C MET F 79 3.47 11.88 -8.01
N VAL F 80 3.20 12.26 -9.25
CA VAL F 80 4.19 12.15 -10.32
C VAL F 80 4.62 13.57 -10.66
N SER F 81 5.92 13.82 -10.47
CA SER F 81 6.51 15.14 -10.55
C SER F 81 7.53 15.15 -11.69
N ARG F 82 7.40 16.05 -12.67
CA ARG F 82 8.34 16.10 -13.81
C ARG F 82 8.72 17.54 -14.15
N SER F 83 9.99 17.75 -14.59
CA SER F 83 10.63 19.07 -14.86
C SER F 83 10.77 19.39 -16.31
N ARG F 84 10.65 20.66 -16.71
CA ARG F 84 11.14 21.08 -18.01
C ARG F 84 11.17 22.58 -18.24
N ALA F 85 12.24 23.04 -18.90
CA ALA F 85 12.48 24.47 -19.15
C ALA F 85 12.45 25.27 -17.84
N GLY F 86 12.93 24.65 -16.76
CA GLY F 86 12.86 25.20 -15.42
C GLY F 86 11.57 24.93 -14.62
N PHE F 87 10.47 24.63 -15.31
CA PHE F 87 9.18 24.51 -14.64
C PHE F 87 8.97 23.06 -14.22
N THR F 88 8.64 22.81 -12.96
CA THR F 88 8.23 21.46 -12.52
C THR F 88 6.72 21.33 -12.52
N LEU F 89 6.21 20.17 -12.92
CA LEU F 89 4.79 19.83 -12.69
C LEU F 89 4.68 18.70 -11.66
N ASN F 90 3.70 18.80 -10.79
CA ASN F 90 3.45 17.69 -9.85
C ASN F 90 2.04 17.25 -10.06
N ILE F 91 1.79 16.03 -10.49
CA ILE F 91 0.39 15.63 -10.50
C ILE F 91 0.11 14.55 -9.53
N ILE F 92 -0.95 14.78 -8.77
CA ILE F 92 -1.41 13.84 -7.80
C ILE F 92 -2.65 13.12 -8.34
N ASP F 93 -2.54 11.80 -8.38
CA ASP F 93 -3.60 10.90 -8.83
C ASP F 93 -4.15 10.31 -7.56
N THR F 94 -5.45 10.02 -7.57
CA THR F 94 -6.12 9.66 -6.34
C THR F 94 -7.17 8.57 -6.54
N PRO F 95 -7.49 7.81 -5.48
CA PRO F 95 -8.57 6.84 -5.60
C PRO F 95 -9.88 7.59 -5.79
N GLY F 96 -10.82 6.94 -6.44
CA GLY F 96 -12.10 7.57 -6.72
C GLY F 96 -12.75 7.74 -5.40
N LEU F 97 -13.55 8.79 -5.28
CA LEU F 97 -14.17 9.09 -4.01
C LEU F 97 -15.44 8.32 -3.74
N ILE F 98 -16.11 7.82 -4.78
CA ILE F 98 -17.42 7.15 -4.58
C ILE F 98 -17.31 5.64 -4.59
N GLU F 99 -18.15 5.00 -3.77
CA GLU F 99 -17.97 3.57 -3.47
C GLU F 99 -18.90 2.37 -3.38
N GLY F 100 -20.21 2.46 -3.30
CA GLY F 100 -20.93 3.63 -2.97
C GLY F 100 -22.35 3.14 -2.74
N GLY F 101 -23.31 3.94 -3.20
CA GLY F 101 -23.12 5.31 -3.49
C GLY F 101 -23.03 6.03 -2.16
N TYR F 102 -21.96 5.76 -1.42
CA TYR F 102 -21.49 6.62 -0.34
C TYR F 102 -20.09 7.02 -0.74
N ILE F 103 -19.62 8.09 -0.15
CA ILE F 103 -18.20 8.42 -0.26
C ILE F 103 -17.38 7.26 0.33
N ASN F 104 -16.14 7.16 -0.07
CA ASN F 104 -15.20 6.25 0.54
C ASN F 104 -14.37 7.04 1.53
N ASP F 105 -14.81 7.12 2.78
CA ASP F 105 -14.16 8.02 3.73
C ASP F 105 -12.72 7.62 3.88
N MET F 106 -12.51 6.34 4.11
CA MET F 106 -11.19 5.70 4.05
C MET F 106 -10.29 6.29 2.97
N ALA F 107 -10.77 6.22 1.74
CA ALA F 107 -10.04 6.71 0.58
C ALA F 107 -9.85 8.19 0.75
N LEU F 108 -10.94 8.93 0.96
CA LEU F 108 -10.83 10.38 1.23
C LEU F 108 -9.83 10.76 2.33
N ASN F 109 -9.72 9.95 3.37
CA ASN F 109 -8.79 10.24 4.43
C ASN F 109 -7.35 9.98 4.04
N ILE F 110 -7.10 8.83 3.43
CA ILE F 110 -5.80 8.56 2.86
C ILE F 110 -5.42 9.73 1.92
N ILE F 111 -6.38 10.32 1.21
CA ILE F 111 -6.05 11.45 0.33
C ILE F 111 -5.67 12.70 1.07
N LYS F 112 -6.52 13.13 1.99
CA LYS F 112 -6.24 14.35 2.80
C LYS F 112 -4.87 14.28 3.46
N SER F 113 -4.66 13.19 4.18
CA SER F 113 -3.40 12.85 4.81
C SER F 113 -2.23 12.93 3.82
N PHE F 114 -2.40 12.40 2.63
CA PHE F 114 -1.32 12.51 1.63
C PHE F 114 -1.08 13.96 1.24
N LEU F 115 -2.15 14.76 1.14
CA LEU F 115 -2.04 16.17 0.75
C LEU F 115 -1.40 17.08 1.80
N LEU F 116 -1.06 16.54 2.96
CA LEU F 116 -0.54 17.37 4.04
C LEU F 116 0.71 18.15 3.60
N ASP F 117 0.71 19.48 3.82
CA ASP F 117 1.87 20.34 3.56
C ASP F 117 2.06 20.65 2.07
N LYS F 118 1.18 20.13 1.23
CA LYS F 118 1.22 20.40 -0.18
C LYS F 118 0.26 21.54 -0.47
N THR F 119 0.44 22.18 -1.63
CA THR F 119 -0.33 23.38 -2.03
C THR F 119 -1.07 23.14 -3.33
N ILE F 120 -2.37 22.89 -3.25
CA ILE F 120 -3.14 22.55 -4.43
C ILE F 120 -3.25 23.76 -5.33
N ASP F 121 -2.56 23.79 -6.46
CA ASP F 121 -2.71 24.95 -7.33
C ASP F 121 -3.88 24.75 -8.27
N VAL F 122 -4.08 23.55 -8.80
CA VAL F 122 -5.28 23.26 -9.62
C VAL F 122 -5.97 21.95 -9.29
N LEU F 123 -7.30 22.03 -9.11
CA LEU F 123 -8.13 20.83 -8.95
C LEU F 123 -8.63 20.40 -10.33
N LEU F 124 -8.39 19.17 -10.70
CA LEU F 124 -8.87 18.65 -11.96
C LEU F 124 -9.99 17.68 -11.59
N TYR F 125 -11.24 18.08 -11.80
CA TYR F 125 -12.38 17.26 -11.49
C TYR F 125 -12.69 16.44 -12.72
N VAL F 126 -12.41 15.14 -12.69
CA VAL F 126 -12.58 14.28 -13.88
C VAL F 126 -13.93 13.52 -13.84
N ASP F 127 -14.60 13.53 -14.98
CA ASP F 127 -15.75 12.69 -15.19
C ASP F 127 -15.70 12.20 -16.66
N ARG F 128 -16.73 11.50 -17.12
CA ARG F 128 -16.87 11.03 -18.53
C ARG F 128 -17.84 11.86 -19.31
N LEU F 129 -17.51 12.30 -20.50
CA LEU F 129 -18.49 12.99 -21.37
C LEU F 129 -19.62 12.07 -21.71
N ASP F 130 -19.29 10.81 -22.00
CA ASP F 130 -20.27 9.88 -22.60
C ASP F 130 -21.21 9.26 -21.60
N ALA F 131 -21.67 10.03 -20.65
CA ALA F 131 -22.62 9.52 -19.65
C ALA F 131 -23.92 10.34 -19.67
N TYR F 132 -25.01 9.72 -19.25
CA TYR F 132 -26.32 10.27 -19.48
C TYR F 132 -27.03 10.76 -18.24
N ARG F 133 -26.35 10.79 -17.10
CA ARG F 133 -27.03 11.14 -15.85
C ARG F 133 -26.13 11.92 -14.95
N VAL F 134 -26.73 12.53 -13.93
CA VAL F 134 -26.05 13.28 -12.90
C VAL F 134 -26.90 13.05 -11.66
N ASP F 135 -26.29 12.82 -10.51
CA ASP F 135 -27.10 12.49 -9.33
C ASP F 135 -26.41 12.75 -7.98
N ASN F 136 -27.01 12.25 -6.90
CA ASN F 136 -26.47 12.48 -5.58
C ASN F 136 -25.01 12.06 -5.52
N LEU F 137 -24.62 10.98 -6.17
CA LEU F 137 -23.23 10.57 -6.06
C LEU F 137 -22.27 11.68 -6.52
N ASP F 138 -22.60 12.38 -7.63
CA ASP F 138 -21.81 13.54 -8.11
C ASP F 138 -21.87 14.70 -7.12
N LYS F 139 -23.07 14.96 -6.58
CA LYS F 139 -23.30 15.98 -5.51
C LYS F 139 -22.38 15.64 -4.32
N LEU F 140 -22.36 14.39 -3.84
CA LEU F 140 -21.42 13.96 -2.76
C LEU F 140 -19.93 14.09 -3.09
N VAL F 141 -19.50 14.01 -4.32
CA VAL F 141 -18.09 14.23 -4.56
C VAL F 141 -17.76 15.71 -4.43
N ALA F 142 -18.64 16.59 -4.90
CA ALA F 142 -18.44 18.07 -4.75
C ALA F 142 -18.44 18.49 -3.28
N LYS F 143 -19.29 17.82 -2.54
CA LYS F 143 -19.52 18.13 -1.17
C LYS F 143 -18.34 17.65 -0.36
N ALA F 144 -17.70 16.56 -0.76
CA ALA F 144 -16.53 16.05 -0.05
C ALA F 144 -15.37 16.91 -0.46
N ILE F 145 -15.27 17.26 -1.74
CA ILE F 145 -14.17 18.15 -2.10
C ILE F 145 -14.27 19.47 -1.30
N THR F 146 -15.44 20.10 -1.26
CA THR F 146 -15.54 21.36 -0.51
C THR F 146 -15.34 21.20 1.01
N ASP F 147 -16.05 20.30 1.67
CA ASP F 147 -15.77 19.94 3.08
C ASP F 147 -14.30 19.68 3.37
N SER F 148 -13.59 19.12 2.43
CA SER F 148 -12.23 18.79 2.74
C SER F 148 -11.29 19.97 2.56
N PHE F 149 -11.45 20.76 1.49
CA PHE F 149 -10.44 21.75 1.13
C PHE F 149 -10.95 23.15 1.08
N GLY F 150 -12.18 23.33 1.53
CA GLY F 150 -12.80 24.63 1.55
C GLY F 150 -13.35 24.96 0.20
N LYS F 151 -14.37 25.81 0.22
CA LYS F 151 -15.04 26.34 -0.96
C LYS F 151 -14.07 27.07 -1.89
N GLY F 152 -12.88 27.40 -1.38
CA GLY F 152 -11.86 28.10 -2.14
C GLY F 152 -11.36 27.32 -3.32
N ILE F 153 -11.34 26.00 -3.19
CA ILE F 153 -10.74 25.13 -4.20
C ILE F 153 -11.39 25.35 -5.54
N TRP F 154 -12.70 25.56 -5.52
CA TRP F 154 -13.45 25.70 -6.74
C TRP F 154 -13.01 26.90 -7.60
N ASN F 155 -12.30 27.86 -7.03
CA ASN F 155 -11.69 28.88 -7.86
C ASN F 155 -10.46 28.38 -8.60
N LYS F 156 -10.00 27.17 -8.26
CA LYS F 156 -8.80 26.57 -8.91
C LYS F 156 -9.15 25.24 -9.64
N ALA F 157 -10.44 25.09 -9.93
CA ALA F 157 -10.96 23.82 -10.42
C ALA F 157 -11.15 23.87 -11.91
N ILE F 158 -10.81 22.78 -12.59
CA ILE F 158 -11.20 22.55 -13.97
C ILE F 158 -12.01 21.25 -13.99
N VAL F 159 -13.20 21.26 -14.59
CA VAL F 159 -13.93 20.02 -14.87
C VAL F 159 -13.47 19.50 -16.22
N ALA F 160 -13.11 18.23 -16.24
CA ALA F 160 -12.50 17.58 -17.40
C ALA F 160 -13.29 16.31 -17.75
N LEU F 161 -13.77 16.23 -18.99
CA LEU F 161 -14.66 15.15 -19.38
C LEU F 161 -13.97 14.17 -20.31
N THR F 162 -13.72 12.95 -19.84
CA THR F 162 -12.93 11.99 -20.62
C THR F 162 -13.78 11.34 -21.74
N HIS F 163 -13.20 10.37 -22.44
CA HIS F 163 -13.88 9.67 -23.51
C HIS F 163 -14.51 10.70 -24.48
N ALA F 164 -13.76 11.75 -24.80
CA ALA F 164 -14.30 12.89 -25.58
C ALA F 164 -14.43 12.59 -27.07
N GLN F 165 -13.81 11.51 -27.50
CA GLN F 165 -13.90 11.05 -28.87
C GLN F 165 -15.20 10.25 -29.04
N PHE F 166 -16.31 10.94 -29.05
CA PHE F 166 -17.55 10.22 -28.93
C PHE F 166 -18.59 10.87 -29.82
N SER F 167 -19.35 10.05 -30.53
CA SER F 167 -20.46 10.55 -31.31
C SER F 167 -21.77 10.33 -30.57
N PRO F 168 -22.44 11.41 -30.17
CA PRO F 168 -23.64 11.39 -29.38
C PRO F 168 -24.73 10.48 -29.88
N PRO F 169 -25.44 9.81 -28.97
CA PRO F 169 -26.44 8.87 -29.39
C PRO F 169 -27.50 9.40 -30.29
N ASP F 170 -28.14 10.47 -29.89
CA ASP F 170 -29.60 10.39 -30.03
C ASP F 170 -30.43 11.08 -31.14
N GLY F 171 -29.91 11.35 -32.36
CA GLY F 171 -28.51 11.40 -32.73
C GLY F 171 -28.09 12.86 -32.75
N LEU F 172 -27.61 13.34 -31.61
CA LEU F 172 -27.51 14.76 -31.33
C LEU F 172 -26.24 15.35 -31.89
N PRO F 173 -26.31 16.66 -32.26
CA PRO F 173 -25.08 17.43 -32.51
C PRO F 173 -24.14 17.39 -31.30
N TYR F 174 -22.87 17.04 -31.54
CA TYR F 174 -21.82 16.94 -30.50
C TYR F 174 -21.70 18.15 -29.62
N ASP F 175 -21.87 19.32 -30.23
CA ASP F 175 -21.83 20.59 -29.53
C ASP F 175 -23.01 20.70 -28.53
N GLU F 176 -24.15 20.14 -28.89
CA GLU F 176 -25.30 20.12 -28.00
C GLU F 176 -25.22 19.04 -26.90
N PHE F 177 -24.69 17.86 -27.19
CA PHE F 177 -24.61 16.86 -26.14
C PHE F 177 -23.63 17.33 -25.11
N PHE F 178 -22.48 17.78 -25.58
CA PHE F 178 -21.46 18.39 -24.72
C PHE F 178 -21.98 19.57 -23.89
N SER F 179 -22.85 20.37 -24.49
CA SER F 179 -23.34 21.57 -23.84
C SER F 179 -24.20 21.20 -22.63
N LYS F 180 -25.18 20.36 -22.86
CA LYS F 180 -26.18 20.09 -21.85
C LYS F 180 -25.62 19.23 -20.74
N ARG F 181 -24.62 18.42 -21.04
CA ARG F 181 -23.92 17.68 -20.01
C ARG F 181 -22.99 18.56 -19.16
N SER F 182 -22.22 19.46 -19.79
CA SER F 182 -21.49 20.45 -19.00
C SER F 182 -22.43 21.07 -17.98
N GLU F 183 -23.59 21.55 -18.39
CA GLU F 183 -24.43 22.28 -17.44
C GLU F 183 -25.03 21.36 -16.43
N ALA F 184 -25.53 20.21 -16.87
CA ALA F 184 -26.08 19.28 -15.91
C ALA F 184 -25.02 19.02 -14.83
N LEU F 185 -23.76 18.91 -15.25
CA LEU F 185 -22.71 18.58 -14.29
C LEU F 185 -22.26 19.77 -13.48
N LEU F 186 -22.15 20.95 -14.08
CA LEU F 186 -21.78 22.14 -13.33
C LEU F 186 -22.86 22.46 -12.26
N GLN F 187 -24.16 22.28 -12.57
CA GLN F 187 -25.27 22.48 -11.62
C GLN F 187 -25.10 21.65 -10.34
N VAL F 188 -24.77 20.37 -10.53
CA VAL F 188 -24.81 19.42 -9.43
C VAL F 188 -23.58 19.58 -8.58
N VAL F 189 -22.45 19.96 -9.20
CA VAL F 189 -21.23 20.23 -8.41
C VAL F 189 -21.42 21.52 -7.68
N ARG F 190 -21.96 22.56 -8.32
CA ARG F 190 -22.19 23.83 -7.58
C ARG F 190 -23.12 23.63 -6.39
N SER F 191 -24.16 22.84 -6.60
CA SER F 191 -25.09 22.52 -5.54
C SER F 191 -24.41 21.84 -4.34
N GLY F 192 -23.73 20.73 -4.60
CA GLY F 192 -23.04 19.96 -3.56
C GLY F 192 -21.91 20.74 -2.92
N ALA F 193 -21.62 21.89 -3.52
CA ALA F 193 -20.25 22.37 -3.66
C ALA F 193 -19.63 23.30 -2.65
N SER F 194 -20.34 24.27 -2.03
CA SER F 194 -21.74 24.64 -2.21
C SER F 194 -21.84 26.15 -2.49
N LEU F 195 -22.17 26.51 -3.73
CA LEU F 195 -21.79 27.81 -4.32
C LEU F 195 -22.97 28.48 -5.00
N LYS F 196 -22.69 29.47 -5.86
CA LYS F 196 -23.57 29.77 -7.03
C LYS F 196 -22.72 30.21 -8.27
N LYS F 197 -21.48 29.68 -8.36
CA LYS F 197 -20.35 30.32 -9.09
C LYS F 197 -20.72 31.42 -10.12
N ASP F 203 -17.51 31.15 -14.91
CA ASP F 203 -16.52 30.51 -14.05
C ASP F 203 -16.07 29.09 -14.52
N ILE F 204 -16.46 28.00 -13.82
CA ILE F 204 -15.62 26.77 -13.77
C ILE F 204 -15.40 26.24 -15.17
N PRO F 205 -14.18 26.34 -15.71
CA PRO F 205 -13.95 25.92 -17.10
C PRO F 205 -14.16 24.43 -17.26
N VAL F 206 -14.76 24.02 -18.36
CA VAL F 206 -14.96 22.61 -18.58
C VAL F 206 -14.17 22.26 -19.82
N VAL F 207 -13.25 21.31 -19.71
CA VAL F 207 -12.37 20.89 -20.82
C VAL F 207 -12.67 19.45 -21.24
N LEU F 208 -12.28 19.05 -22.44
CA LEU F 208 -12.48 17.68 -22.93
C LEU F 208 -11.18 16.89 -23.03
N ILE F 209 -11.27 15.58 -22.85
CA ILE F 209 -10.09 14.72 -22.85
C ILE F 209 -10.38 13.44 -23.66
N GLU F 210 -9.42 13.02 -24.49
CA GLU F 210 -9.42 11.67 -25.05
C GLU F 210 -8.14 10.96 -24.68
N ASN F 211 -8.22 9.98 -23.79
CA ASN F 211 -7.01 9.29 -23.33
C ASN F 211 -6.60 8.12 -24.26
N SER F 212 -7.55 7.52 -24.95
CA SER F 212 -7.22 6.63 -26.09
C SER F 212 -6.41 7.47 -27.10
N GLY F 213 -5.40 6.92 -27.79
CA GLY F 213 -5.32 5.51 -28.20
C GLY F 213 -5.48 5.58 -29.71
N ARG F 214 -6.70 5.29 -30.21
CA ARG F 214 -7.10 5.75 -31.56
C ARG F 214 -7.82 7.10 -31.46
N CYS F 215 -7.02 8.16 -31.50
CA CYS F 215 -7.50 9.52 -31.50
C CYS F 215 -7.17 10.06 -32.90
N ASN F 216 -8.20 10.47 -33.63
CA ASN F 216 -7.96 11.15 -34.89
C ASN F 216 -7.26 12.52 -34.67
N LYS F 217 -6.20 12.73 -35.44
CA LYS F 217 -5.36 13.92 -35.35
C LYS F 217 -5.94 15.07 -36.23
N ASN F 218 -5.10 16.04 -36.62
CA ASN F 218 -5.39 16.96 -37.75
C ASN F 218 -4.22 16.92 -38.72
N ASP F 219 -4.19 17.84 -39.70
CA ASP F 219 -3.08 17.95 -40.65
C ASP F 219 -1.68 18.17 -39.97
N SER F 220 -1.68 18.71 -38.75
CA SER F 220 -0.45 18.92 -37.93
C SER F 220 -0.22 17.87 -36.83
N ASP F 221 -0.59 16.60 -37.10
CA ASP F 221 -0.46 15.46 -36.15
C ASP F 221 -0.96 15.76 -34.71
N GLU F 222 -1.64 16.88 -34.51
CA GLU F 222 -2.30 17.17 -33.22
C GLU F 222 -3.62 16.38 -33.05
N LYS F 223 -3.87 15.95 -31.82
CA LYS F 223 -5.08 15.22 -31.44
C LYS F 223 -6.24 16.19 -31.23
N VAL F 224 -7.19 16.26 -32.17
CA VAL F 224 -8.36 17.16 -32.05
C VAL F 224 -9.62 16.37 -31.64
N LEU F 225 -10.55 17.02 -30.93
CA LEU F 225 -11.85 16.39 -30.68
C LEU F 225 -12.86 16.77 -31.77
N PRO F 226 -13.97 16.02 -31.89
CA PRO F 226 -15.08 16.34 -32.77
C PRO F 226 -15.28 17.80 -33.05
N ASN F 227 -15.31 18.62 -32.01
CA ASN F 227 -15.53 20.06 -32.20
C ASN F 227 -14.33 20.87 -32.79
N GLY F 228 -13.32 20.22 -33.35
CA GLY F 228 -12.23 20.92 -34.02
C GLY F 228 -11.02 21.16 -33.14
N ILE F 229 -11.24 21.35 -31.83
CA ILE F 229 -10.21 21.82 -30.91
C ILE F 229 -9.15 20.77 -30.45
N ALA F 230 -7.88 21.18 -30.36
CA ALA F 230 -6.77 20.28 -29.96
C ALA F 230 -6.59 20.18 -28.44
N TRP F 231 -7.02 19.07 -27.86
CA TRP F 231 -7.28 19.04 -26.42
C TRP F 231 -6.10 19.18 -25.49
N ILE F 232 -4.92 18.68 -25.85
CA ILE F 232 -3.77 18.79 -24.93
C ILE F 232 -3.34 20.24 -24.74
N PRO F 233 -3.05 20.97 -25.83
CA PRO F 233 -2.80 22.40 -25.65
C PRO F 233 -3.97 23.15 -25.00
N HIS F 234 -5.23 22.80 -25.33
CA HIS F 234 -6.38 23.50 -24.74
C HIS F 234 -6.35 23.26 -23.25
N LEU F 235 -6.05 22.03 -22.85
CA LEU F 235 -5.98 21.70 -21.42
C LEU F 235 -4.85 22.48 -20.72
N VAL F 236 -3.62 22.33 -21.21
CA VAL F 236 -2.49 22.98 -20.57
C VAL F 236 -2.74 24.46 -20.48
N GLN F 237 -3.41 25.02 -21.49
CA GLN F 237 -3.67 26.44 -21.50
C GLN F 237 -4.62 26.86 -20.38
N THR F 238 -5.75 26.15 -20.30
CA THR F 238 -6.73 26.38 -19.26
C THR F 238 -6.08 26.23 -17.93
N ILE F 239 -5.19 25.23 -17.78
CA ILE F 239 -4.38 25.10 -16.55
C ILE F 239 -3.55 26.37 -16.28
N THR F 240 -2.90 26.97 -17.29
CA THR F 240 -2.17 28.21 -17.03
C THR F 240 -3.15 29.33 -16.66
N GLU F 241 -4.18 29.55 -17.48
CA GLU F 241 -5.16 30.62 -17.23
C GLU F 241 -5.64 30.63 -15.78
N VAL F 242 -5.90 29.45 -15.24
CA VAL F 242 -6.31 29.24 -13.84
C VAL F 242 -5.15 29.36 -12.84
N ALA F 243 -3.96 28.86 -13.18
CA ALA F 243 -2.79 29.10 -12.32
C ALA F 243 -2.61 30.61 -12.11
N LEU F 244 -2.81 31.41 -13.16
CA LEU F 244 -2.67 32.88 -13.07
C LEU F 244 -4.00 33.62 -12.94
N ASN F 245 -4.88 33.25 -12.00
CA ASN F 245 -6.30 33.62 -12.21
C ASN F 245 -7.03 34.82 -11.56
N LYS F 246 -6.61 35.43 -10.45
CA LYS F 246 -5.73 34.85 -9.46
C LYS F 246 -6.45 35.01 -8.13
N SER F 247 -7.04 33.92 -7.69
CA SER F 247 -7.45 33.75 -6.32
C SER F 247 -6.33 32.88 -5.76
N GLU F 248 -6.32 32.59 -4.47
CA GLU F 248 -5.15 31.92 -3.89
C GLU F 248 -5.19 30.41 -4.01
N SER F 249 -4.01 29.81 -4.18
CA SER F 249 -3.85 28.36 -4.09
C SER F 249 -4.15 27.92 -2.67
N ILE F 250 -4.64 26.71 -2.50
CA ILE F 250 -5.00 26.18 -1.21
C ILE F 250 -3.83 25.46 -0.55
N PHE F 251 -3.40 25.90 0.63
CA PHE F 251 -2.37 25.18 1.39
C PHE F 251 -2.97 24.18 2.35
N VAL F 252 -2.69 22.90 2.15
CA VAL F 252 -3.37 21.87 2.96
C VAL F 252 -2.62 21.59 4.29
N ASP F 253 -2.96 22.36 5.31
CA ASP F 253 -2.42 22.19 6.66
C ASP F 253 -3.47 21.54 7.56
N LYS F 254 -3.00 20.84 8.58
CA LYS F 254 -3.92 20.39 9.61
C LYS F 254 -4.67 21.64 10.06
N ASN F 255 -5.99 21.52 10.14
CA ASN F 255 -6.87 22.67 10.26
C ASN F 255 -7.61 22.85 8.96
N LEU F 256 -7.10 22.30 7.86
CA LEU F 256 -8.00 21.94 6.77
C LEU F 256 -8.71 20.61 7.07
N ILE F 257 -8.15 19.77 7.96
CA ILE F 257 -9.02 19.03 8.95
C ILE F 257 -8.36 18.77 10.33
N ALA G 2 61.04 36.69 -20.79
CA ALA G 2 61.27 36.08 -22.11
C ALA G 2 59.97 35.48 -22.67
N SER G 3 59.91 35.32 -23.98
CA SER G 3 58.71 34.79 -24.63
C SER G 3 59.04 33.89 -25.80
N GLN G 4 58.48 32.68 -25.87
CA GLN G 4 58.72 31.80 -27.02
C GLN G 4 57.43 31.56 -27.73
N GLN G 5 57.53 31.05 -28.94
CA GLN G 5 56.35 30.70 -29.70
C GLN G 5 56.28 29.20 -29.65
N GLN G 6 55.29 28.68 -28.98
CA GLN G 6 55.19 27.26 -28.71
C GLN G 6 54.31 26.69 -29.82
N THR G 7 54.45 25.41 -30.17
CA THR G 7 53.47 24.86 -31.10
C THR G 7 52.69 23.73 -30.46
N VAL G 8 51.38 23.78 -30.65
CA VAL G 8 50.38 22.99 -29.92
C VAL G 8 49.35 22.47 -30.90
N ARG G 9 48.56 21.50 -30.46
CA ARG G 9 47.69 20.80 -31.38
C ARG G 9 46.57 21.61 -32.02
N GLY G 10 45.70 22.33 -31.32
CA GLY G 10 45.35 22.20 -29.94
C GLY G 10 43.83 22.53 -29.79
N TRP G 11 42.98 22.08 -30.70
CA TRP G 11 41.52 21.97 -30.41
C TRP G 11 40.44 23.05 -30.62
N SER G 12 39.98 23.24 -31.86
CA SER G 12 39.01 24.28 -32.09
C SER G 12 37.54 23.86 -31.97
N GLY G 13 37.27 22.58 -31.77
CA GLY G 13 35.88 22.14 -31.65
C GLY G 13 35.14 22.55 -30.36
N ILE G 14 35.87 22.61 -29.23
CA ILE G 14 35.32 23.08 -27.97
C ILE G 14 34.50 24.33 -28.31
N ASN G 15 35.06 25.21 -29.14
CA ASN G 15 34.46 26.52 -29.41
C ASN G 15 33.09 26.48 -29.98
N THR G 16 32.80 25.38 -30.65
CA THR G 16 31.52 25.20 -31.30
C THR G 16 30.43 24.64 -30.35
N PHE G 17 30.79 24.25 -29.14
CA PHE G 17 29.80 23.79 -28.18
C PHE G 17 29.04 24.93 -27.59
N ALA G 18 27.93 24.62 -26.91
CA ALA G 18 27.20 25.65 -26.23
C ALA G 18 28.16 26.29 -25.18
N PRO G 19 28.11 27.60 -25.03
CA PRO G 19 28.84 28.21 -23.92
C PRO G 19 28.77 27.44 -22.63
N ALA G 20 27.57 27.12 -22.15
CA ALA G 20 27.47 26.46 -20.85
C ALA G 20 28.23 25.15 -20.87
N THR G 21 28.10 24.36 -21.93
CA THR G 21 28.94 23.16 -22.07
C THR G 21 30.44 23.49 -22.00
N GLN G 22 30.92 24.46 -22.78
CA GLN G 22 32.35 24.72 -22.85
C GLN G 22 32.97 25.01 -21.48
N THR G 23 32.29 25.86 -20.71
CA THR G 23 32.61 26.14 -19.31
C THR G 23 32.69 24.85 -18.44
N LYS G 24 31.84 23.87 -18.69
CA LYS G 24 31.88 22.65 -17.91
C LYS G 24 33.08 21.83 -18.32
N LEU G 25 33.22 21.61 -19.62
CA LEU G 25 34.42 20.97 -20.15
C LEU G 25 35.73 21.60 -19.63
N LEU G 26 35.82 22.91 -19.70
CA LEU G 26 37.05 23.55 -19.27
C LEU G 26 37.28 23.32 -17.75
N GLU G 27 36.20 23.28 -16.96
CA GLU G 27 36.37 23.01 -15.54
C GLU G 27 36.84 21.60 -15.36
N LEU G 28 36.52 20.76 -16.33
CA LEU G 28 36.84 19.35 -16.19
C LEU G 28 38.25 19.10 -16.61
N LEU G 29 38.70 19.70 -17.72
CA LEU G 29 40.11 19.66 -18.08
C LEU G 29 40.90 20.10 -16.87
N GLY G 30 40.42 21.12 -16.17
CA GLY G 30 41.15 21.62 -15.04
C GLY G 30 41.31 20.57 -14.00
N ASN G 31 40.21 19.89 -13.61
CA ASN G 31 40.20 18.92 -12.53
C ASN G 31 41.29 17.93 -12.78
N LEU G 32 41.36 17.50 -14.03
CA LEU G 32 42.36 16.53 -14.49
C LEU G 32 43.79 17.10 -14.29
N LYS G 33 44.03 18.31 -14.77
CA LYS G 33 45.30 18.92 -14.51
C LYS G 33 45.58 18.94 -12.98
N GLN G 34 44.64 19.45 -12.21
CA GLN G 34 44.75 19.49 -10.77
C GLN G 34 45.32 18.20 -10.18
N GLU G 35 45.00 17.06 -10.79
CA GLU G 35 45.51 15.76 -10.32
C GLU G 35 46.65 15.22 -11.15
N ASP G 36 47.42 16.10 -11.78
CA ASP G 36 48.52 15.73 -12.66
C ASP G 36 48.18 14.80 -13.84
N VAL G 37 46.91 14.81 -14.22
CA VAL G 37 46.44 14.06 -15.39
C VAL G 37 46.48 15.03 -16.55
N ASN G 38 47.60 14.98 -17.28
CA ASN G 38 47.92 15.90 -18.36
C ASN G 38 47.55 15.43 -19.75
N SER G 39 47.03 14.21 -19.87
CA SER G 39 46.56 13.67 -21.14
C SER G 39 45.68 12.43 -20.94
N LEU G 40 44.87 12.09 -21.92
CA LEU G 40 43.91 11.01 -21.71
C LEU G 40 43.76 10.23 -22.99
N THR G 41 43.87 8.92 -22.96
CA THR G 41 43.55 8.13 -24.17
C THR G 41 42.29 7.35 -23.92
N ILE G 42 41.37 7.46 -24.85
CA ILE G 42 40.05 6.90 -24.71
C ILE G 42 39.90 5.97 -25.89
N LEU G 43 39.71 4.69 -25.62
CA LEU G 43 39.52 3.71 -26.69
C LEU G 43 38.01 3.50 -26.86
N VAL G 44 37.52 3.73 -28.06
CA VAL G 44 36.10 3.61 -28.35
C VAL G 44 35.87 2.36 -29.17
N MET G 45 35.16 1.39 -28.60
CA MET G 45 34.93 0.08 -29.22
C MET G 45 33.45 -0.33 -29.14
N GLY G 46 33.05 -1.23 -30.03
CA GLY G 46 31.72 -1.79 -29.97
C GLY G 46 31.39 -2.69 -31.14
N LYS G 47 30.19 -3.27 -31.09
CA LYS G 47 29.51 -3.79 -32.28
C LYS G 47 29.53 -2.70 -33.36
N GLY G 48 29.33 -3.13 -34.59
CA GLY G 48 29.51 -2.25 -35.73
C GLY G 48 28.23 -1.55 -35.91
N GLY G 49 28.29 -0.34 -36.46
CA GLY G 49 27.07 0.41 -36.77
C GLY G 49 26.28 0.93 -35.57
N VAL G 50 26.92 1.20 -34.43
CA VAL G 50 26.23 1.67 -33.24
C VAL G 50 26.51 3.12 -32.90
N GLY G 51 27.35 3.78 -33.69
CA GLY G 51 27.65 5.20 -33.51
C GLY G 51 28.97 5.48 -32.81
N LYS G 52 29.94 4.57 -32.98
CA LYS G 52 31.27 4.79 -32.41
C LYS G 52 31.87 6.13 -32.91
N SER G 53 31.82 6.36 -34.22
CA SER G 53 32.45 7.50 -34.86
C SER G 53 31.61 8.79 -34.77
N SER G 54 30.29 8.66 -34.81
CA SER G 54 29.43 9.82 -34.51
C SER G 54 29.74 10.41 -33.13
N THR G 55 29.93 9.54 -32.14
CA THR G 55 30.33 9.93 -30.81
C THR G 55 31.73 10.54 -30.78
N VAL G 56 32.69 9.96 -31.49
CA VAL G 56 33.99 10.62 -31.55
C VAL G 56 33.88 12.01 -32.17
N ASN G 57 33.14 12.18 -33.26
CA ASN G 57 32.96 13.56 -33.78
C ASN G 57 32.25 14.49 -32.77
N SER G 58 31.23 13.99 -32.09
CA SER G 58 30.52 14.78 -31.09
C SER G 58 31.41 15.18 -29.97
N ILE G 59 32.24 14.29 -29.46
CA ILE G 59 33.10 14.62 -28.32
C ILE G 59 34.16 15.63 -28.75
N ILE G 60 34.74 15.43 -29.93
CA ILE G 60 35.72 16.40 -30.44
C ILE G 60 35.08 17.72 -30.86
N GLY G 61 33.85 17.66 -31.33
CA GLY G 61 33.20 18.83 -31.85
C GLY G 61 33.80 19.27 -33.17
N GLU G 62 34.30 18.31 -33.93
CA GLU G 62 34.74 18.55 -35.32
C GLU G 62 34.39 17.30 -36.17
N ARG G 63 34.23 17.42 -37.49
CA ARG G 63 33.97 16.24 -38.34
C ARG G 63 35.27 15.51 -38.54
N VAL G 64 35.71 14.67 -37.60
CA VAL G 64 37.05 14.07 -37.71
C VAL G 64 37.11 12.64 -38.21
N VAL G 65 36.11 11.83 -37.91
CA VAL G 65 36.03 10.45 -38.47
C VAL G 65 34.81 10.30 -39.36
N SER G 66 34.85 9.33 -40.25
CA SER G 66 33.72 9.02 -41.13
C SER G 66 32.54 8.36 -40.45
N ILE G 67 31.35 8.75 -40.89
CA ILE G 67 30.12 8.07 -40.50
C ILE G 67 29.57 7.23 -41.63
N SER G 68 29.23 5.99 -41.29
CA SER G 68 28.82 4.94 -42.25
C SER G 68 27.31 4.63 -42.07
N PRO G 69 26.44 5.29 -42.84
CA PRO G 69 25.00 5.07 -42.63
C PRO G 69 24.45 3.75 -43.21
N PHE G 70 25.30 2.97 -43.87
CA PHE G 70 24.88 1.80 -44.67
C PHE G 70 25.91 0.68 -44.71
N GLN G 71 27.15 1.01 -45.05
CA GLN G 71 28.18 0.00 -45.29
C GLN G 71 29.26 0.07 -44.21
N SER G 72 30.50 0.46 -44.53
CA SER G 72 31.61 0.07 -43.65
C SER G 72 33.02 0.64 -43.84
N GLU G 73 33.16 1.85 -44.37
CA GLU G 73 34.38 2.64 -44.11
C GLU G 73 35.46 1.83 -43.32
N GLY G 74 35.12 1.48 -42.08
CA GLY G 74 35.92 0.63 -41.19
C GLY G 74 37.44 0.63 -41.30
N PRO G 75 38.00 -0.47 -41.77
CA PRO G 75 38.98 -1.36 -41.13
C PRO G 75 40.05 -0.76 -40.26
N ARG G 76 40.41 0.50 -40.43
CA ARG G 76 41.53 0.99 -39.62
C ARG G 76 41.15 1.88 -38.41
N PRO G 77 41.78 1.61 -37.26
CA PRO G 77 41.62 2.48 -36.13
C PRO G 77 42.11 3.86 -36.50
N VAL G 78 41.30 4.88 -36.25
CA VAL G 78 41.68 6.27 -36.44
C VAL G 78 41.85 6.87 -35.05
N MET G 79 42.88 7.70 -34.90
CA MET G 79 43.12 8.42 -33.62
C MET G 79 43.15 9.92 -33.85
N VAL G 80 42.35 10.62 -33.06
CA VAL G 80 42.16 12.06 -33.15
C VAL G 80 42.81 12.62 -31.89
N SER G 81 43.66 13.62 -32.04
CA SER G 81 44.33 14.18 -30.89
C SER G 81 44.14 15.68 -30.86
N ARG G 82 43.82 16.22 -29.69
CA ARG G 82 43.55 17.64 -29.62
C ARG G 82 44.09 18.20 -28.32
N SER G 83 44.25 19.53 -28.28
CA SER G 83 45.06 20.12 -27.27
C SER G 83 44.56 20.87 -26.09
N ARG G 84 43.69 21.81 -26.28
CA ARG G 84 43.42 22.77 -25.16
C ARG G 84 44.57 23.09 -24.19
N ALA G 85 44.48 22.94 -22.87
CA ALA G 85 45.37 23.89 -22.11
C ALA G 85 46.60 23.28 -21.42
N GLY G 86 47.51 22.71 -22.17
CA GLY G 86 48.51 21.85 -21.55
C GLY G 86 47.99 20.43 -21.36
N PHE G 87 46.74 20.17 -21.79
CA PHE G 87 46.12 18.85 -21.63
C PHE G 87 45.79 18.24 -22.98
N THR G 88 46.31 17.05 -23.27
CA THR G 88 46.14 16.43 -24.60
C THR G 88 45.10 15.32 -24.56
N LEU G 89 44.11 15.39 -25.45
CA LEU G 89 43.05 14.39 -25.55
C LEU G 89 43.28 13.52 -26.79
N ASN G 90 43.43 12.24 -26.55
CA ASN G 90 43.62 11.24 -27.57
C ASN G 90 42.44 10.35 -27.51
N ILE G 91 41.71 10.25 -28.60
CA ILE G 91 40.54 9.42 -28.61
C ILE G 91 40.62 8.53 -29.84
N ILE G 92 40.68 7.21 -29.61
CA ILE G 92 40.88 6.18 -30.67
C ILE G 92 39.52 5.55 -31.08
N ASP G 93 39.03 5.91 -32.27
CA ASP G 93 37.86 5.31 -32.89
C ASP G 93 38.34 4.00 -33.47
N THR G 94 37.48 2.99 -33.46
CA THR G 94 37.84 1.63 -33.89
C THR G 94 36.66 1.03 -34.69
N PRO G 95 36.96 0.12 -35.61
CA PRO G 95 35.90 -0.56 -36.35
C PRO G 95 35.02 -1.51 -35.52
N GLY G 96 33.82 -1.85 -36.01
CA GLY G 96 32.93 -2.78 -35.29
C GLY G 96 33.66 -4.07 -34.96
N LEU G 97 33.57 -4.52 -33.70
CA LEU G 97 34.26 -5.76 -33.34
C LEU G 97 33.54 -6.99 -33.82
N ILE G 98 32.28 -6.84 -34.21
CA ILE G 98 31.47 -7.93 -34.75
C ILE G 98 31.14 -7.65 -36.18
N GLU G 99 31.28 -8.68 -37.02
CA GLU G 99 30.37 -8.84 -38.16
C GLU G 99 29.90 -10.22 -38.62
N GLY G 100 28.66 -10.26 -39.09
CA GLY G 100 28.03 -11.50 -39.36
C GLY G 100 27.76 -12.03 -37.98
N GLY G 101 27.94 -13.32 -37.83
CA GLY G 101 27.68 -13.94 -36.56
C GLY G 101 28.77 -13.72 -35.54
N TYR G 102 29.98 -13.38 -35.99
CA TYR G 102 31.15 -13.43 -35.09
C TYR G 102 32.12 -12.25 -35.10
N ILE G 103 33.03 -12.31 -34.13
CA ILE G 103 34.14 -11.39 -34.02
C ILE G 103 34.90 -11.27 -35.32
N ASN G 104 35.21 -10.03 -35.67
CA ASN G 104 36.11 -9.80 -36.75
C ASN G 104 37.55 -9.88 -36.28
N ASP G 105 38.18 -11.02 -36.50
CA ASP G 105 39.56 -11.20 -36.04
C ASP G 105 40.49 -10.23 -36.75
N MET G 106 40.13 -9.88 -37.99
CA MET G 106 40.82 -8.84 -38.75
C MET G 106 40.95 -7.58 -37.91
N ALA G 107 39.79 -7.00 -37.58
CA ALA G 107 39.71 -5.78 -36.83
C ALA G 107 40.48 -6.00 -35.55
N LEU G 108 39.95 -6.86 -34.68
CA LEU G 108 40.50 -7.03 -33.34
C LEU G 108 42.05 -7.00 -33.31
N ASN G 109 42.73 -7.70 -34.21
CA ASN G 109 44.21 -7.70 -34.17
C ASN G 109 44.79 -6.38 -34.57
N ILE G 110 44.30 -5.83 -35.68
CA ILE G 110 44.66 -4.48 -36.15
C ILE G 110 44.63 -3.46 -34.98
N ILE G 111 43.49 -3.46 -34.29
CA ILE G 111 43.28 -2.72 -33.06
C ILE G 111 44.33 -3.02 -31.98
N LYS G 112 44.65 -4.30 -31.77
CA LYS G 112 45.69 -4.71 -30.78
C LYS G 112 47.09 -4.25 -31.14
N SER G 113 47.51 -4.49 -32.37
CA SER G 113 48.77 -3.95 -32.86
C SER G 113 48.81 -2.42 -32.74
N PHE G 114 47.77 -1.75 -33.21
CA PHE G 114 47.74 -0.30 -33.13
C PHE G 114 47.94 0.16 -31.71
N LEU G 115 47.35 -0.53 -30.73
CA LEU G 115 47.41 -0.06 -29.34
C LEU G 115 48.76 -0.29 -28.68
N LEU G 116 49.56 -1.21 -29.23
CA LEU G 116 50.91 -1.44 -28.71
C LEU G 116 51.62 -0.12 -28.28
N ASP G 117 52.06 -0.12 -27.02
CA ASP G 117 52.82 0.98 -26.42
C ASP G 117 51.98 2.14 -25.99
N LYS G 118 50.71 2.14 -26.38
CA LYS G 118 49.79 3.15 -25.87
C LYS G 118 49.30 2.72 -24.51
N THR G 119 48.71 3.66 -23.80
CA THR G 119 48.05 3.36 -22.55
C THR G 119 46.60 3.68 -22.75
N ILE G 120 45.72 2.90 -22.14
CA ILE G 120 44.28 3.14 -22.24
C ILE G 120 43.81 3.69 -20.91
N ASP G 121 43.45 4.96 -20.92
CA ASP G 121 42.95 5.60 -19.75
C ASP G 121 41.46 5.32 -19.56
N VAL G 122 40.69 5.20 -20.64
CA VAL G 122 39.27 4.94 -20.54
C VAL G 122 38.78 4.12 -21.68
N LEU G 123 37.96 3.08 -21.39
CA LEU G 123 37.26 2.37 -22.45
C LEU G 123 35.86 2.92 -22.59
N LEU G 124 35.54 3.43 -23.78
CA LEU G 124 34.17 3.81 -24.08
C LEU G 124 33.53 2.69 -24.86
N TYR G 125 32.66 1.94 -24.19
CA TYR G 125 31.90 0.84 -24.86
C TYR G 125 30.57 1.34 -25.42
N VAL G 126 30.40 1.33 -26.74
CA VAL G 126 29.28 2.03 -27.35
C VAL G 126 28.26 1.02 -27.89
N ASP G 127 26.97 1.36 -27.80
CA ASP G 127 25.83 0.50 -28.26
C ASP G 127 24.63 1.42 -28.55
N ARG G 128 23.50 0.91 -28.99
CA ARG G 128 22.35 1.76 -29.26
C ARG G 128 21.41 1.70 -28.13
N LEU G 129 20.67 2.78 -27.90
CA LEU G 129 19.70 2.81 -26.79
C LEU G 129 18.53 1.98 -27.20
N ASP G 130 17.98 2.33 -28.34
CA ASP G 130 16.79 1.69 -28.87
C ASP G 130 17.11 0.36 -29.50
N ALA G 131 17.63 -0.55 -28.69
CA ALA G 131 17.80 -1.96 -29.05
C ALA G 131 17.01 -2.80 -28.03
N TYR G 132 16.53 -3.97 -28.47
CA TYR G 132 15.54 -4.71 -27.67
C TYR G 132 16.04 -6.05 -27.14
N ARG G 133 17.13 -6.55 -27.66
CA ARG G 133 17.63 -7.82 -27.20
C ARG G 133 19.13 -7.66 -27.06
N VAL G 134 19.68 -8.25 -26.02
CA VAL G 134 21.09 -8.56 -26.00
C VAL G 134 21.20 -10.07 -26.22
N ASP G 135 22.28 -10.52 -26.85
CA ASP G 135 22.48 -11.95 -27.12
C ASP G 135 23.96 -12.26 -27.04
N ASN G 136 24.33 -13.42 -27.56
CA ASN G 136 25.71 -13.85 -27.42
C ASN G 136 26.69 -12.96 -28.14
N LEU G 137 26.26 -12.24 -29.17
CA LEU G 137 27.13 -11.25 -29.84
C LEU G 137 27.71 -10.30 -28.79
N ASP G 138 26.83 -9.64 -28.05
CA ASP G 138 27.20 -8.68 -27.03
C ASP G 138 28.14 -9.35 -26.03
N LYS G 139 27.86 -10.61 -25.70
CA LYS G 139 28.71 -11.37 -24.79
C LYS G 139 30.13 -11.57 -25.33
N LEU G 140 30.22 -11.86 -26.63
CA LEU G 140 31.51 -11.96 -27.32
C LEU G 140 32.27 -10.66 -27.43
N VAL G 141 31.63 -9.51 -27.61
CA VAL G 141 32.44 -8.30 -27.70
C VAL G 141 33.13 -8.16 -26.34
N ALA G 142 32.33 -8.34 -25.30
CA ALA G 142 32.84 -8.21 -23.97
C ALA G 142 33.99 -9.22 -23.76
N LYS G 143 33.77 -10.49 -24.12
CA LYS G 143 34.86 -11.47 -24.09
C LYS G 143 36.12 -11.00 -24.88
N ALA G 144 35.90 -10.47 -26.06
CA ALA G 144 37.00 -10.07 -26.94
C ALA G 144 37.77 -8.92 -26.35
N ILE G 145 37.06 -7.89 -25.86
CA ILE G 145 37.75 -6.83 -25.14
C ILE G 145 38.59 -7.47 -24.02
N THR G 146 37.95 -8.29 -23.17
CA THR G 146 38.59 -8.87 -21.95
C THR G 146 39.84 -9.69 -22.26
N ASP G 147 39.73 -10.53 -23.29
CA ASP G 147 40.84 -11.38 -23.65
C ASP G 147 42.01 -10.54 -24.12
N SER G 148 41.72 -9.44 -24.75
CA SER G 148 42.76 -8.63 -25.38
C SER G 148 43.51 -7.64 -24.44
N PHE G 149 42.80 -7.04 -23.48
CA PHE G 149 43.36 -6.03 -22.61
C PHE G 149 43.43 -6.39 -21.09
N GLY G 150 42.71 -7.40 -20.66
CA GLY G 150 42.76 -7.81 -19.26
C GLY G 150 41.48 -7.42 -18.58
N LYS G 151 41.06 -8.22 -17.59
CA LYS G 151 39.83 -7.91 -16.84
C LYS G 151 39.87 -6.44 -16.44
N GLY G 152 41.07 -5.93 -16.17
CA GLY G 152 41.26 -4.57 -15.63
C GLY G 152 40.69 -3.41 -16.42
N ILE G 153 40.51 -3.60 -17.73
CA ILE G 153 40.01 -2.52 -18.56
C ILE G 153 38.61 -2.11 -18.11
N TRP G 154 37.88 -3.03 -17.47
CA TRP G 154 36.51 -2.76 -17.03
C TRP G 154 36.43 -1.77 -15.88
N ASN G 155 37.51 -1.63 -15.13
CA ASN G 155 37.57 -0.62 -14.09
C ASN G 155 37.76 0.77 -14.69
N LYS G 156 37.94 0.86 -16.00
CA LYS G 156 38.12 2.12 -16.70
C LYS G 156 37.05 2.28 -17.76
N ALA G 157 35.94 1.58 -17.61
CA ALA G 157 34.98 1.40 -18.69
C ALA G 157 33.76 2.21 -18.45
N ILE G 158 33.30 2.89 -19.48
CA ILE G 158 31.97 3.46 -19.49
C ILE G 158 31.23 2.87 -20.66
N VAL G 159 29.99 2.45 -20.41
CA VAL G 159 29.07 2.02 -21.46
C VAL G 159 28.28 3.24 -21.88
N ALA G 160 28.29 3.56 -23.17
CA ALA G 160 27.70 4.82 -23.65
C ALA G 160 26.65 4.39 -24.63
N LEU G 161 25.39 4.75 -24.42
CA LEU G 161 24.27 4.36 -25.31
C LEU G 161 23.75 5.48 -26.21
N THR G 162 23.98 5.35 -27.50
CA THR G 162 23.61 6.35 -28.53
C THR G 162 22.11 6.34 -28.91
N HIS G 163 21.74 7.16 -29.88
CA HIS G 163 20.32 7.43 -30.23
C HIS G 163 19.42 7.67 -29.01
N ALA G 164 19.89 8.53 -28.10
CA ALA G 164 19.26 8.69 -26.78
C ALA G 164 17.94 9.41 -26.85
N GLN G 165 17.71 10.15 -27.92
CA GLN G 165 16.46 10.91 -28.05
C GLN G 165 15.39 10.02 -28.61
N PHE G 166 14.74 9.30 -27.71
CA PHE G 166 14.00 8.11 -28.07
C PHE G 166 12.72 8.12 -27.32
N SER G 167 11.61 7.77 -27.93
CA SER G 167 10.41 7.54 -27.17
C SER G 167 10.17 6.06 -27.09
N PRO G 168 10.40 5.49 -25.90
CA PRO G 168 10.07 4.08 -25.73
C PRO G 168 8.61 3.76 -26.12
N PRO G 169 8.36 2.53 -26.67
CA PRO G 169 7.05 1.98 -27.07
C PRO G 169 6.09 1.66 -25.91
N ASP G 170 4.78 1.59 -26.22
CA ASP G 170 3.68 1.42 -25.24
C ASP G 170 3.78 2.11 -23.92
N GLY G 171 4.13 3.38 -24.04
CA GLY G 171 4.06 4.35 -22.97
C GLY G 171 5.09 4.16 -21.90
N LEU G 172 6.11 3.33 -22.15
CA LEU G 172 7.09 2.99 -21.13
C LEU G 172 7.91 4.24 -20.77
N PRO G 173 7.99 4.55 -19.48
CA PRO G 173 8.78 5.74 -19.16
C PRO G 173 10.25 5.61 -19.57
N TYR G 174 10.70 6.62 -20.32
CA TYR G 174 12.08 6.77 -20.71
C TYR G 174 13.08 6.27 -19.67
N ASP G 175 12.88 6.64 -18.42
CA ASP G 175 13.81 6.25 -17.38
C ASP G 175 13.73 4.80 -17.07
N GLU G 176 12.54 4.22 -17.12
CA GLU G 176 12.38 2.78 -16.89
C GLU G 176 13.01 2.06 -18.03
N PHE G 177 12.77 2.52 -19.26
CA PHE G 177 13.39 1.88 -20.42
C PHE G 177 14.91 1.94 -20.29
N PHE G 178 15.43 3.13 -20.00
CA PHE G 178 16.88 3.34 -20.00
C PHE G 178 17.44 2.38 -18.98
N SER G 179 16.67 2.17 -17.95
CA SER G 179 17.06 1.29 -16.88
C SER G 179 17.08 -0.18 -17.22
N LYS G 180 16.01 -0.72 -17.77
CA LYS G 180 16.03 -2.14 -18.05
C LYS G 180 17.12 -2.36 -19.08
N ARG G 181 17.10 -1.55 -20.14
CA ARG G 181 18.11 -1.65 -21.18
C ARG G 181 19.49 -1.71 -20.56
N SER G 182 19.81 -0.76 -19.68
CA SER G 182 21.15 -0.71 -19.06
C SER G 182 21.45 -2.05 -18.42
N GLU G 183 20.52 -2.48 -17.58
CA GLU G 183 20.64 -3.68 -16.74
C GLU G 183 20.90 -4.92 -17.60
N ALA G 184 20.08 -5.10 -18.63
CA ALA G 184 20.26 -6.18 -19.57
C ALA G 184 21.72 -6.17 -20.05
N LEU G 185 22.14 -5.04 -20.61
CA LEU G 185 23.42 -4.94 -21.26
C LEU G 185 24.61 -5.14 -20.29
N LEU G 186 24.57 -4.51 -19.11
CA LEU G 186 25.69 -4.63 -18.15
C LEU G 186 25.79 -6.09 -17.78
N GLN G 187 24.66 -6.75 -17.61
CA GLN G 187 24.72 -8.12 -17.16
C GLN G 187 25.45 -9.09 -18.15
N VAL G 188 25.17 -8.95 -19.44
CA VAL G 188 25.80 -9.73 -20.49
C VAL G 188 27.26 -9.34 -20.70
N VAL G 189 27.55 -8.05 -20.49
CA VAL G 189 28.92 -7.56 -20.58
C VAL G 189 29.74 -8.25 -19.47
N ARG G 190 29.30 -8.15 -18.22
CA ARG G 190 29.99 -8.82 -17.08
C ARG G 190 30.09 -10.33 -17.32
N SER G 191 29.00 -10.91 -17.80
CA SER G 191 28.99 -12.31 -18.22
C SER G 191 30.13 -12.64 -19.18
N GLY G 192 30.11 -12.02 -20.34
CA GLY G 192 31.19 -12.18 -21.30
C GLY G 192 32.57 -11.88 -20.74
N ALA G 193 32.65 -10.86 -19.88
CA ALA G 193 33.92 -10.40 -19.35
C ALA G 193 34.43 -11.19 -18.13
N SER G 194 33.52 -11.87 -17.42
CA SER G 194 33.84 -12.61 -16.18
C SER G 194 34.18 -11.73 -14.98
N LEU G 195 33.16 -11.09 -14.41
CA LEU G 195 33.36 -10.03 -13.42
C LEU G 195 32.55 -10.20 -12.11
N SER G 202 29.75 -0.08 -8.37
CA SER G 202 28.51 0.58 -8.79
C SER G 202 27.83 -0.03 -10.05
N ASP G 203 28.59 -0.41 -11.06
CA ASP G 203 30.04 -0.24 -11.09
C ASP G 203 30.39 0.42 -12.41
N ILE G 204 30.10 -0.24 -13.53
CA ILE G 204 30.38 0.36 -14.80
C ILE G 204 29.31 1.39 -15.13
N PRO G 205 29.70 2.68 -15.18
CA PRO G 205 28.76 3.73 -15.47
C PRO G 205 28.12 3.58 -16.84
N VAL G 206 26.85 3.94 -16.95
CA VAL G 206 26.11 3.96 -18.22
C VAL G 206 25.69 5.40 -18.49
N VAL G 207 26.11 5.95 -19.62
CA VAL G 207 25.77 7.35 -19.99
C VAL G 207 24.96 7.33 -21.26
N LEU G 208 24.25 8.40 -21.54
CA LEU G 208 23.47 8.42 -22.77
C LEU G 208 24.03 9.48 -23.70
N ILE G 209 23.93 9.16 -25.02
CA ILE G 209 24.47 9.96 -26.13
C ILE G 209 23.41 10.13 -27.20
N GLU G 210 23.33 11.33 -27.76
CA GLU G 210 22.48 11.64 -28.88
C GLU G 210 23.26 12.49 -29.88
N ASN G 211 23.82 11.83 -30.89
CA ASN G 211 24.71 12.51 -31.85
C ASN G 211 23.93 13.35 -32.83
N SER G 212 22.61 13.19 -32.90
CA SER G 212 21.89 13.96 -33.89
C SER G 212 22.08 15.44 -33.76
N GLY G 213 22.18 16.12 -34.89
CA GLY G 213 22.12 17.59 -34.91
C GLY G 213 20.76 18.15 -34.48
N ARG G 214 19.70 17.38 -34.68
CA ARG G 214 18.39 17.81 -34.15
C ARG G 214 18.07 17.31 -32.71
N CYS G 215 19.10 17.14 -31.85
CA CYS G 215 18.90 16.91 -30.42
C CYS G 215 18.19 18.09 -29.89
N ASN G 216 17.29 17.89 -28.94
CA ASN G 216 16.73 19.02 -28.24
C ASN G 216 17.78 19.68 -27.35
N LYS G 217 17.56 20.96 -27.08
CA LYS G 217 18.51 21.77 -26.35
C LYS G 217 17.78 22.43 -25.21
N ASN G 218 18.52 22.80 -24.17
CA ASN G 218 17.95 23.45 -23.00
C ASN G 218 17.98 24.99 -23.17
N ASP G 219 17.60 25.74 -22.14
CA ASP G 219 17.54 27.22 -22.24
C ASP G 219 18.95 27.83 -22.42
N SER G 220 20.01 27.06 -22.10
CA SER G 220 21.42 27.43 -22.36
C SER G 220 21.97 26.92 -23.70
N ASP G 221 21.11 26.34 -24.52
CA ASP G 221 21.47 25.90 -25.86
C ASP G 221 22.39 24.67 -25.88
N GLU G 222 22.47 24.01 -24.72
CA GLU G 222 23.21 22.78 -24.58
C GLU G 222 22.31 21.70 -25.14
N LYS G 223 22.90 20.65 -25.66
CA LYS G 223 22.15 19.50 -26.06
C LYS G 223 21.56 18.75 -24.86
N VAL G 224 20.25 18.51 -24.84
CA VAL G 224 19.65 17.68 -23.79
C VAL G 224 19.00 16.40 -24.24
N LEU G 225 19.20 15.37 -23.46
CA LEU G 225 18.39 14.17 -23.50
C LEU G 225 16.97 14.42 -22.96
N PRO G 226 16.07 13.50 -23.23
CA PRO G 226 14.76 13.48 -22.59
C PRO G 226 14.75 13.56 -21.07
N ASN G 227 15.81 13.20 -20.37
CA ASN G 227 15.70 13.22 -18.92
C ASN G 227 16.09 14.58 -18.44
N GLY G 228 16.32 15.47 -19.41
CA GLY G 228 16.75 16.84 -19.17
C GLY G 228 18.23 17.02 -18.87
N ILE G 229 19.03 15.95 -18.79
CA ILE G 229 20.48 16.11 -18.54
C ILE G 229 21.26 16.56 -19.81
N ALA G 230 22.15 17.52 -19.68
CA ALA G 230 23.03 17.91 -20.79
C ALA G 230 24.02 16.81 -20.94
N TRP G 231 23.88 16.07 -22.01
CA TRP G 231 24.63 14.84 -22.12
C TRP G 231 26.14 14.95 -22.34
N ILE G 232 26.61 15.98 -23.05
CA ILE G 232 28.05 16.15 -23.33
C ILE G 232 28.81 16.44 -22.05
N PRO G 233 28.41 17.50 -21.35
CA PRO G 233 29.05 17.69 -20.05
C PRO G 233 28.97 16.44 -19.20
N HIS G 234 27.78 15.85 -19.07
CA HIS G 234 27.62 14.62 -18.27
C HIS G 234 28.65 13.57 -18.64
N LEU G 235 28.85 13.42 -19.94
CA LEU G 235 29.73 12.39 -20.42
C LEU G 235 31.17 12.66 -20.00
N VAL G 236 31.64 13.89 -20.26
CA VAL G 236 33.02 14.20 -20.09
C VAL G 236 33.28 14.10 -18.60
N GLN G 237 32.26 14.36 -17.79
CA GLN G 237 32.40 14.22 -16.35
C GLN G 237 32.55 12.77 -15.97
N THR G 238 31.64 11.94 -16.45
CA THR G 238 31.77 10.51 -16.18
C THR G 238 33.22 10.08 -16.54
N ILE G 239 33.71 10.51 -17.69
CA ILE G 239 35.06 10.22 -18.18
C ILE G 239 36.06 10.66 -17.09
N THR G 240 35.96 11.92 -16.72
CA THR G 240 36.81 12.48 -15.73
C THR G 240 36.81 11.67 -14.45
N GLU G 241 35.61 11.30 -13.99
CA GLU G 241 35.48 10.57 -12.74
C GLU G 241 36.20 9.22 -12.84
N VAL G 242 36.00 8.56 -13.97
CA VAL G 242 36.62 7.29 -14.22
C VAL G 242 38.12 7.42 -14.39
N ALA G 243 38.55 8.46 -15.12
CA ALA G 243 39.98 8.76 -15.27
C ALA G 243 40.61 8.82 -13.90
N LEU G 244 39.92 9.45 -12.96
CA LEU G 244 40.49 9.68 -11.66
C LEU G 244 40.20 8.61 -10.62
N ASN G 245 39.52 7.53 -10.97
CA ASN G 245 39.27 6.51 -9.96
C ASN G 245 40.54 5.72 -9.60
N LYS G 246 40.64 5.20 -8.38
CA LYS G 246 41.88 4.51 -7.88
C LYS G 246 42.52 3.39 -8.78
N SER G 247 41.93 3.08 -9.94
CA SER G 247 42.45 2.01 -10.78
C SER G 247 43.61 2.40 -11.68
N GLU G 248 44.41 1.40 -12.00
CA GLU G 248 45.47 1.58 -12.97
C GLU G 248 44.88 1.59 -14.40
N SER G 249 45.44 2.43 -15.26
CA SER G 249 45.16 2.43 -16.69
C SER G 249 45.82 1.18 -17.27
N ILE G 250 45.56 0.87 -18.54
CA ILE G 250 46.14 -0.33 -19.17
C ILE G 250 47.24 0.01 -20.19
N PHE G 251 48.47 -0.36 -19.88
CA PHE G 251 49.56 -0.26 -20.84
C PHE G 251 49.39 -1.43 -21.74
N VAL G 252 49.41 -1.21 -23.05
CA VAL G 252 49.32 -2.30 -24.05
C VAL G 252 50.73 -2.67 -24.54
N ASP G 253 51.21 -3.82 -24.10
CA ASP G 253 52.47 -4.30 -24.61
C ASP G 253 52.34 -5.71 -25.21
N LYS G 254 53.43 -6.23 -25.78
CA LYS G 254 53.35 -7.45 -26.56
C LYS G 254 52.81 -8.59 -25.71
N ASN G 255 53.15 -8.53 -24.42
CA ASN G 255 52.79 -9.54 -23.43
C ASN G 255 51.30 -9.53 -23.06
N LEU G 256 50.69 -8.34 -23.04
CA LEU G 256 49.25 -8.22 -22.77
C LEU G 256 48.46 -8.82 -23.94
N ILE G 257 49.12 -9.00 -25.08
CA ILE G 257 48.56 -9.75 -26.20
C ILE G 257 49.21 -11.15 -26.40
N ASP G 258 50.42 -11.37 -25.88
CA ASP G 258 50.96 -12.75 -25.67
C ASP G 258 50.23 -13.35 -24.46
N VAL H 8 -10.66 -19.26 -33.90
CA VAL H 8 -11.31 -18.45 -34.99
C VAL H 8 -12.52 -17.57 -34.54
N ARG H 9 -12.19 -16.43 -33.96
CA ARG H 9 -13.18 -15.49 -33.45
C ARG H 9 -13.57 -14.40 -34.42
N GLY H 10 -12.61 -13.52 -34.61
CA GLY H 10 -12.82 -12.07 -34.63
C GLY H 10 -13.93 -11.64 -35.52
N TRP H 11 -13.62 -10.76 -36.48
CA TRP H 11 -12.41 -9.96 -36.53
C TRP H 11 -12.81 -8.56 -36.09
N SER H 12 -12.72 -8.34 -34.78
CA SER H 12 -13.16 -7.11 -34.15
C SER H 12 -12.12 -5.99 -34.26
N GLY H 13 -10.86 -6.36 -34.46
CA GLY H 13 -9.78 -5.36 -34.43
C GLY H 13 -9.89 -4.47 -35.65
N ILE H 14 -10.45 -5.03 -36.72
CA ILE H 14 -10.85 -4.25 -37.90
C ILE H 14 -11.64 -2.98 -37.53
N ASN H 15 -12.40 -2.97 -36.42
CA ASN H 15 -13.10 -1.76 -35.97
C ASN H 15 -12.20 -0.62 -35.45
N THR H 16 -10.97 -0.93 -35.10
CA THR H 16 -10.07 0.02 -34.47
C THR H 16 -9.31 0.85 -35.49
N PHE H 17 -9.23 0.33 -36.71
CA PHE H 17 -8.70 1.05 -37.86
C PHE H 17 -9.56 2.26 -38.15
N ALA H 18 -8.97 3.28 -38.80
CA ALA H 18 -9.74 4.49 -39.13
C ALA H 18 -10.78 4.12 -40.17
N PRO H 19 -11.92 4.83 -40.17
CA PRO H 19 -13.03 4.57 -41.11
C PRO H 19 -12.61 4.37 -42.60
N ALA H 20 -11.89 5.34 -43.13
CA ALA H 20 -11.38 5.27 -44.48
C ALA H 20 -10.69 3.93 -44.73
N THR H 21 -9.93 3.47 -43.73
CA THR H 21 -9.09 2.26 -43.81
C THR H 21 -9.95 1.00 -43.87
N GLN H 22 -11.04 1.03 -43.12
CA GLN H 22 -12.00 -0.07 -43.11
C GLN H 22 -12.65 -0.29 -44.51
N THR H 23 -12.94 0.78 -45.24
CA THR H 23 -13.57 0.59 -46.57
C THR H 23 -12.64 -0.13 -47.56
N LYS H 24 -11.38 0.28 -47.67
CA LYS H 24 -10.44 -0.45 -48.54
C LYS H 24 -10.03 -1.80 -47.99
N LEU H 25 -10.13 -1.99 -46.68
CA LEU H 25 -9.87 -3.30 -46.11
C LEU H 25 -11.01 -4.29 -46.42
N LEU H 26 -12.24 -3.80 -46.38
CA LEU H 26 -13.40 -4.65 -46.64
C LEU H 26 -13.56 -4.85 -48.14
N GLU H 27 -13.20 -3.84 -48.94
CA GLU H 27 -13.18 -3.98 -50.41
C GLU H 27 -12.13 -4.97 -50.88
N LEU H 28 -10.96 -4.98 -50.24
CA LEU H 28 -9.89 -5.94 -50.59
C LEU H 28 -10.28 -7.39 -50.21
N LEU H 29 -10.79 -7.59 -49.00
CA LEU H 29 -11.44 -8.86 -48.67
C LEU H 29 -12.59 -9.08 -49.63
N GLY H 30 -13.20 -7.97 -50.05
CA GLY H 30 -14.28 -8.00 -51.04
C GLY H 30 -13.88 -8.80 -52.25
N ASN H 31 -12.88 -8.32 -52.98
CA ASN H 31 -12.52 -8.96 -54.24
C ASN H 31 -11.85 -10.33 -54.10
N LEU H 32 -11.30 -10.64 -52.93
CA LEU H 32 -10.72 -11.98 -52.70
C LEU H 32 -11.83 -13.03 -52.80
N LYS H 33 -13.05 -12.70 -52.32
CA LYS H 33 -14.25 -13.53 -52.58
C LYS H 33 -14.53 -13.65 -54.10
N GLN H 34 -14.48 -12.52 -54.80
CA GLN H 34 -14.62 -12.46 -56.29
C GLN H 34 -13.60 -13.33 -57.03
N GLU H 35 -12.74 -14.04 -56.31
CA GLU H 35 -11.82 -15.02 -56.89
C GLU H 35 -11.86 -16.36 -56.12
N ASP H 36 -12.94 -16.61 -55.38
CA ASP H 36 -13.10 -17.82 -54.51
C ASP H 36 -11.93 -18.02 -53.50
N VAL H 37 -11.24 -16.94 -53.12
CA VAL H 37 -10.25 -16.96 -52.01
C VAL H 37 -10.95 -16.50 -50.72
N ASN H 38 -11.22 -17.45 -49.84
CA ASN H 38 -12.00 -17.19 -48.61
C ASN H 38 -11.17 -17.28 -47.36
N SER H 39 -9.87 -17.41 -47.52
CA SER H 39 -8.96 -17.77 -46.43
C SER H 39 -7.53 -17.56 -46.88
N LEU H 40 -6.67 -17.14 -45.96
CA LEU H 40 -5.35 -16.74 -46.33
C LEU H 40 -4.47 -16.90 -45.11
N THR H 41 -3.50 -17.82 -45.15
CA THR H 41 -2.57 -18.01 -44.03
C THR H 41 -1.31 -17.16 -44.33
N ILE H 42 -0.95 -16.24 -43.43
CA ILE H 42 0.22 -15.40 -43.63
C ILE H 42 1.25 -15.76 -42.61
N LEU H 43 2.36 -16.35 -43.06
CA LEU H 43 3.48 -16.68 -42.18
C LEU H 43 4.44 -15.50 -42.12
N VAL H 44 4.75 -15.06 -40.90
CA VAL H 44 5.50 -13.83 -40.69
C VAL H 44 6.76 -14.24 -39.92
N MET H 45 7.93 -13.88 -40.46
CA MET H 45 9.20 -14.26 -39.84
C MET H 45 10.30 -13.21 -40.02
N GLY H 46 11.40 -13.46 -39.33
CA GLY H 46 12.60 -12.68 -39.47
C GLY H 46 13.50 -12.97 -38.27
N LYS H 47 14.44 -12.05 -38.04
CA LYS H 47 15.29 -12.10 -36.86
C LYS H 47 14.48 -11.65 -35.66
N GLY H 48 15.14 -11.58 -34.51
CA GLY H 48 14.45 -11.31 -33.27
C GLY H 48 14.52 -9.87 -32.86
N GLY H 49 13.37 -9.32 -32.46
CA GLY H 49 13.30 -7.95 -31.96
C GLY H 49 13.13 -6.98 -33.10
N VAL H 50 12.52 -7.45 -34.17
CA VAL H 50 12.29 -6.62 -35.36
C VAL H 50 10.80 -6.15 -35.43
N GLY H 51 10.01 -6.60 -34.47
CA GLY H 51 8.61 -6.21 -34.42
C GLY H 51 7.70 -7.11 -35.22
N LYS H 52 8.04 -8.38 -35.29
CA LYS H 52 7.18 -9.37 -35.99
C LYS H 52 5.82 -9.35 -35.29
N SER H 53 5.88 -9.64 -33.98
CA SER H 53 4.70 -9.82 -33.22
C SER H 53 3.83 -8.57 -33.21
N SER H 54 4.44 -7.41 -33.24
CA SER H 54 3.72 -6.14 -33.16
C SER H 54 3.01 -5.86 -34.47
N THR H 55 3.61 -6.36 -35.55
CA THR H 55 3.03 -6.26 -36.86
C THR H 55 1.80 -7.07 -36.89
N VAL H 56 1.85 -8.28 -36.34
CA VAL H 56 0.65 -9.12 -36.32
C VAL H 56 -0.44 -8.37 -35.53
N ASN H 57 -0.05 -7.73 -34.42
CA ASN H 57 -1.03 -7.08 -33.60
C ASN H 57 -1.72 -5.97 -34.33
N SER H 58 -0.97 -5.18 -35.08
CA SER H 58 -1.59 -4.03 -35.76
C SER H 58 -2.46 -4.48 -36.92
N ILE H 59 -2.14 -5.64 -37.51
CA ILE H 59 -3.02 -6.25 -38.53
C ILE H 59 -4.36 -6.69 -37.91
N ILE H 60 -4.28 -7.51 -36.87
CA ILE H 60 -5.48 -8.06 -36.27
C ILE H 60 -6.22 -6.89 -35.66
N GLY H 61 -5.50 -5.83 -35.32
CA GLY H 61 -6.12 -4.59 -34.82
C GLY H 61 -6.45 -4.68 -33.36
N GLU H 62 -5.86 -5.65 -32.70
CA GLU H 62 -5.87 -5.70 -31.28
C GLU H 62 -4.69 -6.55 -30.81
N ARG H 63 -4.36 -6.34 -29.52
CA ARG H 63 -3.16 -6.93 -28.91
C ARG H 63 -3.46 -8.34 -28.59
N VAL H 64 -3.07 -9.24 -29.48
CA VAL H 64 -3.35 -10.65 -29.31
C VAL H 64 -2.10 -11.46 -29.11
N VAL H 65 -0.94 -10.93 -29.46
CA VAL H 65 0.29 -11.62 -29.11
C VAL H 65 1.22 -10.75 -28.24
N SER H 66 2.12 -11.46 -27.59
CA SER H 66 3.00 -10.98 -26.53
C SER H 66 4.13 -10.16 -27.11
N ILE H 67 4.23 -8.92 -26.66
CA ILE H 67 5.38 -8.13 -27.06
C ILE H 67 6.16 -7.78 -25.79
N SER H 68 7.48 -7.78 -25.93
CA SER H 68 8.36 -7.33 -24.85
C SER H 68 9.49 -6.50 -25.43
N PRO H 69 9.68 -5.28 -24.89
CA PRO H 69 10.74 -4.50 -25.48
C PRO H 69 12.12 -5.05 -25.15
N PHE H 70 12.21 -6.02 -24.23
CA PHE H 70 13.52 -6.43 -23.70
C PHE H 70 13.99 -7.81 -24.06
N GLN H 71 13.08 -8.77 -24.06
CA GLN H 71 13.20 -10.00 -24.85
C GLN H 71 11.78 -10.59 -24.84
N SER H 72 11.53 -11.86 -24.48
CA SER H 72 12.09 -13.06 -25.12
C SER H 72 11.24 -14.05 -25.82
N GLU H 73 10.01 -14.07 -25.33
CA GLU H 73 9.25 -15.29 -25.08
C GLU H 73 9.69 -16.58 -25.79
N GLY H 74 9.13 -16.81 -26.99
CA GLY H 74 8.84 -18.14 -27.60
C GLY H 74 9.55 -19.42 -27.22
N PRO H 75 9.76 -20.32 -28.20
CA PRO H 75 9.34 -20.24 -29.61
C PRO H 75 7.85 -20.42 -29.87
N ARG H 76 7.20 -21.35 -29.19
CA ARG H 76 5.92 -21.83 -29.68
C ARG H 76 5.27 -20.76 -30.54
N PRO H 77 5.34 -20.92 -31.88
CA PRO H 77 4.66 -20.01 -32.78
C PRO H 77 3.20 -20.01 -32.41
N VAL H 78 2.52 -18.95 -32.79
CA VAL H 78 1.14 -18.78 -32.38
C VAL H 78 0.43 -18.41 -33.64
N MET H 79 -0.64 -19.13 -33.94
CA MET H 79 -1.48 -18.76 -35.06
C MET H 79 -2.71 -18.08 -34.56
N VAL H 80 -3.02 -16.97 -35.20
CA VAL H 80 -4.15 -16.16 -34.84
C VAL H 80 -5.09 -16.12 -36.01
N SER H 81 -6.37 -16.28 -35.74
CA SER H 81 -7.36 -16.45 -36.81
C SER H 81 -8.57 -15.59 -36.59
N ARG H 82 -8.85 -14.66 -37.49
CA ARG H 82 -10.03 -13.84 -37.29
C ARG H 82 -10.84 -13.84 -38.56
N SER H 83 -12.15 -13.56 -38.43
CA SER H 83 -13.13 -13.68 -39.52
C SER H 83 -13.88 -12.39 -39.76
N ARG H 84 -14.19 -12.10 -41.01
CA ARG H 84 -15.07 -11.00 -41.35
C ARG H 84 -15.63 -11.14 -42.74
N ALA H 85 -16.94 -10.92 -42.89
CA ALA H 85 -17.61 -10.96 -44.21
C ALA H 85 -17.38 -12.28 -44.97
N GLY H 86 -17.28 -13.39 -44.22
CA GLY H 86 -16.90 -14.72 -44.76
C GLY H 86 -15.40 -15.06 -44.82
N PHE H 87 -14.53 -14.06 -44.68
CA PHE H 87 -13.09 -14.24 -44.83
C PHE H 87 -12.37 -14.56 -43.53
N THR H 88 -11.48 -15.55 -43.55
CA THR H 88 -10.67 -15.90 -42.36
C THR H 88 -9.18 -15.65 -42.59
N LEU H 89 -8.60 -14.76 -41.80
CA LEU H 89 -7.19 -14.50 -41.90
C LEU H 89 -6.47 -15.28 -40.81
N ASN H 90 -5.45 -16.05 -41.21
CA ASN H 90 -4.59 -16.73 -40.25
C ASN H 90 -3.18 -16.14 -40.21
N ILE H 91 -2.81 -15.46 -39.13
CA ILE H 91 -1.42 -15.07 -39.04
C ILE H 91 -0.67 -15.92 -38.06
N ILE H 92 0.54 -16.31 -38.46
CA ILE H 92 1.42 -17.11 -37.61
C ILE H 92 2.64 -16.33 -37.14
N ASP H 93 2.63 -15.95 -35.87
CA ASP H 93 3.81 -15.30 -35.30
C ASP H 93 4.82 -16.40 -34.97
N THR H 94 6.07 -16.11 -35.23
CA THR H 94 7.13 -17.07 -35.01
C THR H 94 8.26 -16.39 -34.38
N PRO H 95 9.09 -17.15 -33.71
CA PRO H 95 10.34 -16.59 -33.20
C PRO H 95 11.42 -16.24 -34.25
N GLY H 96 12.41 -15.52 -33.77
CA GLY H 96 13.47 -14.99 -34.59
C GLY H 96 14.36 -16.15 -34.88
N LEU H 97 14.88 -16.20 -36.10
CA LEU H 97 15.64 -17.35 -36.52
C LEU H 97 17.09 -17.30 -36.03
N ILE H 98 17.50 -16.17 -35.45
CA ILE H 98 18.90 -15.97 -35.02
C ILE H 98 19.11 -15.84 -33.50
N GLU H 99 19.95 -16.70 -32.97
CA GLU H 99 20.36 -16.66 -31.58
C GLU H 99 21.85 -16.39 -31.64
N GLY H 100 22.24 -15.16 -31.32
CA GLY H 100 23.60 -14.73 -31.55
C GLY H 100 23.95 -14.76 -33.03
N GLY H 101 25.02 -15.45 -33.38
CA GLY H 101 25.52 -15.46 -34.77
C GLY H 101 25.24 -16.72 -35.56
N TYR H 102 24.39 -17.58 -35.00
CA TYR H 102 24.00 -18.81 -35.65
C TYR H 102 22.50 -18.79 -35.81
N ILE H 103 21.98 -19.66 -36.66
CA ILE H 103 20.55 -19.87 -36.76
C ILE H 103 20.11 -20.79 -35.65
N ASN H 104 18.91 -20.52 -35.14
CA ASN H 104 18.36 -21.28 -34.05
C ASN H 104 17.65 -22.50 -34.59
N ASP H 105 18.39 -23.61 -34.68
CA ASP H 105 17.80 -24.84 -35.21
C ASP H 105 16.65 -25.34 -34.35
N MET H 106 16.77 -25.16 -33.03
CA MET H 106 15.69 -25.47 -32.12
C MET H 106 14.41 -24.78 -32.61
N ALA H 107 14.47 -23.44 -32.65
CA ALA H 107 13.39 -22.59 -33.12
C ALA H 107 12.97 -22.97 -34.54
N LEU H 108 13.96 -23.08 -35.44
CA LEU H 108 13.63 -23.37 -36.80
C LEU H 108 12.89 -24.69 -36.84
N ASN H 109 13.38 -25.66 -36.07
CA ASN H 109 12.77 -27.01 -36.00
C ASN H 109 11.29 -27.00 -35.58
N ILE H 110 10.97 -26.13 -34.63
CA ILE H 110 9.64 -25.96 -34.09
C ILE H 110 8.72 -25.20 -35.04
N ILE H 111 9.24 -24.16 -35.66
CA ILE H 111 8.49 -23.43 -36.69
C ILE H 111 8.08 -24.40 -37.77
N LYS H 112 9.06 -25.24 -38.14
CA LYS H 112 8.85 -26.34 -39.08
C LYS H 112 7.76 -27.32 -38.61
N SER H 113 7.84 -27.76 -37.35
CA SER H 113 6.85 -28.71 -36.80
C SER H 113 5.46 -28.14 -37.05
N PHE H 114 5.21 -27.01 -36.40
CA PHE H 114 3.93 -26.28 -36.39
C PHE H 114 3.32 -26.11 -37.78
N LEU H 115 4.16 -25.98 -38.80
CA LEU H 115 3.68 -25.61 -40.10
C LEU H 115 3.18 -26.81 -40.85
N LEU H 116 3.40 -28.00 -40.27
CA LEU H 116 2.91 -29.26 -40.87
C LEU H 116 1.41 -29.18 -41.12
N ASP H 117 1.02 -29.38 -42.39
CA ASP H 117 -0.40 -29.45 -42.84
C ASP H 117 -1.06 -28.09 -42.99
N LYS H 118 -0.25 -27.05 -42.89
CA LYS H 118 -0.69 -25.72 -43.15
C LYS H 118 -0.27 -25.39 -44.58
N THR H 119 -0.79 -24.27 -45.07
CA THR H 119 -0.58 -23.81 -46.43
C THR H 119 -0.20 -22.33 -46.40
N ILE H 120 1.10 -22.04 -46.59
CA ILE H 120 1.66 -20.68 -46.55
C ILE H 120 1.26 -19.89 -47.81
N ASP H 121 0.34 -18.93 -47.67
CA ASP H 121 -0.08 -18.11 -48.80
C ASP H 121 0.72 -16.81 -48.94
N VAL H 122 1.16 -16.24 -47.81
CA VAL H 122 2.13 -15.11 -47.78
C VAL H 122 3.23 -15.24 -46.72
N LEU H 123 4.45 -14.87 -47.11
CA LEU H 123 5.58 -14.89 -46.19
C LEU H 123 5.86 -13.43 -45.96
N LEU H 124 5.49 -12.93 -44.76
CA LEU H 124 5.83 -11.58 -44.31
C LEU H 124 7.21 -11.61 -43.68
N TYR H 125 8.22 -11.26 -44.48
CA TYR H 125 9.61 -11.21 -44.06
C TYR H 125 9.78 -9.89 -43.42
N VAL H 126 10.13 -9.84 -42.14
CA VAL H 126 10.13 -8.58 -41.40
C VAL H 126 11.54 -8.13 -40.91
N ASP H 127 11.86 -6.86 -41.16
CA ASP H 127 13.07 -6.24 -40.59
C ASP H 127 12.76 -4.81 -40.09
N ARG H 128 13.74 -4.18 -39.43
CA ARG H 128 13.62 -2.77 -39.05
C ARG H 128 14.04 -1.91 -40.24
N LEU H 129 13.30 -0.83 -40.46
CA LEU H 129 13.70 0.18 -41.42
C LEU H 129 14.96 0.80 -40.90
N ASP H 130 14.99 1.08 -39.62
CA ASP H 130 15.99 1.98 -39.10
C ASP H 130 17.24 1.25 -38.70
N ALA H 131 17.81 0.54 -39.65
CA ALA H 131 19.00 -0.29 -39.45
C ALA H 131 20.07 0.08 -40.47
N TYR H 132 21.32 -0.18 -40.15
CA TYR H 132 22.42 0.42 -40.88
C TYR H 132 23.38 -0.54 -41.54
N ARG H 133 23.45 -1.78 -41.08
CA ARG H 133 24.17 -2.81 -41.78
C ARG H 133 23.15 -3.74 -42.37
N VAL H 134 23.62 -4.69 -43.16
CA VAL H 134 22.82 -5.81 -43.64
C VAL H 134 23.91 -6.82 -43.92
N ASP H 135 23.95 -7.93 -43.18
CA ASP H 135 25.13 -8.79 -43.22
C ASP H 135 24.75 -10.29 -43.38
N ASN H 136 25.69 -11.19 -43.09
CA ASN H 136 25.48 -12.62 -43.26
C ASN H 136 24.36 -13.25 -42.42
N LEU H 137 23.97 -12.58 -41.36
CA LEU H 137 22.84 -13.03 -40.54
C LEU H 137 21.53 -12.85 -41.34
N ASP H 138 21.44 -11.77 -42.12
CA ASP H 138 20.29 -11.53 -42.97
C ASP H 138 20.31 -12.65 -43.99
N LYS H 139 21.49 -12.94 -44.53
CA LYS H 139 21.65 -14.05 -45.49
C LYS H 139 21.10 -15.36 -44.91
N LEU H 140 21.62 -15.75 -43.75
CA LEU H 140 21.26 -17.02 -43.08
C LEU H 140 19.79 -17.15 -42.89
N VAL H 141 19.10 -16.06 -42.60
CA VAL H 141 17.66 -16.10 -42.43
C VAL H 141 17.05 -16.51 -43.76
N ALA H 142 17.39 -15.77 -44.81
CA ALA H 142 16.94 -16.09 -46.18
C ALA H 142 17.19 -17.57 -46.57
N LYS H 143 18.33 -18.08 -46.10
CA LYS H 143 18.79 -19.42 -46.43
C LYS H 143 17.85 -20.37 -45.75
N ALA H 144 17.68 -20.17 -44.44
CA ALA H 144 16.84 -21.04 -43.62
C ALA H 144 15.34 -21.06 -44.03
N ILE H 145 14.83 -19.96 -44.57
CA ILE H 145 13.50 -19.93 -45.18
C ILE H 145 13.49 -20.68 -46.52
N THR H 146 14.49 -20.42 -47.37
CA THR H 146 14.61 -21.20 -48.60
C THR H 146 14.80 -22.70 -48.29
N ASP H 147 15.79 -23.03 -47.46
CA ASP H 147 16.06 -24.42 -47.03
C ASP H 147 14.80 -25.17 -46.57
N SER H 148 13.92 -24.48 -45.86
CA SER H 148 12.76 -25.12 -45.24
C SER H 148 11.57 -25.19 -46.19
N PHE H 149 11.33 -24.14 -46.98
CA PHE H 149 10.08 -24.04 -47.79
C PHE H 149 10.30 -23.78 -49.28
N GLY H 150 11.56 -23.91 -49.66
CA GLY H 150 12.26 -23.04 -50.59
C GLY H 150 11.68 -22.27 -51.73
N LYS H 151 12.47 -22.26 -52.80
CA LYS H 151 12.52 -21.17 -53.76
C LYS H 151 11.14 -20.59 -53.95
N GLY H 152 10.19 -21.50 -54.12
CA GLY H 152 8.79 -21.17 -54.25
C GLY H 152 8.26 -20.12 -53.30
N ILE H 153 8.61 -20.20 -52.03
CA ILE H 153 8.08 -19.24 -51.06
C ILE H 153 8.21 -17.79 -51.49
N TRP H 154 9.33 -17.41 -52.12
CA TRP H 154 9.60 -15.99 -52.40
C TRP H 154 8.75 -15.43 -53.54
N ASN H 155 7.99 -16.28 -54.21
CA ASN H 155 6.97 -15.79 -55.12
C ASN H 155 5.78 -15.28 -54.31
N LYS H 156 5.72 -15.67 -53.05
CA LYS H 156 4.61 -15.30 -52.16
C LYS H 156 5.05 -14.36 -51.01
N ALA H 157 6.25 -13.78 -51.14
CA ALA H 157 6.90 -13.08 -50.04
C ALA H 157 6.80 -11.56 -50.16
N ILE H 158 6.64 -10.89 -49.01
CA ILE H 158 6.75 -9.43 -48.86
C ILE H 158 7.76 -9.15 -47.77
N VAL H 159 8.82 -8.39 -48.03
CA VAL H 159 9.64 -7.87 -46.94
C VAL H 159 8.88 -6.64 -46.43
N ALA H 160 8.75 -6.53 -45.09
CA ALA H 160 8.12 -5.41 -44.40
C ALA H 160 9.08 -4.84 -43.34
N LEU H 161 9.37 -3.54 -43.46
CA LEU H 161 10.32 -2.81 -42.61
C LEU H 161 9.58 -2.02 -41.56
N THR H 162 9.79 -2.37 -40.29
CA THR H 162 9.07 -1.76 -39.15
C THR H 162 9.75 -0.44 -38.72
N HIS H 163 9.26 0.21 -37.65
CA HIS H 163 9.76 1.52 -37.19
C HIS H 163 9.80 2.57 -38.33
N ALA H 164 8.85 2.52 -39.23
CA ALA H 164 8.82 3.37 -40.44
C ALA H 164 8.75 4.89 -40.16
N GLN H 165 8.16 5.30 -39.05
CA GLN H 165 8.15 6.71 -38.69
C GLN H 165 9.50 7.12 -38.20
N PHE H 166 10.40 7.44 -39.09
CA PHE H 166 11.76 7.60 -38.71
C PHE H 166 12.35 8.79 -39.45
N SER H 167 13.25 9.50 -38.80
CA SER H 167 14.00 10.56 -39.47
C SER H 167 15.36 10.01 -39.82
N PRO H 168 15.60 9.80 -41.11
CA PRO H 168 16.90 9.25 -41.44
C PRO H 168 17.92 10.20 -40.93
N PRO H 169 19.10 9.69 -40.57
CA PRO H 169 20.03 10.61 -39.97
C PRO H 169 20.70 11.50 -40.99
N ASP H 170 21.94 11.17 -41.26
CA ASP H 170 22.95 12.19 -41.40
C ASP H 170 22.35 13.38 -42.09
N GLY H 171 22.60 13.60 -43.36
CA GLY H 171 21.73 14.51 -44.11
C GLY H 171 20.37 13.88 -44.40
N LEU H 172 20.38 12.58 -44.66
CA LEU H 172 19.58 11.99 -45.73
C LEU H 172 18.08 12.21 -45.68
N PRO H 173 17.47 12.41 -46.87
CA PRO H 173 16.02 12.49 -46.92
C PRO H 173 15.47 11.10 -46.89
N TYR H 174 14.15 11.00 -46.69
CA TYR H 174 13.51 9.74 -46.31
C TYR H 174 13.58 8.69 -47.40
N ASP H 175 13.48 9.11 -48.65
CA ASP H 175 13.37 8.15 -49.75
C ASP H 175 14.74 7.60 -50.15
N GLU H 176 15.78 8.43 -50.06
CA GLU H 176 17.14 7.95 -50.32
C GLU H 176 17.50 6.86 -49.33
N PHE H 177 17.24 7.09 -48.04
CA PHE H 177 17.51 6.07 -47.03
C PHE H 177 16.68 4.84 -47.34
N PHE H 178 15.39 5.02 -47.61
CA PHE H 178 14.47 3.90 -47.78
C PHE H 178 14.96 3.00 -48.88
N SER H 179 15.19 3.63 -50.03
CA SER H 179 15.66 3.00 -51.22
C SER H 179 16.92 2.18 -50.95
N LYS H 180 17.95 2.81 -50.40
CA LYS H 180 19.21 2.10 -50.14
C LYS H 180 19.07 0.97 -49.12
N ARG H 181 18.26 1.14 -48.08
CA ARG H 181 17.99 -0.03 -47.25
C ARG H 181 17.23 -1.16 -47.99
N SER H 182 16.17 -0.87 -48.74
CA SER H 182 15.49 -1.92 -49.50
C SER H 182 16.46 -2.70 -50.36
N GLU H 183 17.20 -1.99 -51.21
CA GLU H 183 18.12 -2.64 -52.11
C GLU H 183 19.25 -3.38 -51.42
N ALA H 184 19.74 -2.87 -50.29
CA ALA H 184 20.68 -3.63 -49.49
C ALA H 184 20.07 -4.97 -49.12
N LEU H 185 19.01 -4.91 -48.32
CA LEU H 185 18.32 -6.10 -47.82
C LEU H 185 17.91 -7.09 -48.93
N LEU H 186 17.21 -6.61 -49.97
CA LEU H 186 16.81 -7.49 -51.06
C LEU H 186 18.06 -8.14 -51.60
N GLN H 187 19.08 -7.36 -51.96
CA GLN H 187 20.30 -7.94 -52.49
C GLN H 187 20.93 -9.03 -51.60
N VAL H 188 20.56 -9.12 -50.33
CA VAL H 188 20.95 -10.32 -49.55
C VAL H 188 19.77 -11.23 -49.24
N VAL H 189 18.53 -10.75 -49.36
CA VAL H 189 17.38 -11.66 -49.38
C VAL H 189 17.64 -12.69 -50.48
N ARG H 190 17.81 -12.17 -51.70
CA ARG H 190 17.95 -12.97 -52.89
C ARG H 190 19.17 -13.84 -52.78
N SER H 191 20.34 -13.23 -52.61
CA SER H 191 21.58 -13.98 -52.33
C SER H 191 21.34 -15.27 -51.49
N GLY H 192 21.26 -15.15 -50.17
CA GLY H 192 21.02 -16.32 -49.30
C GLY H 192 19.88 -17.26 -49.68
N ALA H 193 18.83 -16.70 -50.29
CA ALA H 193 17.70 -17.50 -50.80
C ALA H 193 18.06 -18.25 -52.08
N SER H 194 19.18 -17.85 -52.69
CA SER H 194 19.67 -18.45 -53.92
C SER H 194 18.68 -18.32 -55.06
N LEU H 195 18.27 -17.09 -55.37
CA LEU H 195 17.50 -16.84 -56.58
C LEU H 195 18.15 -15.69 -57.34
N LYS H 196 17.62 -15.27 -58.48
CA LYS H 196 18.56 -14.81 -59.48
C LYS H 196 18.46 -13.41 -60.12
N LYS H 197 18.97 -13.32 -61.35
CA LYS H 197 19.57 -12.12 -61.91
C LYS H 197 18.86 -11.82 -63.26
N ASP H 198 17.54 -11.60 -63.18
CA ASP H 198 16.70 -11.37 -64.38
C ASP H 198 15.35 -10.81 -64.00
N SER H 202 7.75 -9.09 -60.02
CA SER H 202 8.74 -10.16 -60.09
C SER H 202 9.34 -10.63 -58.72
N ASP H 203 8.93 -10.08 -57.57
CA ASP H 203 8.68 -8.65 -57.38
C ASP H 203 10.05 -8.10 -56.98
N ILE H 204 10.58 -8.43 -55.80
CA ILE H 204 9.89 -9.03 -54.61
C ILE H 204 9.58 -7.84 -53.68
N PRO H 205 8.29 -7.56 -53.35
CA PRO H 205 7.94 -6.19 -52.95
C PRO H 205 8.19 -5.82 -51.47
N VAL H 206 8.45 -4.52 -51.22
CA VAL H 206 8.77 -4.04 -49.87
C VAL H 206 7.73 -3.04 -49.38
N VAL H 207 7.35 -3.15 -48.12
CA VAL H 207 6.37 -2.24 -47.56
C VAL H 207 6.83 -1.67 -46.21
N LEU H 208 6.35 -0.47 -45.89
CA LEU H 208 6.68 0.18 -44.63
C LEU H 208 5.56 0.08 -43.55
N ILE H 209 6.01 -0.14 -42.32
CA ILE H 209 5.14 -0.38 -41.18
C ILE H 209 5.57 0.50 -40.02
N GLU H 210 4.63 1.23 -39.42
CA GLU H 210 4.81 1.84 -38.11
C GLU H 210 3.76 1.34 -37.07
N ASN H 211 4.22 0.41 -36.25
CA ASN H 211 3.41 -0.30 -35.22
C ASN H 211 3.06 0.44 -33.91
N SER H 212 3.60 1.64 -33.70
CA SER H 212 3.13 2.51 -32.61
C SER H 212 1.99 3.46 -33.04
N GLY H 213 1.33 4.03 -32.03
CA GLY H 213 0.20 4.96 -32.21
C GLY H 213 0.63 6.39 -32.55
N ARG H 214 1.71 6.85 -31.86
CA ARG H 214 2.46 8.11 -32.15
C ARG H 214 2.37 8.55 -33.63
N CYS H 215 2.34 7.53 -34.49
CA CYS H 215 1.99 7.64 -35.88
C CYS H 215 1.24 8.91 -36.31
N ASN H 216 1.88 9.64 -37.23
CA ASN H 216 1.23 10.75 -37.91
C ASN H 216 0.06 10.18 -38.67
N LYS H 217 -1.05 10.90 -38.71
CA LYS H 217 -2.19 10.51 -39.52
C LYS H 217 -2.40 11.54 -40.65
N ASN H 218 -3.38 11.28 -41.52
CA ASN H 218 -3.84 12.27 -42.52
C ASN H 218 -5.24 12.83 -42.16
N ASP H 219 -5.95 13.35 -43.17
CA ASP H 219 -7.34 13.88 -43.06
C ASP H 219 -8.40 12.82 -42.70
N SER H 220 -8.35 11.68 -43.43
CA SER H 220 -9.18 10.47 -43.16
C SER H 220 -8.86 9.81 -41.82
N ASP H 221 -7.84 10.37 -41.17
CA ASP H 221 -7.09 9.73 -40.11
C ASP H 221 -6.63 8.30 -40.25
N GLU H 222 -6.20 8.01 -41.48
CA GLU H 222 -5.39 6.85 -41.78
C GLU H 222 -3.92 7.12 -41.40
N LYS H 223 -3.34 6.20 -40.66
CA LYS H 223 -1.96 6.27 -40.20
C LYS H 223 -0.97 6.48 -41.39
N VAL H 224 -0.42 7.71 -41.54
CA VAL H 224 0.48 8.08 -42.67
C VAL H 224 1.98 8.05 -42.31
N LEU H 225 2.77 7.51 -43.23
CA LEU H 225 4.21 7.43 -43.08
C LEU H 225 4.81 8.75 -43.57
N PRO H 226 6.15 8.97 -43.36
CA PRO H 226 6.72 10.25 -43.81
C PRO H 226 6.67 10.44 -45.33
N ASN H 227 6.74 9.32 -46.06
CA ASN H 227 6.58 9.25 -47.53
C ASN H 227 5.14 9.42 -48.11
N GLY H 228 4.14 9.75 -47.27
CA GLY H 228 2.79 10.03 -47.77
C GLY H 228 1.81 8.87 -47.82
N ILE H 229 2.33 7.65 -47.83
CA ILE H 229 1.48 6.44 -47.95
C ILE H 229 0.68 6.02 -46.69
N ALA H 230 -0.59 5.66 -46.87
CA ALA H 230 -1.42 5.03 -45.81
C ALA H 230 -1.02 3.56 -45.73
N TRP H 231 -0.17 3.25 -44.74
CA TRP H 231 0.56 1.98 -44.73
C TRP H 231 -0.27 0.75 -44.42
N ILE H 232 -1.28 0.85 -43.53
CA ILE H 232 -2.15 -0.31 -43.27
C ILE H 232 -2.92 -0.72 -44.52
N PRO H 233 -3.67 0.23 -45.14
CA PRO H 233 -4.33 -0.13 -46.41
C PRO H 233 -3.32 -0.65 -47.43
N HIS H 234 -2.15 0.00 -47.50
CA HIS H 234 -1.12 -0.39 -48.45
C HIS H 234 -0.53 -1.75 -48.14
N LEU H 235 -0.32 -2.06 -46.87
CA LEU H 235 0.11 -3.39 -46.49
C LEU H 235 -0.88 -4.44 -46.99
N VAL H 236 -2.13 -4.32 -46.55
CA VAL H 236 -3.21 -5.28 -46.91
C VAL H 236 -3.37 -5.47 -48.43
N GLN H 237 -3.39 -4.35 -49.14
CA GLN H 237 -3.52 -4.35 -50.58
C GLN H 237 -2.41 -5.16 -51.21
N THR H 238 -1.18 -4.87 -50.81
CA THR H 238 -0.04 -5.68 -51.25
C THR H 238 -0.19 -7.16 -50.80
N ILE H 239 -0.76 -7.40 -49.62
CA ILE H 239 -1.06 -8.78 -49.19
C ILE H 239 -1.94 -9.47 -50.22
N THR H 240 -3.02 -8.82 -50.67
CA THR H 240 -3.89 -9.46 -51.65
C THR H 240 -3.18 -9.69 -53.00
N GLU H 241 -2.54 -8.65 -53.56
CA GLU H 241 -1.87 -8.78 -54.87
C GLU H 241 -0.88 -9.93 -54.95
N VAL H 242 -0.23 -10.28 -53.84
CA VAL H 242 0.55 -11.54 -53.78
C VAL H 242 -0.34 -12.81 -53.78
N ALA H 243 -1.43 -12.82 -53.03
CA ALA H 243 -2.35 -13.99 -53.01
C ALA H 243 -3.06 -14.23 -54.37
N LEU H 244 -3.28 -13.17 -55.14
CA LEU H 244 -3.86 -13.27 -56.48
C LEU H 244 -2.84 -13.33 -57.63
N ASN H 245 -1.54 -13.35 -57.35
CA ASN H 245 -0.59 -13.45 -58.46
C ASN H 245 -0.56 -14.86 -59.05
N LYS H 246 0.00 -15.01 -60.24
CA LYS H 246 -0.01 -16.32 -60.90
C LYS H 246 1.10 -17.21 -60.37
N SER H 247 1.23 -17.26 -59.06
CA SER H 247 2.08 -18.27 -58.46
C SER H 247 1.28 -19.03 -57.40
N GLU H 248 1.83 -20.17 -57.02
CA GLU H 248 1.19 -21.10 -56.09
C GLU H 248 1.70 -20.85 -54.68
N SER H 249 1.05 -21.51 -53.74
CA SER H 249 1.28 -21.30 -52.33
C SER H 249 1.99 -22.52 -51.79
N ILE H 250 2.85 -22.35 -50.80
CA ILE H 250 3.59 -23.50 -50.27
C ILE H 250 2.76 -24.32 -49.24
N PHE H 251 2.20 -25.43 -49.70
CA PHE H 251 1.63 -26.44 -48.80
C PHE H 251 2.78 -27.15 -48.09
N VAL H 252 2.93 -26.88 -46.80
CA VAL H 252 3.95 -27.58 -46.02
C VAL H 252 3.61 -29.06 -45.78
N ASP H 253 4.51 -29.92 -46.30
CA ASP H 253 4.51 -31.38 -46.15
C ASP H 253 5.78 -31.88 -45.49
N LYS H 254 5.77 -33.13 -45.02
CA LYS H 254 7.03 -33.84 -44.74
C LYS H 254 8.03 -33.53 -45.86
N ASN H 255 7.59 -33.79 -47.10
CA ASN H 255 8.42 -33.70 -48.31
C ASN H 255 9.06 -32.33 -48.53
N LEU H 256 8.34 -31.25 -48.20
CA LEU H 256 8.98 -29.95 -48.20
C LEU H 256 10.06 -30.00 -47.13
N ILE H 257 9.64 -30.20 -45.87
CA ILE H 257 10.55 -29.99 -44.73
C ILE H 257 11.80 -30.88 -44.72
N ASP H 258 11.66 -32.12 -45.18
CA ASP H 258 12.80 -33.08 -45.34
C ASP H 258 13.62 -32.85 -46.63
MG MG I . 34.78 -3.45 35.10
PG GNP J . 33.17 -0.70 35.77
O1G GNP J . 32.92 -0.32 37.21
O2G GNP J . 34.38 -1.62 35.79
O3G GNP J . 33.26 0.47 34.86
N3B GNP J . 31.79 -1.62 35.36
PB GNP J . 31.78 -2.68 34.11
O1B GNP J . 31.44 -2.13 32.79
O2B GNP J . 33.01 -3.54 34.12
O3A GNP J . 30.49 -3.59 34.44
PA GNP J . 30.66 -4.97 35.29
O1A GNP J . 31.24 -6.06 34.45
O2A GNP J . 31.30 -4.56 36.56
O5' GNP J . 29.19 -5.41 35.47
C5' GNP J . 28.29 -4.43 36.00
C4' GNP J . 27.13 -5.08 36.64
O4' GNP J . 26.26 -5.41 35.53
C3' GNP J . 27.40 -6.38 37.40
O3' GNP J . 26.39 -6.55 38.40
C2' GNP J . 27.12 -7.46 36.43
O2' GNP J . 26.59 -8.62 37.05
C1' GNP J . 26.03 -6.81 35.54
N9 GNP J . 26.04 -7.20 34.16
C8 GNP J . 27.04 -7.01 33.21
N7 GNP J . 26.75 -7.48 32.04
C5 GNP J . 25.46 -7.98 32.23
C6 GNP J . 24.61 -8.60 31.29
O6 GNP J . 24.80 -8.85 30.07
N1 GNP J . 23.42 -8.99 31.91
C2 GNP J . 23.06 -8.79 33.21
N2 GNP J . 21.85 -9.24 33.57
N3 GNP J . 23.84 -8.18 34.08
C4 GNP J . 25.02 -7.84 33.50
C1 PGE K . 31.44 -13.34 34.42
O1 PGE K . 31.58 -12.00 34.85
C2 PGE K . 32.24 -14.35 35.27
O2 PGE K . 32.13 -15.70 34.75
C3 PGE K . 33.37 -16.37 34.43
C4 PGE K . 33.26 -17.37 33.26
O4 PGE K . 31.31 -17.51 28.95
C6 PGE K . 30.88 -17.60 30.32
C5 PGE K . 31.93 -18.05 31.34
O3 PGE K . 32.47 -16.94 32.11
C1 GOL L . 23.77 -8.64 16.64
O1 GOL L . 23.78 -9.71 17.59
C2 GOL L . 22.64 -8.66 15.59
O2 GOL L . 23.15 -8.84 14.28
C3 GOL L . 21.66 -9.76 15.99
O3 GOL L . 22.23 -11.05 15.86
MG MG M . 8.47 11.66 31.33
PG GNP N . 11.64 11.69 30.74
O1G GNP N . 12.60 11.98 29.62
O2G GNP N . 10.22 12.32 30.58
O3G GNP N . 12.23 12.17 32.01
N3B GNP N . 11.51 10.05 30.96
PB GNP N . 10.70 9.51 32.30
O1B GNP N . 11.52 9.56 33.53
O2B GNP N . 9.32 10.13 32.37
O3A GNP N . 10.51 7.93 32.02
PA GNP N . 9.29 7.31 31.13
O1A GNP N . 8.04 7.27 32.00
O2A GNP N . 9.23 8.00 29.80
O5' GNP N . 9.85 5.85 30.88
C5' GNP N . 11.09 5.68 30.13
C4' GNP N . 11.19 4.33 29.46
O4' GNP N . 11.39 3.34 30.50
C3' GNP N . 9.97 3.83 28.71
O3' GNP N . 10.37 2.93 27.64
C2' GNP N . 9.22 3.11 29.76
O2' GNP N . 8.44 2.07 29.26
C1' GNP N . 10.30 2.43 30.57
N9 GNP N . 9.91 2.20 31.94
C8 GNP N . 9.48 3.11 32.87
N7 GNP N . 9.16 2.57 34.02
C5 GNP N . 9.44 1.23 33.83
C6 GNP N . 9.28 0.17 34.76
O6 GNP N . 8.88 0.16 35.91
N1 GNP N . 9.65 -1.04 34.19
C2 GNP N . 10.09 -1.19 32.90
N2 GNP N . 10.39 -2.45 32.54
N3 GNP N . 10.24 -0.19 32.02
C4 GNP N . 9.88 1.00 32.57
MG MG O . -35.35 -3.75 22.35
PG GNP P . -33.36 -5.13 20.11
O1G GNP P . -33.31 -6.63 20.00
O2G GNP P . -34.71 -4.64 20.65
O3G GNP P . -33.01 -4.51 18.81
N3B GNP P . -32.11 -4.85 21.22
PB GNP P . -32.08 -3.55 22.24
O1B GNP P . -31.43 -2.39 21.57
O2B GNP P . -33.44 -3.22 22.80
O3A GNP P . -31.12 -4.01 23.48
PA GNP P . -31.54 -4.68 24.92
O1A GNP P . -32.12 -3.75 25.94
O2A GNP P . -32.25 -5.90 24.53
O5' GNP P . -30.09 -4.93 25.50
C5' GNP P . -29.23 -5.90 24.83
C4' GNP P . -28.28 -6.55 25.78
O4' GNP P . -27.38 -5.51 26.20
C3' GNP P . -28.90 -7.08 27.08
O3' GNP P . -28.17 -8.26 27.49
C2' GNP P . -28.71 -6.00 28.08
O2' GNP P . -28.44 -6.42 29.41
C1' GNP P . -27.39 -5.42 27.61
N9 GNP P . -27.17 -4.03 27.88
C8 GNP P . -27.88 -2.96 27.40
N7 GNP P . -27.39 -1.82 27.80
C5 GNP P . -26.30 -2.22 28.54
C6 GNP P . -25.40 -1.43 29.23
O6 GNP P . -25.39 -0.24 29.30
N1 GNP P . -24.43 -2.13 29.93
C2 GNP P . -24.32 -3.46 29.97
N2 GNP P . -23.29 -3.91 30.70
N3 GNP P . -25.18 -4.24 29.32
C4 GNP P . -26.14 -3.53 28.63
C1 GOL Q . -20.66 12.37 30.44
O1 GOL Q . -19.32 12.73 30.52
C2 GOL Q . -21.14 12.72 29.05
O2 GOL Q . -21.05 14.10 28.77
C3 GOL Q . -22.56 12.23 28.80
O3 GOL Q . -23.14 11.30 29.74
MG MG R . -6.50 -5.66 12.15
PG GNP S . -9.49 -4.62 11.61
O1G GNP S . -9.63 -3.15 11.43
O2G GNP S . -8.08 -4.94 11.23
O3G GNP S . -10.47 -5.48 10.88
N3B GNP S . -9.62 -4.84 13.28
PB GNP S . -9.02 -6.19 13.98
O1B GNP S . -9.90 -7.35 13.82
O2B GNP S . -7.63 -6.51 13.61
O3A GNP S . -9.13 -5.68 15.51
PA GNP S . -8.01 -4.87 16.36
O1A GNP S . -6.94 -5.84 16.74
O2A GNP S . -7.64 -3.56 15.71
O5' GNP S . -8.78 -4.54 17.69
C5' GNP S . -9.96 -3.72 17.73
C4' GNP S . -10.07 -3.04 19.08
O4' GNP S . -10.56 -4.00 20.09
C3' GNP S . -8.76 -2.52 19.66
O3' GNP S . -9.16 -1.37 20.43
C2' GNP S . -8.29 -3.69 20.52
O2' GNP S . -7.38 -3.41 21.56
C1' GNP S . -9.62 -4.15 21.15
N9 GNP S . -9.55 -5.53 21.52
C8 GNP S . -9.15 -6.50 20.67
N7 GNP S . -9.13 -7.68 21.23
C5 GNP S . -9.55 -7.41 22.53
C6 GNP S . -9.71 -8.34 23.58
O6 GNP S . -9.53 -9.55 23.56
N1 GNP S . -10.12 -7.79 24.77
C2 GNP S . -10.34 -6.47 24.91
N2 GNP S . -10.75 -6.14 26.15
N3 GNP S . -10.18 -5.58 23.91
C4 GNP S . -9.79 -6.12 22.73
MG MG T . -36.17 4.15 -20.09
PG GNP U . -33.96 5.18 -17.91
O1G GNP U . -33.61 6.42 -17.15
O2G GNP U . -35.36 5.07 -18.49
O3G GNP U . -33.63 4.08 -17.01
N3B GNP U . -33.00 5.12 -19.27
PB GNP U . -32.95 3.69 -20.04
O1B GNP U . -32.40 2.47 -19.37
O2B GNP U . -34.30 3.50 -20.59
O3A GNP U . -31.94 4.13 -21.25
PA GNP U . -32.43 4.78 -22.68
O1A GNP U . -32.90 3.64 -23.54
O2A GNP U . -33.33 5.96 -22.46
O5' GNP U . -31.02 5.11 -23.30
C5' GNP U . -30.20 6.16 -22.73
C4' GNP U . -29.32 6.73 -23.79
O4' GNP U . -28.56 5.58 -24.20
C3' GNP U . -30.00 7.28 -25.05
O3' GNP U . -29.20 8.37 -25.58
C2' GNP U . -29.92 6.14 -26.00
O2' GNP U . -29.87 6.51 -27.36
C1' GNP U . -28.57 5.50 -25.61
N9 GNP U . -28.36 4.10 -25.89
C8 GNP U . -29.06 3.07 -25.34
N7 GNP U . -28.69 1.90 -25.73
C5 GNP U . -27.64 2.21 -26.57
C6 GNP U . -26.84 1.30 -27.28
O6 GNP U . -26.87 0.09 -27.35
N1 GNP U . -25.89 1.94 -28.05
C2 GNP U . -25.73 3.27 -28.14
N2 GNP U . -24.73 3.55 -28.95
N3 GNP U . -26.50 4.16 -27.46
C4 GNP U . -27.43 3.52 -26.70
C1 GOL V . -22.49 -13.36 -26.38
O1 GOL V . -22.49 -14.74 -26.19
C2 GOL V . -22.79 -13.14 -27.85
O2 GOL V . -21.56 -12.78 -28.44
C3 GOL V . -23.81 -12.05 -28.21
O3 GOL V . -24.82 -11.77 -27.29
MG MG W . -6.98 5.41 -11.36
PG GNP X . -9.92 4.40 -10.61
O1G GNP X . -10.01 2.94 -10.18
O2G GNP X . -8.57 4.94 -10.31
O3G GNP X . -10.98 5.27 -10.02
N3B GNP X . -10.02 4.54 -12.29
PB GNP X . -9.66 5.98 -12.96
O1B GNP X . -10.69 7.01 -12.68
O2B GNP X . -8.24 6.36 -12.66
O3A GNP X . -9.78 5.55 -14.55
PA GNP X . -8.64 4.76 -15.47
O1A GNP X . -7.49 5.62 -15.94
O2A GNP X . -8.25 3.50 -14.77
O5' GNP X . -9.52 4.43 -16.74
C5' GNP X . -10.67 3.54 -16.65
C4' GNP X . -10.89 2.83 -17.95
O4' GNP X . -11.45 3.77 -18.95
C3' GNP X . -9.62 2.29 -18.56
O3' GNP X . -9.95 1.12 -19.37
C2' GNP X . -9.14 3.42 -19.46
O2' GNP X . -8.37 2.93 -20.57
C1' GNP X . -10.47 4.05 -19.95
N9 GNP X . -10.39 5.45 -20.31
C8 GNP X . -9.95 6.53 -19.61
N7 GNP X . -9.99 7.66 -20.29
C5 GNP X . -10.48 7.27 -21.50
C6 GNP X . -10.73 8.05 -22.67
O6 GNP X . -10.56 9.24 -22.87
N1 GNP X . -11.19 7.27 -23.73
C2 GNP X . -11.38 5.92 -23.63
N2 GNP X . -11.83 5.28 -24.69
N3 GNP X . -11.14 5.20 -22.55
C4 GNP X . -10.69 5.96 -21.52
C1 PGE Y . 0.77 8.16 -23.66
O1 PGE Y . 0.65 7.49 -22.41
C2 PGE Y . 0.33 9.62 -23.53
O2 PGE Y . 0.82 10.50 -24.57
C3 PGE Y . -0.14 11.50 -24.95
C4 PGE Y . 0.41 12.41 -26.04
O4 PGE Y . -0.18 14.67 -29.87
C6 PGE Y . 0.21 13.33 -29.54
C5 PGE Y . -0.52 12.85 -28.27
O3 PGE Y . 0.21 11.96 -27.39
C1 GOL Z . -29.02 17.59 0.77
O1 GOL Z . -28.96 18.98 0.65
C2 GOL Z . -28.56 16.98 -0.55
O2 GOL Z . -29.59 17.13 -1.53
C3 GOL Z . -28.15 15.51 -0.35
O3 GOL Z . -29.24 14.67 0.01
MG MG AA . 32.73 4.16 -37.30
PG GNP BA . 31.17 1.30 -37.75
O1G GNP BA . 30.65 0.68 -39.02
O2G GNP BA . 32.23 2.37 -38.05
O3G GNP BA . 31.49 0.33 -36.67
N3B GNP BA . 29.80 2.17 -37.38
PB GNP BA . 29.91 3.16 -36.09
O1B GNP BA . 29.79 2.43 -34.80
O2B GNP BA . 31.09 4.04 -36.16
O3A GNP BA . 28.58 4.06 -36.31
PA GNP BA . 28.51 5.46 -37.14
O1A GNP BA . 28.91 6.60 -36.23
O2A GNP BA . 29.08 5.25 -38.49
O5' GNP BA . 26.94 5.62 -37.11
C5' GNP BA . 26.06 4.75 -37.82
C4' GNP BA . 24.83 5.53 -38.14
O4' GNP BA . 24.41 5.90 -36.82
C3' GNP BA . 24.98 6.84 -38.89
O3' GNP BA . 23.82 7.02 -39.73
C2' GNP BA . 24.94 7.89 -37.82
O2' GNP BA . 24.50 9.18 -38.24
C1' GNP BA . 23.92 7.22 -36.91
N9 GNP BA . 23.88 7.71 -35.57
C8 GNP BA . 24.94 7.63 -34.73
N7 GNP BA . 24.66 8.12 -33.54
C5 GNP BA . 23.36 8.55 -33.65
C6 GNP BA . 22.63 9.17 -32.64
O6 GNP BA . 22.97 9.46 -31.49
N1 GNP BA . 21.35 9.49 -33.11
C2 GNP BA . 20.91 9.22 -34.35
N2 GNP BA . 19.67 9.62 -34.55
N3 GNP BA . 21.60 8.61 -35.32
C4 GNP BA . 22.85 8.30 -34.88
C1 GOL CA . 33.86 17.73 -9.99
O1 GOL CA . 33.89 18.43 -8.78
C2 GOL CA . 33.50 18.66 -11.17
O2 GOL CA . 34.35 19.78 -11.27
C3 GOL CA . 32.04 19.13 -10.99
O3 GOL CA . 31.34 19.18 -12.20
C1 GOL DA . 23.27 8.76 -17.25
O1 GOL DA . 22.10 8.41 -16.53
C2 GOL DA . 22.96 9.62 -18.49
O2 GOL DA . 24.07 10.29 -19.09
C3 GOL DA . 21.89 10.65 -18.15
O3 GOL DA . 22.10 11.11 -16.83
MG MG EA . 7.58 -11.79 -31.20
PG GNP FA . 10.81 -11.67 -30.98
O1G GNP FA . 11.44 -11.87 -29.64
O2G GNP FA . 9.44 -12.29 -30.83
O3G GNP FA . 11.73 -12.18 -32.06
N3B GNP FA . 10.46 -10.04 -31.19
PB GNP FA . 9.47 -9.49 -32.41
O1B GNP FA . 10.10 -9.30 -33.72
O2B GNP FA . 8.15 -10.20 -32.31
O3A GNP FA . 9.37 -7.97 -31.84
PA GNP FA . 8.15 -7.25 -31.01
O1A GNP FA . 6.95 -7.28 -31.94
O2A GNP FA . 8.09 -7.83 -29.63
O5' GNP FA . 8.76 -5.76 -30.92
C5' GNP FA . 9.82 -5.47 -29.96
C4' GNP FA . 9.73 -4.06 -29.40
O4' GNP FA . 9.83 -3.24 -30.59
C3' GNP FA . 8.42 -3.69 -28.71
O3' GNP FA . 8.61 -2.84 -27.52
C2' GNP FA . 7.66 -2.97 -29.79
O2' GNP FA . 6.84 -1.87 -29.42
C1' GNP FA . 8.75 -2.36 -30.66
N9 GNP FA . 8.34 -2.19 -32.03
C8 GNP FA . 7.97 -3.11 -32.94
N7 GNP FA . 7.64 -2.54 -34.08
C5 GNP FA . 7.80 -1.19 -33.88
C6 GNP FA . 7.59 -0.08 -34.77
O6 GNP FA . 7.24 0.02 -35.90
N1 GNP FA . 7.87 1.12 -34.18
C2 GNP FA . 8.27 1.26 -32.88
N2 GNP FA . 8.48 2.53 -32.46
N3 GNP FA . 8.48 0.22 -32.04
C4 GNP FA . 8.21 -0.97 -32.63
#